data_7BQD
#
_entry.id   7BQD
#
_entity_poly.entity_id   1
_entity_poly.type   'polypeptide(L)'
_entity_poly.pdbx_seq_one_letter_code
;GTILIFLDKNKEQAEKLAKEVGVTEIYESDNLEELYREIKERIERENPNATILTVTDPNELKKIQDEGKVDRIILLIKGS
LEHHHHHH
;
_entity_poly.pdbx_strand_id   A
#
# COMPACT_ATOMS: atom_id res chain seq x y z
N GLY A 1 -8.83 -11.17 10.69
CA GLY A 1 -9.06 -10.34 9.48
C GLY A 1 -7.75 -9.81 8.94
N THR A 2 -7.43 -10.09 7.67
CA THR A 2 -6.10 -9.77 7.08
C THR A 2 -6.13 -8.50 6.23
N ILE A 3 -5.12 -7.66 6.43
CA ILE A 3 -4.90 -6.41 5.71
C ILE A 3 -3.66 -6.58 4.81
N LEU A 4 -3.80 -6.31 3.51
CA LEU A 4 -2.72 -6.36 2.53
C LEU A 4 -2.38 -4.95 2.03
N ILE A 5 -1.15 -4.50 2.31
CA ILE A 5 -0.60 -3.23 1.87
C ILE A 5 0.35 -3.42 0.68
N PHE A 6 0.30 -2.52 -0.30
CA PHE A 6 1.30 -2.41 -1.36
C PHE A 6 1.91 -0.99 -1.35
N LEU A 7 3.25 -0.89 -1.30
CA LEU A 7 4.01 0.37 -1.27
C LEU A 7 4.86 0.53 -2.53
N ASP A 8 4.82 1.72 -3.16
CA ASP A 8 5.67 2.04 -4.31
C ASP A 8 6.10 3.53 -4.35
N LYS A 9 7.34 3.78 -4.80
CA LYS A 9 7.89 5.11 -5.10
C LYS A 9 7.36 5.66 -6.44
N ASN A 10 6.91 4.78 -7.34
CA ASN A 10 6.44 5.10 -8.69
C ASN A 10 4.92 4.85 -8.83
N LYS A 11 4.19 5.85 -9.35
CA LYS A 11 2.73 5.79 -9.55
C LYS A 11 2.31 4.85 -10.66
N GLU A 12 3.05 4.75 -11.77
CA GLU A 12 2.66 3.90 -12.91
C GLU A 12 2.68 2.41 -12.54
N GLN A 13 3.67 1.97 -11.76
CA GLN A 13 3.78 0.59 -11.27
C GLN A 13 2.57 0.17 -10.42
N ALA A 14 2.15 1.04 -9.50
CA ALA A 14 0.98 0.82 -8.65
C ALA A 14 -0.34 0.89 -9.44
N GLU A 15 -0.49 1.88 -10.34
CA GLU A 15 -1.66 1.99 -11.24
C GLU A 15 -1.83 0.76 -12.13
N LYS A 16 -0.74 0.28 -12.76
CA LYS A 16 -0.77 -0.83 -13.70
C LYS A 16 -1.07 -2.17 -13.02
N LEU A 17 -0.52 -2.37 -11.81
CA LEU A 17 -0.86 -3.50 -10.96
C LEU A 17 -2.32 -3.44 -10.48
N ALA A 18 -2.81 -2.29 -10.01
CA ALA A 18 -4.20 -2.15 -9.57
C ALA A 18 -5.20 -2.55 -10.68
N LYS A 19 -4.87 -2.22 -11.94
CA LYS A 19 -5.68 -2.52 -13.13
C LYS A 19 -5.64 -4.00 -13.52
N GLU A 20 -4.51 -4.69 -13.31
CA GLU A 20 -4.39 -6.13 -13.58
C GLU A 20 -4.92 -7.03 -12.45
N VAL A 21 -4.82 -6.56 -11.20
CA VAL A 21 -5.22 -7.28 -9.97
C VAL A 21 -6.67 -6.99 -9.54
N GLY A 22 -7.31 -5.96 -10.10
CA GLY A 22 -8.71 -5.59 -9.85
C GLY A 22 -8.96 -4.73 -8.60
N VAL A 23 -7.91 -4.21 -7.96
CA VAL A 23 -7.99 -3.35 -6.76
C VAL A 23 -8.22 -1.87 -7.12
N THR A 24 -8.97 -1.15 -6.29
CA THR A 24 -9.34 0.27 -6.50
C THR A 24 -8.88 1.24 -5.39
N GLU A 25 -8.53 0.74 -4.19
CA GLU A 25 -8.20 1.59 -3.04
C GLU A 25 -6.74 2.08 -3.09
N ILE A 26 -6.55 3.28 -3.67
CA ILE A 26 -5.24 3.91 -3.88
C ILE A 26 -5.15 5.20 -3.06
N TYR A 27 -4.03 5.37 -2.35
CA TYR A 27 -3.62 6.55 -1.60
C TYR A 27 -2.30 7.09 -2.15
N GLU A 28 -2.10 8.41 -2.10
CA GLU A 28 -0.86 9.07 -2.53
C GLU A 28 -0.44 10.17 -1.54
N SER A 29 0.85 10.23 -1.19
CA SER A 29 1.43 11.28 -0.35
C SER A 29 2.95 11.41 -0.53
N ASP A 30 3.48 12.63 -0.41
CA ASP A 30 4.92 12.89 -0.32
C ASP A 30 5.53 12.26 0.96
N ASN A 31 4.74 12.17 2.04
CA ASN A 31 5.09 11.51 3.31
C ASN A 31 4.67 10.03 3.32
N LEU A 32 4.94 9.30 2.24
CA LEU A 32 4.53 7.90 2.01
C LEU A 32 4.79 6.97 3.20
N GLU A 33 5.99 7.05 3.78
CA GLU A 33 6.41 6.25 4.92
C GLU A 33 5.71 6.61 6.24
N GLU A 34 5.36 7.89 6.46
CA GLU A 34 4.57 8.30 7.62
C GLU A 34 3.09 7.93 7.44
N LEU A 35 2.59 8.03 6.20
CA LEU A 35 1.22 7.64 5.84
C LEU A 35 0.98 6.15 6.12
N TYR A 36 1.95 5.29 5.78
CA TYR A 36 1.91 3.86 6.11
C TYR A 36 1.67 3.62 7.61
N ARG A 37 2.42 4.32 8.48
CA ARG A 37 2.28 4.23 9.94
C ARG A 37 0.93 4.76 10.42
N GLU A 38 0.48 5.88 9.87
CA GLU A 38 -0.81 6.49 10.20
C GLU A 38 -2.00 5.60 9.81
N ILE A 39 -1.92 4.87 8.69
CA ILE A 39 -2.93 3.88 8.30
C ILE A 39 -2.91 2.68 9.26
N LYS A 40 -1.75 2.06 9.49
CA LYS A 40 -1.58 0.90 10.37
C LYS A 40 -1.97 1.16 11.82
N GLU A 41 -1.73 2.36 12.31
CA GLU A 41 -2.20 2.78 13.63
C GLU A 41 -3.73 2.71 13.71
N ARG A 42 -4.44 3.20 12.69
CA ARG A 42 -5.90 3.13 12.62
C ARG A 42 -6.41 1.70 12.41
N ILE A 43 -5.70 0.87 11.66
CA ILE A 43 -5.98 -0.59 11.55
C ILE A 43 -5.95 -1.23 12.93
N GLU A 44 -4.96 -0.94 13.77
CA GLU A 44 -4.87 -1.47 15.13
C GLU A 44 -6.02 -1.00 16.04
N ARG A 45 -6.59 0.20 15.82
CA ARG A 45 -7.79 0.68 16.54
C ARG A 45 -9.07 0.01 16.04
N GLU A 46 -9.21 -0.18 14.72
CA GLU A 46 -10.44 -0.65 14.06
C GLU A 46 -10.55 -2.19 13.96
N ASN A 47 -9.41 -2.89 13.95
CA ASN A 47 -9.29 -4.33 13.76
C ASN A 47 -8.44 -4.93 14.90
N PRO A 48 -9.03 -5.32 16.05
CA PRO A 48 -8.28 -5.94 17.15
C PRO A 48 -7.76 -7.35 16.81
N ASN A 49 -8.35 -8.00 15.80
CA ASN A 49 -7.94 -9.29 15.23
C ASN A 49 -7.22 -9.14 13.87
N ALA A 50 -6.51 -8.03 13.63
CA ALA A 50 -5.79 -7.77 12.39
C ALA A 50 -4.63 -8.75 12.13
N THR A 51 -4.35 -8.99 10.84
CA THR A 51 -3.16 -9.70 10.36
C THR A 51 -2.49 -8.83 9.32
N ILE A 52 -1.21 -8.51 9.51
CA ILE A 52 -0.49 -7.54 8.68
C ILE A 52 0.28 -8.25 7.56
N LEU A 53 0.02 -7.85 6.32
CA LEU A 53 0.78 -8.21 5.13
C LEU A 53 1.18 -6.93 4.38
N THR A 54 2.45 -6.81 3.98
CA THR A 54 2.97 -5.62 3.27
C THR A 54 3.91 -6.04 2.12
N VAL A 55 3.76 -5.38 0.96
CA VAL A 55 4.39 -5.75 -0.32
C VAL A 55 5.06 -4.55 -1.00
N THR A 56 6.13 -4.81 -1.77
CA THR A 56 6.80 -3.85 -2.68
C THR A 56 7.02 -4.38 -4.11
N ASP A 57 6.44 -5.54 -4.48
CA ASP A 57 6.63 -6.22 -5.77
C ASP A 57 5.32 -6.87 -6.27
N PRO A 58 4.89 -6.66 -7.53
CA PRO A 58 3.63 -7.21 -8.05
C PRO A 58 3.63 -8.74 -8.13
N ASN A 59 4.77 -9.40 -8.28
CA ASN A 59 4.82 -10.87 -8.24
C ASN A 59 4.43 -11.41 -6.85
N GLU A 60 4.81 -10.70 -5.78
CA GLU A 60 4.42 -11.03 -4.41
C GLU A 60 2.94 -10.69 -4.16
N LEU A 61 2.47 -9.50 -4.57
CA LEU A 61 1.07 -9.10 -4.41
C LEU A 61 0.14 -10.04 -5.20
N LYS A 62 0.50 -10.37 -6.44
CA LYS A 62 -0.24 -11.27 -7.31
C LYS A 62 -0.31 -12.68 -6.70
N LYS A 63 0.79 -13.20 -6.16
CA LYS A 63 0.84 -14.52 -5.47
C LYS A 63 -0.08 -14.56 -4.24
N ILE A 64 -0.20 -13.47 -3.48
CA ILE A 64 -1.12 -13.38 -2.33
C ILE A 64 -2.58 -13.26 -2.80
N GLN A 65 -2.84 -12.41 -3.80
CA GLN A 65 -4.18 -12.22 -4.38
C GLN A 65 -4.68 -13.41 -5.21
N ASP A 66 -3.78 -14.28 -5.68
CA ASP A 66 -4.12 -15.56 -6.34
C ASP A 66 -4.92 -16.48 -5.41
N GLU A 67 -4.53 -16.48 -4.13
CA GLU A 67 -5.10 -17.26 -3.03
C GLU A 67 -6.29 -16.56 -2.36
N GLY A 68 -6.36 -15.22 -2.44
CA GLY A 68 -7.50 -14.39 -2.04
C GLY A 68 -7.88 -14.42 -0.55
N LYS A 69 -6.96 -14.87 0.30
CA LYS A 69 -7.05 -15.06 1.76
C LYS A 69 -6.95 -13.75 2.58
N VAL A 70 -7.58 -12.69 2.08
CA VAL A 70 -7.43 -11.30 2.55
C VAL A 70 -8.79 -10.58 2.66
N ASP A 71 -8.96 -9.70 3.65
CA ASP A 71 -10.21 -8.99 3.93
C ASP A 71 -10.22 -7.54 3.40
N ARG A 72 -9.06 -6.88 3.28
CA ARG A 72 -8.87 -5.59 2.58
C ARG A 72 -7.49 -5.44 1.94
N ILE A 73 -7.44 -4.79 0.77
CA ILE A 73 -6.22 -4.50 0.01
C ILE A 73 -6.12 -2.99 -0.22
N ILE A 74 -4.95 -2.40 0.11
CA ILE A 74 -4.69 -0.95 0.04
C ILE A 74 -3.36 -0.69 -0.68
N LEU A 75 -3.34 0.24 -1.63
CA LEU A 75 -2.15 0.70 -2.34
C LEU A 75 -1.75 2.10 -1.86
N LEU A 76 -0.49 2.29 -1.51
CA LEU A 76 0.11 3.56 -1.12
C LEU A 76 1.23 3.95 -2.11
N ILE A 77 1.20 5.19 -2.61
CA ILE A 77 2.07 5.71 -3.67
C ILE A 77 2.83 6.96 -3.18
N LYS A 78 4.12 7.06 -3.49
CA LYS A 78 4.92 8.25 -3.11
C LYS A 78 4.69 9.43 -4.05
N GLY A 79 4.50 10.61 -3.47
CA GLY A 79 4.45 11.90 -4.18
C GLY A 79 5.81 12.31 -4.74
N SER A 80 5.81 13.02 -5.88
CA SER A 80 7.01 13.32 -6.68
C SER A 80 7.92 14.42 -6.09
N LEU A 81 7.42 15.23 -5.14
CA LEU A 81 8.09 16.44 -4.67
C LEU A 81 9.08 16.21 -3.51
N GLU A 82 8.98 15.09 -2.78
CA GLU A 82 9.82 14.84 -1.59
C GLU A 82 11.28 14.56 -1.93
N HIS A 83 12.18 15.38 -1.36
CA HIS A 83 13.62 15.14 -1.32
C HIS A 83 14.18 15.66 0.02
N HIS A 84 15.23 15.01 0.52
CA HIS A 84 15.97 15.46 1.70
C HIS A 84 16.95 16.60 1.35
N HIS A 85 17.30 17.42 2.34
CA HIS A 85 18.32 18.48 2.20
C HIS A 85 19.73 17.97 2.55
N HIS A 86 20.74 18.49 1.86
CA HIS A 86 22.14 18.05 1.95
C HIS A 86 23.10 19.26 1.89
N HIS A 87 24.25 19.15 2.58
CA HIS A 87 25.18 20.26 2.81
C HIS A 87 26.65 19.95 2.43
N HIS A 88 26.90 18.78 1.81
CA HIS A 88 28.21 18.31 1.34
C HIS A 88 28.07 17.47 0.05
N GLY A 1 -8.41 -11.61 10.16
CA GLY A 1 -8.79 -10.84 8.96
C GLY A 1 -7.62 -10.01 8.48
N THR A 2 -7.18 -10.18 7.23
CA THR A 2 -5.92 -9.56 6.74
C THR A 2 -6.14 -8.26 5.99
N ILE A 3 -5.30 -7.27 6.33
CA ILE A 3 -5.24 -5.97 5.68
C ILE A 3 -3.87 -5.87 4.99
N LEU A 4 -3.88 -5.77 3.66
CA LEU A 4 -2.70 -5.83 2.81
C LEU A 4 -2.24 -4.43 2.38
N ILE A 5 -0.93 -4.21 2.39
CA ILE A 5 -0.28 -2.95 2.02
C ILE A 5 0.68 -3.17 0.85
N PHE A 6 0.59 -2.33 -0.17
CA PHE A 6 1.57 -2.25 -1.25
C PHE A 6 2.20 -0.85 -1.27
N LEU A 7 3.53 -0.77 -1.18
CA LEU A 7 4.28 0.49 -1.18
C LEU A 7 5.05 0.70 -2.49
N ASP A 8 4.96 1.89 -3.08
CA ASP A 8 5.73 2.25 -4.28
C ASP A 8 6.08 3.75 -4.36
N LYS A 9 7.10 4.08 -5.16
CA LYS A 9 7.63 5.45 -5.42
C LYS A 9 7.53 5.90 -6.88
N ASN A 10 6.88 5.09 -7.72
CA ASN A 10 6.56 5.36 -9.13
C ASN A 10 5.08 4.97 -9.41
N LYS A 11 4.26 5.94 -9.82
CA LYS A 11 2.80 5.78 -9.93
C LYS A 11 2.35 4.86 -11.06
N GLU A 12 3.04 4.87 -12.20
CA GLU A 12 2.62 4.13 -13.41
C GLU A 12 2.55 2.60 -13.18
N GLN A 13 3.49 2.04 -12.41
CA GLN A 13 3.52 0.60 -12.10
C GLN A 13 2.43 0.21 -11.09
N ALA A 14 2.17 1.04 -10.07
CA ALA A 14 1.11 0.81 -9.10
C ALA A 14 -0.30 0.98 -9.70
N GLU A 15 -0.49 1.95 -10.61
CA GLU A 15 -1.72 2.12 -11.40
C GLU A 15 -2.02 0.89 -12.27
N LYS A 16 -1.00 0.32 -12.93
CA LYS A 16 -1.12 -0.95 -13.67
C LYS A 16 -1.46 -2.11 -12.73
N LEU A 17 -0.74 -2.28 -11.63
CA LEU A 17 -0.95 -3.36 -10.68
C LEU A 17 -2.38 -3.37 -10.14
N ALA A 18 -2.92 -2.22 -9.72
CA ALA A 18 -4.30 -2.12 -9.24
C ALA A 18 -5.31 -2.68 -10.25
N LYS A 19 -5.09 -2.41 -11.56
CA LYS A 19 -5.94 -2.88 -12.66
C LYS A 19 -5.77 -4.38 -12.94
N GLU A 20 -4.56 -4.92 -12.79
CA GLU A 20 -4.30 -6.36 -12.96
C GLU A 20 -4.75 -7.21 -11.75
N VAL A 21 -4.72 -6.63 -10.54
CA VAL A 21 -4.94 -7.32 -9.25
C VAL A 21 -6.36 -7.16 -8.70
N GLY A 22 -7.22 -6.40 -9.39
CA GLY A 22 -8.63 -6.19 -9.07
C GLY A 22 -8.91 -5.20 -7.93
N VAL A 23 -7.91 -4.39 -7.53
CA VAL A 23 -7.99 -3.47 -6.39
C VAL A 23 -8.27 -2.02 -6.81
N THR A 24 -9.03 -1.29 -5.99
CA THR A 24 -9.45 0.11 -6.24
C THR A 24 -9.05 1.13 -5.16
N GLU A 25 -8.55 0.69 -3.99
CA GLU A 25 -8.19 1.60 -2.90
C GLU A 25 -6.72 2.04 -3.01
N ILE A 26 -6.51 3.29 -3.45
CA ILE A 26 -5.20 3.87 -3.77
C ILE A 26 -5.05 5.23 -3.06
N TYR A 27 -3.90 5.44 -2.43
CA TYR A 27 -3.51 6.66 -1.72
C TYR A 27 -2.20 7.24 -2.28
N GLU A 28 -2.02 8.55 -2.22
CA GLU A 28 -0.77 9.24 -2.56
C GLU A 28 -0.35 10.21 -1.44
N SER A 29 0.96 10.33 -1.18
CA SER A 29 1.55 11.28 -0.21
C SER A 29 3.01 11.60 -0.51
N ASP A 30 3.52 12.67 0.10
CA ASP A 30 4.95 13.01 0.14
C ASP A 30 5.73 12.12 1.12
N ASN A 31 5.16 11.87 2.30
CA ASN A 31 5.69 11.00 3.35
C ASN A 31 5.04 9.61 3.29
N LEU A 32 5.52 8.77 2.37
CA LEU A 32 5.01 7.42 2.16
C LEU A 32 5.02 6.56 3.44
N GLU A 33 6.11 6.62 4.20
CA GLU A 33 6.24 5.88 5.47
C GLU A 33 5.36 6.39 6.61
N GLU A 34 5.14 7.70 6.71
CA GLU A 34 4.25 8.28 7.73
C GLU A 34 2.79 7.94 7.40
N LEU A 35 2.43 7.92 6.12
CA LEU A 35 1.12 7.45 5.64
C LEU A 35 0.89 5.97 6.02
N TYR A 36 1.86 5.10 5.73
CA TYR A 36 1.83 3.69 6.12
C TYR A 36 1.61 3.49 7.62
N ARG A 37 2.36 4.22 8.47
CA ARG A 37 2.20 4.20 9.94
C ARG A 37 0.81 4.65 10.37
N GLU A 38 0.36 5.79 9.86
CA GLU A 38 -0.91 6.44 10.22
C GLU A 38 -2.14 5.59 9.84
N ILE A 39 -2.08 4.85 8.74
CA ILE A 39 -3.14 3.90 8.34
C ILE A 39 -3.16 2.71 9.32
N LYS A 40 -2.04 2.00 9.51
CA LYS A 40 -1.95 0.82 10.38
C LYS A 40 -2.27 1.09 11.86
N GLU A 41 -1.95 2.29 12.35
CA GLU A 41 -2.38 2.75 13.67
C GLU A 41 -3.90 2.62 13.89
N ARG A 42 -4.71 3.00 12.88
CA ARG A 42 -6.17 2.88 12.94
C ARG A 42 -6.66 1.44 12.74
N ILE A 43 -6.01 0.64 11.87
CA ILE A 43 -6.35 -0.77 11.65
C ILE A 43 -6.28 -1.58 12.96
N GLU A 44 -5.27 -1.32 13.80
CA GLU A 44 -5.07 -2.06 15.07
C GLU A 44 -6.20 -1.86 16.08
N ARG A 45 -6.84 -0.68 16.11
CA ARG A 45 -8.01 -0.38 16.96
C ARG A 45 -9.36 -0.72 16.33
N GLU A 46 -9.50 -0.48 15.03
CA GLU A 46 -10.73 -0.80 14.29
C GLU A 46 -10.95 -2.32 14.11
N ASN A 47 -9.86 -3.08 13.96
CA ASN A 47 -9.88 -4.54 13.82
C ASN A 47 -8.91 -5.20 14.83
N PRO A 48 -9.37 -5.65 16.01
CA PRO A 48 -8.51 -6.32 16.99
C PRO A 48 -8.03 -7.71 16.54
N ASN A 49 -8.66 -8.27 15.50
CA ASN A 49 -8.30 -9.53 14.82
C ASN A 49 -7.54 -9.32 13.49
N ALA A 50 -6.96 -8.13 13.28
CA ALA A 50 -6.21 -7.78 12.06
C ALA A 50 -4.93 -8.62 11.85
N THR A 51 -4.54 -8.79 10.58
CA THR A 51 -3.26 -9.37 10.16
C THR A 51 -2.58 -8.37 9.22
N ILE A 52 -1.29 -8.11 9.44
CA ILE A 52 -0.51 -7.11 8.70
C ILE A 52 0.42 -7.80 7.70
N LEU A 53 0.26 -7.45 6.41
CA LEU A 53 1.17 -7.84 5.32
C LEU A 53 1.55 -6.61 4.48
N THR A 54 2.83 -6.49 4.13
CA THR A 54 3.38 -5.36 3.34
C THR A 54 4.25 -5.88 2.18
N VAL A 55 4.07 -5.34 0.97
CA VAL A 55 4.78 -5.73 -0.25
C VAL A 55 5.33 -4.53 -1.03
N THR A 56 6.37 -4.76 -1.84
CA THR A 56 7.01 -3.79 -2.75
C THR A 56 7.20 -4.32 -4.17
N ASP A 57 6.60 -5.47 -4.50
CA ASP A 57 6.77 -6.22 -5.75
C ASP A 57 5.41 -6.79 -6.25
N PRO A 58 5.02 -6.59 -7.52
CA PRO A 58 3.70 -6.98 -8.02
C PRO A 58 3.54 -8.47 -8.23
N ASN A 59 4.60 -9.21 -8.56
CA ASN A 59 4.53 -10.67 -8.64
C ASN A 59 4.27 -11.27 -7.24
N GLU A 60 4.90 -10.72 -6.20
CA GLU A 60 4.64 -11.09 -4.81
C GLU A 60 3.22 -10.69 -4.38
N LEU A 61 2.78 -9.44 -4.62
CA LEU A 61 1.42 -8.99 -4.29
C LEU A 61 0.37 -9.83 -5.02
N LYS A 62 0.55 -10.05 -6.32
CA LYS A 62 -0.33 -10.87 -7.16
C LYS A 62 -0.46 -12.29 -6.63
N LYS A 63 0.65 -12.96 -6.26
CA LYS A 63 0.65 -14.30 -5.65
C LYS A 63 -0.07 -14.35 -4.30
N ILE A 64 -0.02 -13.29 -3.49
CA ILE A 64 -0.79 -13.18 -2.24
C ILE A 64 -2.28 -12.97 -2.52
N GLN A 65 -2.63 -12.03 -3.40
CA GLN A 65 -4.02 -11.72 -3.78
C GLN A 65 -4.69 -12.89 -4.53
N ASP A 66 -3.93 -13.69 -5.28
CA ASP A 66 -4.42 -14.86 -6.02
C ASP A 66 -5.05 -15.93 -5.09
N GLU A 67 -4.58 -16.03 -3.85
CA GLU A 67 -5.09 -16.98 -2.84
C GLU A 67 -6.39 -16.51 -2.18
N GLY A 68 -6.71 -15.21 -2.24
CA GLY A 68 -7.96 -14.60 -1.75
C GLY A 68 -8.19 -14.62 -0.24
N LYS A 69 -7.15 -14.97 0.52
CA LYS A 69 -7.07 -15.05 2.00
C LYS A 69 -6.99 -13.68 2.70
N VAL A 70 -7.62 -12.66 2.12
CA VAL A 70 -7.46 -11.24 2.48
C VAL A 70 -8.81 -10.52 2.54
N ASP A 71 -8.96 -9.59 3.50
CA ASP A 71 -10.19 -8.80 3.70
C ASP A 71 -10.12 -7.40 3.06
N ARG A 72 -8.95 -6.74 3.09
CA ARG A 72 -8.69 -5.43 2.45
C ARG A 72 -7.32 -5.37 1.78
N ILE A 73 -7.18 -4.62 0.69
CA ILE A 73 -5.90 -4.32 0.03
C ILE A 73 -5.82 -2.82 -0.24
N ILE A 74 -4.69 -2.19 0.10
CA ILE A 74 -4.43 -0.75 -0.01
C ILE A 74 -3.10 -0.52 -0.73
N LEU A 75 -3.10 0.34 -1.75
CA LEU A 75 -1.90 0.74 -2.50
C LEU A 75 -1.50 2.17 -2.10
N LEU A 76 -0.27 2.34 -1.63
CA LEU A 76 0.31 3.62 -1.21
C LEU A 76 1.41 4.02 -2.20
N ILE A 77 1.30 5.22 -2.76
CA ILE A 77 2.17 5.73 -3.82
C ILE A 77 2.84 7.04 -3.37
N LYS A 78 4.15 7.19 -3.62
CA LYS A 78 4.87 8.45 -3.34
C LYS A 78 4.64 9.46 -4.47
N GLY A 79 4.44 10.74 -4.11
CA GLY A 79 4.47 11.83 -5.09
C GLY A 79 5.90 12.01 -5.62
N SER A 80 6.11 11.80 -6.91
CA SER A 80 7.45 11.69 -7.52
C SER A 80 8.32 12.95 -7.45
N LEU A 81 7.71 14.13 -7.34
CA LEU A 81 8.39 15.43 -7.17
C LEU A 81 8.46 15.90 -5.71
N GLU A 82 7.80 15.21 -4.78
CA GLU A 82 7.63 15.68 -3.40
C GLU A 82 8.81 15.28 -2.50
N HIS A 83 9.50 16.29 -1.95
CA HIS A 83 10.73 16.11 -1.17
C HIS A 83 10.45 15.94 0.33
N HIS A 84 11.13 14.98 0.97
CA HIS A 84 10.98 14.66 2.40
C HIS A 84 12.07 15.37 3.22
N HIS A 85 11.68 16.40 3.99
CA HIS A 85 12.53 17.16 4.91
C HIS A 85 11.82 17.41 6.26
N HIS A 86 12.52 17.10 7.36
CA HIS A 86 12.07 17.33 8.74
C HIS A 86 13.20 17.96 9.60
N HIS A 87 13.89 18.94 9.02
CA HIS A 87 15.01 19.68 9.64
C HIS A 87 14.49 20.75 10.62
N HIS A 88 13.89 20.31 11.73
CA HIS A 88 13.21 21.12 12.76
C HIS A 88 13.50 20.59 14.18
N GLY A 1 -9.09 -10.89 10.63
CA GLY A 1 -9.27 -10.19 9.35
C GLY A 1 -7.95 -9.62 8.86
N THR A 2 -7.54 -9.90 7.61
CA THR A 2 -6.22 -9.53 7.08
C THR A 2 -6.27 -8.29 6.18
N ILE A 3 -5.36 -7.35 6.44
CA ILE A 3 -5.19 -6.14 5.66
C ILE A 3 -3.83 -6.14 4.95
N LEU A 4 -3.83 -5.99 3.63
CA LEU A 4 -2.63 -6.00 2.78
C LEU A 4 -2.26 -4.58 2.34
N ILE A 5 -1.06 -4.12 2.73
CA ILE A 5 -0.41 -2.89 2.26
C ILE A 5 0.54 -3.22 1.09
N PHE A 6 0.41 -2.47 -0.01
CA PHE A 6 1.38 -2.48 -1.10
C PHE A 6 2.04 -1.09 -1.19
N LEU A 7 3.37 -1.05 -1.26
CA LEU A 7 4.17 0.19 -1.30
C LEU A 7 4.85 0.35 -2.67
N ASP A 8 4.72 1.54 -3.27
CA ASP A 8 5.50 1.91 -4.46
C ASP A 8 5.82 3.42 -4.50
N LYS A 9 7.09 3.76 -4.76
CA LYS A 9 7.52 5.14 -5.01
C LYS A 9 7.03 5.67 -6.37
N ASN A 10 6.75 4.77 -7.31
CA ASN A 10 6.24 5.05 -8.66
C ASN A 10 4.70 4.86 -8.77
N LYS A 11 4.03 5.76 -9.49
CA LYS A 11 2.55 5.77 -9.65
C LYS A 11 2.05 4.86 -10.78
N GLU A 12 2.74 4.85 -11.93
CA GLU A 12 2.34 4.10 -13.11
C GLU A 12 2.36 2.58 -12.87
N GLN A 13 3.39 2.06 -12.19
CA GLN A 13 3.52 0.65 -11.84
C GLN A 13 2.45 0.21 -10.81
N ALA A 14 2.14 1.08 -9.83
CA ALA A 14 1.09 0.84 -8.84
C ALA A 14 -0.31 0.81 -9.49
N GLU A 15 -0.62 1.77 -10.38
CA GLU A 15 -1.87 1.77 -11.13
C GLU A 15 -1.99 0.58 -12.09
N LYS A 16 -0.91 0.21 -12.79
CA LYS A 16 -0.90 -0.96 -13.69
C LYS A 16 -1.25 -2.23 -12.93
N LEU A 17 -0.64 -2.46 -11.77
CA LEU A 17 -0.97 -3.59 -10.91
C LEU A 17 -2.43 -3.53 -10.43
N ALA A 18 -2.92 -2.38 -9.95
CA ALA A 18 -4.31 -2.23 -9.51
C ALA A 18 -5.30 -2.60 -10.64
N LYS A 19 -4.97 -2.22 -11.88
CA LYS A 19 -5.74 -2.50 -13.10
C LYS A 19 -5.64 -3.98 -13.55
N GLU A 20 -4.54 -4.66 -13.29
CA GLU A 20 -4.39 -6.12 -13.50
C GLU A 20 -5.11 -6.96 -12.43
N VAL A 21 -4.98 -6.56 -11.16
CA VAL A 21 -5.39 -7.34 -9.97
C VAL A 21 -6.83 -7.07 -9.51
N GLY A 22 -7.47 -6.03 -10.06
CA GLY A 22 -8.88 -5.67 -9.78
C GLY A 22 -9.09 -4.85 -8.50
N VAL A 23 -8.03 -4.38 -7.85
CA VAL A 23 -8.09 -3.53 -6.65
C VAL A 23 -8.29 -2.05 -7.04
N THR A 24 -9.07 -1.31 -6.24
CA THR A 24 -9.41 0.11 -6.48
C THR A 24 -8.97 1.07 -5.36
N GLU A 25 -8.61 0.57 -4.18
CA GLU A 25 -8.25 1.41 -3.02
C GLU A 25 -6.79 1.90 -3.12
N ILE A 26 -6.62 3.16 -3.53
CA ILE A 26 -5.33 3.80 -3.74
C ILE A 26 -5.22 5.07 -2.88
N TYR A 27 -4.09 5.20 -2.19
CA TYR A 27 -3.68 6.35 -1.37
C TYR A 27 -2.38 6.96 -1.90
N GLU A 28 -2.16 8.25 -1.69
CA GLU A 28 -0.93 8.94 -2.08
C GLU A 28 -0.45 9.92 -0.99
N SER A 29 0.86 10.00 -0.77
CA SER A 29 1.51 10.98 0.11
C SER A 29 2.97 11.22 -0.30
N ASP A 30 3.48 12.42 -0.10
CA ASP A 30 4.93 12.71 -0.24
C ASP A 30 5.77 11.94 0.79
N ASN A 31 5.19 11.66 1.97
CA ASN A 31 5.74 10.82 3.03
C ASN A 31 5.09 9.42 2.99
N LEU A 32 5.46 8.58 2.01
CA LEU A 32 4.90 7.24 1.82
C LEU A 32 5.02 6.35 3.08
N GLU A 33 6.20 6.37 3.72
CA GLU A 33 6.48 5.61 4.94
C GLU A 33 5.77 6.13 6.21
N GLU A 34 5.57 7.44 6.32
CA GLU A 34 4.82 8.03 7.46
C GLU A 34 3.33 7.67 7.33
N LEU A 35 2.81 7.69 6.11
CA LEU A 35 1.40 7.40 5.80
C LEU A 35 1.09 5.92 6.08
N TYR A 36 1.99 5.00 5.72
CA TYR A 36 1.91 3.59 6.07
C TYR A 36 1.69 3.36 7.57
N ARG A 37 2.54 3.95 8.43
CA ARG A 37 2.46 3.80 9.90
C ARG A 37 1.21 4.44 10.49
N GLU A 38 0.88 5.64 10.02
CA GLU A 38 -0.29 6.40 10.47
C GLU A 38 -1.62 5.68 10.16
N ILE A 39 -1.70 4.98 9.02
CA ILE A 39 -2.84 4.12 8.68
C ILE A 39 -2.86 2.86 9.57
N LYS A 40 -1.75 2.12 9.69
CA LYS A 40 -1.71 0.86 10.44
C LYS A 40 -2.02 1.03 11.93
N GLU A 41 -1.60 2.15 12.53
CA GLU A 41 -2.01 2.54 13.88
C GLU A 41 -3.54 2.59 14.05
N ARG A 42 -4.27 3.13 13.06
CA ARG A 42 -5.73 3.25 13.07
C ARG A 42 -6.42 1.91 12.81
N ILE A 43 -5.86 1.09 11.92
CA ILE A 43 -6.32 -0.29 11.63
C ILE A 43 -6.34 -1.14 12.91
N GLU A 44 -5.31 -1.01 13.76
CA GLU A 44 -5.26 -1.71 15.05
C GLU A 44 -6.33 -1.24 16.05
N ARG A 45 -6.78 0.01 16.00
CA ARG A 45 -7.91 0.51 16.82
C ARG A 45 -9.26 0.02 16.29
N GLU A 46 -9.43 0.03 14.97
CA GLU A 46 -10.68 -0.35 14.29
C GLU A 46 -10.90 -1.87 14.25
N ASN A 47 -9.82 -2.64 14.12
CA ASN A 47 -9.81 -4.10 14.03
C ASN A 47 -8.81 -4.68 15.07
N PRO A 48 -9.27 -5.07 16.28
CA PRO A 48 -8.39 -5.70 17.27
C PRO A 48 -7.91 -7.11 16.86
N ASN A 49 -8.57 -7.72 15.87
CA ASN A 49 -8.21 -8.99 15.23
C ASN A 49 -7.58 -8.79 13.83
N ALA A 50 -6.98 -7.61 13.57
CA ALA A 50 -6.25 -7.33 12.32
C ALA A 50 -5.00 -8.21 12.13
N THR A 51 -4.66 -8.48 10.87
CA THR A 51 -3.39 -9.08 10.47
C THR A 51 -2.73 -8.16 9.45
N ILE A 52 -1.48 -7.77 9.68
CA ILE A 52 -0.77 -6.77 8.87
C ILE A 52 0.17 -7.49 7.91
N LEU A 53 0.00 -7.23 6.62
CA LEU A 53 0.83 -7.78 5.53
C LEU A 53 1.36 -6.62 4.67
N THR A 54 2.67 -6.63 4.33
CA THR A 54 3.32 -5.55 3.56
C THR A 54 4.08 -6.12 2.35
N VAL A 55 3.94 -5.47 1.19
CA VAL A 55 4.58 -5.85 -0.09
C VAL A 55 5.26 -4.65 -0.76
N THR A 56 6.38 -4.89 -1.44
CA THR A 56 7.13 -3.92 -2.26
C THR A 56 7.32 -4.36 -3.74
N ASP A 57 6.73 -5.48 -4.17
CA ASP A 57 6.89 -6.07 -5.51
C ASP A 57 5.57 -6.68 -6.05
N PRO A 58 5.14 -6.35 -7.28
CA PRO A 58 3.86 -6.83 -7.84
C PRO A 58 3.82 -8.32 -8.12
N ASN A 59 4.96 -8.98 -8.36
CA ASN A 59 4.97 -10.44 -8.49
C ASN A 59 4.64 -11.12 -7.16
N GLU A 60 5.04 -10.54 -6.02
CA GLU A 60 4.68 -11.00 -4.68
C GLU A 60 3.22 -10.64 -4.35
N LEU A 61 2.78 -9.41 -4.67
CA LEU A 61 1.38 -8.97 -4.46
C LEU A 61 0.42 -9.86 -5.26
N LYS A 62 0.71 -10.06 -6.55
CA LYS A 62 -0.07 -10.90 -7.45
C LYS A 62 -0.11 -12.36 -6.98
N LYS A 63 1.01 -12.92 -6.50
CA LYS A 63 1.08 -14.26 -5.90
C LYS A 63 0.19 -14.40 -4.67
N ILE A 64 0.10 -13.38 -3.81
CA ILE A 64 -0.79 -13.37 -2.63
C ILE A 64 -2.27 -13.22 -3.06
N GLN A 65 -2.57 -12.27 -3.95
CA GLN A 65 -3.92 -12.03 -4.46
C GLN A 65 -4.44 -13.17 -5.35
N ASP A 66 -3.57 -13.96 -5.96
CA ASP A 66 -3.96 -15.17 -6.69
C ASP A 66 -4.62 -16.22 -5.78
N GLU A 67 -4.28 -16.25 -4.47
CA GLU A 67 -4.91 -17.12 -3.46
C GLU A 67 -6.17 -16.48 -2.82
N GLY A 68 -6.25 -15.15 -2.82
CA GLY A 68 -7.38 -14.37 -2.27
C GLY A 68 -7.60 -14.48 -0.76
N LYS A 69 -6.51 -14.74 -0.03
CA LYS A 69 -6.42 -14.97 1.43
C LYS A 69 -6.54 -13.71 2.30
N VAL A 70 -7.17 -12.66 1.79
CA VAL A 70 -7.17 -11.29 2.35
C VAL A 70 -8.59 -10.70 2.45
N ASP A 71 -8.87 -9.87 3.46
CA ASP A 71 -10.17 -9.19 3.63
C ASP A 71 -10.23 -7.84 2.89
N ARG A 72 -9.15 -7.05 2.94
CA ARG A 72 -9.00 -5.77 2.20
C ARG A 72 -7.55 -5.49 1.78
N ILE A 73 -7.39 -4.84 0.62
CA ILE A 73 -6.10 -4.52 -0.02
C ILE A 73 -6.02 -3.01 -0.27
N ILE A 74 -4.91 -2.40 0.13
CA ILE A 74 -4.67 -0.96 0.06
C ILE A 74 -3.31 -0.70 -0.60
N LEU A 75 -3.29 0.14 -1.65
CA LEU A 75 -2.08 0.50 -2.38
C LEU A 75 -1.66 1.93 -2.02
N LEU A 76 -0.44 2.10 -1.53
CA LEU A 76 0.14 3.39 -1.18
C LEU A 76 1.17 3.81 -2.24
N ILE A 77 1.10 5.06 -2.68
CA ILE A 77 1.94 5.64 -3.74
C ILE A 77 2.67 6.88 -3.21
N LYS A 78 3.96 7.05 -3.56
CA LYS A 78 4.70 8.28 -3.21
C LYS A 78 4.33 9.44 -4.13
N GLY A 79 4.18 10.64 -3.56
CA GLY A 79 4.06 11.88 -4.32
C GLY A 79 5.39 12.19 -5.04
N SER A 80 5.34 12.22 -6.37
CA SER A 80 6.52 12.29 -7.25
C SER A 80 7.21 13.66 -7.33
N LEU A 81 6.51 14.72 -6.91
CA LEU A 81 7.01 16.11 -6.97
C LEU A 81 7.98 16.46 -5.83
N GLU A 82 8.00 15.68 -4.74
CA GLU A 82 8.90 15.87 -3.61
C GLU A 82 10.27 15.19 -3.85
N HIS A 83 11.35 15.96 -3.72
CA HIS A 83 12.74 15.50 -3.77
C HIS A 83 13.66 16.30 -2.81
N HIS A 84 13.39 17.59 -2.60
CA HIS A 84 14.03 18.46 -1.59
C HIS A 84 15.58 18.49 -1.64
N HIS A 85 16.13 18.46 -2.86
CA HIS A 85 17.57 18.62 -3.12
C HIS A 85 18.03 20.10 -3.05
N HIS A 86 19.36 20.32 -3.01
CA HIS A 86 20.01 21.64 -2.98
C HIS A 86 19.49 22.57 -1.86
N HIS A 87 19.82 22.26 -0.61
CA HIS A 87 19.52 23.12 0.54
C HIS A 87 20.26 24.47 0.47
N HIS A 88 19.60 25.55 0.91
CA HIS A 88 20.10 26.93 0.94
C HIS A 88 20.76 27.38 -0.39
N GLY A 1 -7.74 -11.93 10.63
CA GLY A 1 -8.20 -11.26 9.40
C GLY A 1 -7.10 -10.40 8.81
N THR A 2 -6.71 -10.60 7.55
CA THR A 2 -5.50 -9.96 6.99
C THR A 2 -5.81 -8.69 6.21
N ILE A 3 -4.95 -7.68 6.39
CA ILE A 3 -5.01 -6.41 5.69
C ILE A 3 -3.70 -6.17 4.93
N LEU A 4 -3.81 -6.00 3.62
CA LEU A 4 -2.68 -5.97 2.69
C LEU A 4 -2.30 -4.54 2.30
N ILE A 5 -1.01 -4.21 2.40
CA ILE A 5 -0.43 -2.94 1.96
C ILE A 5 0.52 -3.17 0.79
N PHE A 6 0.38 -2.36 -0.26
CA PHE A 6 1.35 -2.28 -1.34
C PHE A 6 1.99 -0.89 -1.41
N LEU A 7 3.31 -0.82 -1.45
CA LEU A 7 4.09 0.43 -1.49
C LEU A 7 4.81 0.60 -2.82
N ASP A 8 4.75 1.79 -3.41
CA ASP A 8 5.52 2.12 -4.63
C ASP A 8 6.00 3.58 -4.67
N LYS A 9 7.26 3.78 -5.10
CA LYS A 9 7.84 5.10 -5.42
C LYS A 9 7.32 5.69 -6.74
N ASN A 10 6.77 4.84 -7.61
CA ASN A 10 6.26 5.16 -8.95
C ASN A 10 4.75 4.87 -9.06
N LYS A 11 3.98 5.85 -9.54
CA LYS A 11 2.52 5.74 -9.73
C LYS A 11 2.13 4.81 -10.88
N GLU A 12 2.92 4.76 -11.95
CA GLU A 12 2.59 4.04 -13.19
C GLU A 12 2.48 2.52 -12.98
N GLN A 13 3.41 1.94 -12.19
CA GLN A 13 3.45 0.51 -11.90
C GLN A 13 2.38 0.10 -10.87
N ALA A 14 2.13 0.94 -9.86
CA ALA A 14 1.06 0.74 -8.88
C ALA A 14 -0.34 0.81 -9.53
N GLU A 15 -0.58 1.74 -10.45
CA GLU A 15 -1.82 1.82 -11.23
C GLU A 15 -2.04 0.60 -12.12
N LYS A 16 -0.99 0.14 -12.84
CA LYS A 16 -1.06 -1.08 -13.65
C LYS A 16 -1.35 -2.32 -12.80
N LEU A 17 -0.71 -2.48 -11.64
CA LEU A 17 -1.00 -3.56 -10.72
C LEU A 17 -2.44 -3.50 -10.21
N ALA A 18 -2.94 -2.32 -9.81
CA ALA A 18 -4.32 -2.15 -9.38
C ALA A 18 -5.32 -2.58 -10.48
N LYS A 19 -5.00 -2.29 -11.75
CA LYS A 19 -5.80 -2.70 -12.92
C LYS A 19 -5.70 -4.22 -13.19
N GLU A 20 -4.54 -4.83 -12.97
CA GLU A 20 -4.32 -6.28 -13.10
C GLU A 20 -5.00 -7.10 -11.99
N VAL A 21 -5.00 -6.58 -10.76
CA VAL A 21 -5.41 -7.28 -9.53
C VAL A 21 -6.85 -6.96 -9.08
N GLY A 22 -7.50 -5.99 -9.71
CA GLY A 22 -8.90 -5.59 -9.46
C GLY A 22 -9.11 -4.69 -8.24
N VAL A 23 -8.04 -4.14 -7.65
CA VAL A 23 -8.07 -3.26 -6.47
C VAL A 23 -8.29 -1.79 -6.86
N THR A 24 -9.01 -1.04 -6.02
CA THR A 24 -9.41 0.37 -6.27
C THR A 24 -8.98 1.37 -5.19
N GLU A 25 -8.51 0.93 -4.01
CA GLU A 25 -8.15 1.84 -2.91
C GLU A 25 -6.68 2.30 -3.04
N ILE A 26 -6.50 3.56 -3.43
CA ILE A 26 -5.19 4.16 -3.70
C ILE A 26 -5.06 5.49 -2.95
N TYR A 27 -3.93 5.67 -2.27
CA TYR A 27 -3.52 6.88 -1.56
C TYR A 27 -2.17 7.39 -2.09
N GLU A 28 -1.91 8.70 -2.01
CA GLU A 28 -0.66 9.32 -2.46
C GLU A 28 -0.16 10.36 -1.46
N SER A 29 1.14 10.35 -1.15
CA SER A 29 1.82 11.31 -0.26
C SER A 29 3.33 11.29 -0.47
N ASP A 30 4.02 12.39 -0.16
CA ASP A 30 5.48 12.39 -0.09
C ASP A 30 5.99 11.65 1.17
N ASN A 31 5.23 11.74 2.28
CA ASN A 31 5.51 11.06 3.55
C ASN A 31 4.98 9.62 3.54
N LEU A 32 5.38 8.83 2.53
CA LEU A 32 4.91 7.48 2.25
C LEU A 32 5.01 6.56 3.49
N GLU A 33 6.12 6.64 4.22
CA GLU A 33 6.35 5.87 5.45
C GLU A 33 5.49 6.31 6.65
N GLU A 34 5.25 7.61 6.82
CA GLU A 34 4.38 8.11 7.90
C GLU A 34 2.92 7.77 7.61
N LEU A 35 2.53 7.83 6.34
CA LEU A 35 1.21 7.40 5.85
C LEU A 35 0.96 5.91 6.16
N TYR A 36 1.95 5.05 5.90
CA TYR A 36 1.87 3.63 6.24
C TYR A 36 1.60 3.39 7.73
N ARG A 37 2.33 4.07 8.63
CA ARG A 37 2.11 4.01 10.09
C ARG A 37 0.71 4.47 10.48
N GLU A 38 0.31 5.63 9.97
CA GLU A 38 -1.00 6.24 10.26
C GLU A 38 -2.18 5.38 9.80
N ILE A 39 -2.05 4.68 8.68
CA ILE A 39 -3.07 3.73 8.18
C ILE A 39 -3.12 2.49 9.08
N LYS A 40 -1.99 1.79 9.32
CA LYS A 40 -1.97 0.51 10.05
C LYS A 40 -2.33 0.63 11.53
N GLU A 41 -2.03 1.78 12.15
CA GLU A 41 -2.54 2.10 13.48
C GLU A 41 -4.09 2.08 13.51
N ARG A 42 -4.75 2.74 12.54
CA ARG A 42 -6.22 2.73 12.42
C ARG A 42 -6.77 1.34 12.08
N ILE A 43 -6.06 0.55 11.28
CA ILE A 43 -6.43 -0.86 11.00
C ILE A 43 -6.51 -1.67 12.30
N GLU A 44 -5.58 -1.46 13.24
CA GLU A 44 -5.62 -2.10 14.56
C GLU A 44 -6.73 -1.56 15.48
N ARG A 45 -7.19 -0.30 15.28
CA ARG A 45 -8.40 0.22 15.95
C ARG A 45 -9.68 -0.44 15.41
N GLU A 46 -9.79 -0.58 14.08
CA GLU A 46 -10.97 -1.16 13.43
C GLU A 46 -11.04 -2.69 13.57
N ASN A 47 -9.89 -3.36 13.55
CA ASN A 47 -9.75 -4.81 13.60
C ASN A 47 -8.72 -5.19 14.69
N PRO A 48 -9.14 -5.51 15.93
CA PRO A 48 -8.23 -6.02 16.96
C PRO A 48 -7.66 -7.41 16.63
N ASN A 49 -8.27 -8.12 15.66
CA ASN A 49 -7.83 -9.40 15.10
C ASN A 49 -7.08 -9.25 13.75
N ALA A 50 -6.55 -8.07 13.44
CA ALA A 50 -5.82 -7.81 12.20
C ALA A 50 -4.52 -8.62 12.04
N THR A 51 -4.15 -8.88 10.79
CA THR A 51 -2.85 -9.44 10.40
C THR A 51 -2.22 -8.51 9.37
N ILE A 52 -0.97 -8.10 9.59
CA ILE A 52 -0.29 -7.07 8.79
C ILE A 52 0.63 -7.74 7.76
N LEU A 53 0.36 -7.47 6.48
CA LEU A 53 1.19 -7.81 5.33
C LEU A 53 1.51 -6.55 4.51
N THR A 54 2.76 -6.41 4.08
CA THR A 54 3.26 -5.26 3.32
C THR A 54 4.22 -5.72 2.21
N VAL A 55 4.05 -5.23 0.98
CA VAL A 55 4.83 -5.64 -0.21
C VAL A 55 5.26 -4.46 -1.09
N THR A 56 6.31 -4.69 -1.88
CA THR A 56 6.94 -3.71 -2.80
C THR A 56 7.10 -4.23 -4.24
N ASP A 57 6.70 -5.47 -4.52
CA ASP A 57 6.84 -6.12 -5.84
C ASP A 57 5.52 -6.79 -6.29
N PRO A 58 5.02 -6.54 -7.52
CA PRO A 58 3.76 -7.11 -8.00
C PRO A 58 3.80 -8.64 -8.13
N ASN A 59 4.96 -9.24 -8.38
CA ASN A 59 5.09 -10.70 -8.44
C ASN A 59 4.85 -11.36 -7.07
N GLU A 60 5.13 -10.65 -5.98
CA GLU A 60 4.87 -11.09 -4.61
C GLU A 60 3.42 -10.76 -4.19
N LEU A 61 2.95 -9.53 -4.46
CA LEU A 61 1.57 -9.09 -4.17
C LEU A 61 0.54 -9.97 -4.90
N LYS A 62 0.74 -10.22 -6.21
CA LYS A 62 -0.15 -11.06 -7.04
C LYS A 62 -0.22 -12.50 -6.52
N LYS A 63 0.89 -13.07 -6.04
CA LYS A 63 0.95 -14.41 -5.44
C LYS A 63 0.09 -14.52 -4.17
N ILE A 64 0.06 -13.48 -3.35
CA ILE A 64 -0.77 -13.41 -2.13
C ILE A 64 -2.25 -13.16 -2.49
N GLN A 65 -2.52 -12.24 -3.41
CA GLN A 65 -3.88 -11.93 -3.88
C GLN A 65 -4.53 -13.08 -4.68
N ASP A 66 -3.74 -14.00 -5.23
CA ASP A 66 -4.20 -15.24 -5.86
C ASP A 66 -5.12 -16.07 -4.95
N GLU A 67 -4.83 -16.03 -3.65
CA GLU A 67 -5.39 -16.88 -2.61
C GLU A 67 -6.64 -16.27 -1.93
N GLY A 68 -6.89 -14.97 -2.13
CA GLY A 68 -8.11 -14.26 -1.71
C GLY A 68 -8.41 -14.22 -0.20
N LYS A 69 -7.38 -14.42 0.63
CA LYS A 69 -7.38 -14.59 2.09
C LYS A 69 -7.34 -13.26 2.88
N VAL A 70 -7.88 -12.19 2.31
CA VAL A 70 -7.72 -10.79 2.76
C VAL A 70 -9.06 -10.06 2.93
N ASP A 71 -9.14 -9.18 3.93
CA ASP A 71 -10.30 -8.31 4.22
C ASP A 71 -10.31 -7.05 3.33
N ARG A 72 -9.16 -6.38 3.18
CA ARG A 72 -8.97 -5.17 2.36
C ARG A 72 -7.53 -5.03 1.86
N ILE A 73 -7.37 -4.40 0.69
CA ILE A 73 -6.09 -4.08 0.05
C ILE A 73 -6.00 -2.57 -0.13
N ILE A 74 -4.88 -1.96 0.27
CA ILE A 74 -4.64 -0.51 0.13
C ILE A 74 -3.27 -0.28 -0.53
N LEU A 75 -3.22 0.58 -1.55
CA LEU A 75 -2.00 0.98 -2.25
C LEU A 75 -1.57 2.38 -1.81
N LEU A 76 -0.32 2.53 -1.42
CA LEU A 76 0.30 3.81 -1.07
C LEU A 76 1.38 4.15 -2.11
N ILE A 77 1.31 5.37 -2.67
CA ILE A 77 2.17 5.83 -3.76
C ILE A 77 2.95 7.08 -3.33
N LYS A 78 4.24 7.16 -3.64
CA LYS A 78 5.06 8.34 -3.32
C LYS A 78 4.83 9.48 -4.32
N GLY A 79 4.75 10.71 -3.82
CA GLY A 79 4.61 11.91 -4.66
C GLY A 79 5.84 12.16 -5.54
N SER A 80 5.63 12.46 -6.83
CA SER A 80 6.67 12.55 -7.86
C SER A 80 7.42 13.89 -7.90
N LEU A 81 6.68 15.00 -8.08
CA LEU A 81 7.24 16.37 -8.17
C LEU A 81 7.16 17.12 -6.82
N GLU A 82 6.17 16.80 -5.98
CA GLU A 82 6.10 17.28 -4.60
C GLU A 82 7.02 16.42 -3.72
N HIS A 83 8.20 16.95 -3.37
CA HIS A 83 9.23 16.22 -2.62
C HIS A 83 10.04 17.16 -1.70
N HIS A 84 9.77 17.09 -0.39
CA HIS A 84 10.35 17.92 0.68
C HIS A 84 10.20 19.45 0.53
N HIS A 85 10.49 20.17 1.62
CA HIS A 85 10.61 21.63 1.67
C HIS A 85 11.70 22.16 0.71
N HIS A 86 11.48 23.34 0.13
CA HIS A 86 12.40 24.01 -0.79
C HIS A 86 12.86 25.37 -0.24
N HIS A 87 14.17 25.63 -0.28
CA HIS A 87 14.81 26.89 0.15
C HIS A 87 16.15 27.10 -0.59
N HIS A 88 16.74 28.30 -0.43
CA HIS A 88 18.06 28.68 -0.99
C HIS A 88 19.22 27.83 -0.43
N GLY A 1 -11.18 -8.22 10.03
CA GLY A 1 -10.77 -8.73 8.70
C GLY A 1 -9.26 -8.70 8.52
N THR A 2 -8.78 -9.21 7.37
CA THR A 2 -7.36 -9.30 7.00
C THR A 2 -6.98 -8.21 6.00
N ILE A 3 -5.94 -7.44 6.30
CA ILE A 3 -5.50 -6.28 5.51
C ILE A 3 -4.15 -6.56 4.83
N LEU A 4 -4.04 -6.22 3.55
CA LEU A 4 -2.84 -6.30 2.71
C LEU A 4 -2.43 -4.90 2.23
N ILE A 5 -1.14 -4.57 2.32
CA ILE A 5 -0.55 -3.27 1.97
C ILE A 5 0.45 -3.42 0.81
N PHE A 6 0.33 -2.56 -0.20
CA PHE A 6 1.32 -2.41 -1.25
C PHE A 6 1.93 -1.00 -1.20
N LEU A 7 3.27 -0.90 -1.18
CA LEU A 7 4.00 0.37 -1.18
C LEU A 7 4.78 0.54 -2.50
N ASP A 8 4.67 1.72 -3.12
CA ASP A 8 5.41 2.04 -4.35
C ASP A 8 5.92 3.50 -4.38
N LYS A 9 7.18 3.67 -4.79
CA LYS A 9 7.83 4.98 -5.06
C LYS A 9 7.30 5.63 -6.36
N ASN A 10 6.71 4.83 -7.25
CA ASN A 10 6.21 5.20 -8.57
C ASN A 10 4.68 5.01 -8.70
N LYS A 11 4.02 5.90 -9.45
CA LYS A 11 2.56 5.91 -9.64
C LYS A 11 2.07 5.00 -10.76
N GLU A 12 2.77 4.97 -11.89
CA GLU A 12 2.36 4.21 -13.08
C GLU A 12 2.35 2.69 -12.84
N GLN A 13 3.37 2.18 -12.15
CA GLN A 13 3.48 0.76 -11.79
C GLN A 13 2.42 0.33 -10.76
N ALA A 14 2.09 1.21 -9.81
CA ALA A 14 1.02 0.99 -8.83
C ALA A 14 -0.37 0.93 -9.48
N GLU A 15 -0.68 1.86 -10.40
CA GLU A 15 -1.93 1.84 -11.16
C GLU A 15 -2.02 0.65 -12.13
N LYS A 16 -0.89 0.24 -12.75
CA LYS A 16 -0.83 -0.96 -13.59
C LYS A 16 -1.16 -2.22 -12.78
N LEU A 17 -0.58 -2.38 -11.59
CA LEU A 17 -0.91 -3.48 -10.68
C LEU A 17 -2.38 -3.43 -10.27
N ALA A 18 -2.92 -2.26 -9.88
CA ALA A 18 -4.33 -2.13 -9.51
C ALA A 18 -5.27 -2.60 -10.64
N LYS A 19 -4.89 -2.35 -11.90
CA LYS A 19 -5.60 -2.82 -13.11
C LYS A 19 -5.45 -4.32 -13.33
N GLU A 20 -4.28 -4.90 -13.07
CA GLU A 20 -4.00 -6.34 -13.18
C GLU A 20 -4.72 -7.16 -12.08
N VAL A 21 -4.81 -6.62 -10.87
CA VAL A 21 -5.24 -7.31 -9.63
C VAL A 21 -6.69 -7.02 -9.23
N GLY A 22 -7.36 -6.07 -9.91
CA GLY A 22 -8.77 -5.71 -9.70
C GLY A 22 -9.05 -4.81 -8.48
N VAL A 23 -8.02 -4.26 -7.86
CA VAL A 23 -8.12 -3.37 -6.67
C VAL A 23 -8.34 -1.91 -7.08
N THR A 24 -9.09 -1.16 -6.26
CA THR A 24 -9.41 0.27 -6.50
C THR A 24 -9.02 1.21 -5.34
N GLU A 25 -8.57 0.71 -4.18
CA GLU A 25 -8.24 1.54 -3.02
C GLU A 25 -6.80 2.06 -3.08
N ILE A 26 -6.64 3.29 -3.57
CA ILE A 26 -5.36 3.94 -3.82
C ILE A 26 -5.25 5.25 -3.01
N TYR A 27 -4.11 5.42 -2.34
CA TYR A 27 -3.74 6.60 -1.55
C TYR A 27 -2.37 7.14 -2.00
N GLU A 28 -2.11 8.44 -1.78
CA GLU A 28 -0.87 9.10 -2.19
C GLU A 28 -0.35 10.08 -1.11
N SER A 29 0.97 10.18 -0.94
CA SER A 29 1.64 11.16 -0.05
C SER A 29 3.09 11.42 -0.46
N ASP A 30 3.58 12.63 -0.19
CA ASP A 30 5.01 12.98 -0.29
C ASP A 30 5.86 12.32 0.83
N ASN A 31 5.20 11.85 1.89
CA ASN A 31 5.78 11.14 3.04
C ASN A 31 5.12 9.76 3.19
N LEU A 32 5.34 8.90 2.19
CA LEU A 32 4.74 7.56 2.07
C LEU A 32 4.97 6.70 3.32
N GLU A 33 6.17 6.78 3.88
CA GLU A 33 6.56 6.06 5.08
C GLU A 33 5.81 6.53 6.34
N GLU A 34 5.38 7.79 6.43
CA GLU A 34 4.44 8.23 7.48
C GLU A 34 3.01 7.76 7.18
N LEU A 35 2.61 7.74 5.90
CA LEU A 35 1.27 7.31 5.44
C LEU A 35 0.99 5.86 5.87
N TYR A 36 1.94 4.95 5.61
CA TYR A 36 1.85 3.54 6.00
C TYR A 36 1.61 3.36 7.50
N ARG A 37 2.37 4.06 8.34
CA ARG A 37 2.25 4.00 9.81
C ARG A 37 0.91 4.56 10.29
N GLU A 38 0.53 5.71 9.76
CA GLU A 38 -0.72 6.40 10.10
C GLU A 38 -1.98 5.55 9.79
N ILE A 39 -1.94 4.72 8.73
CA ILE A 39 -2.99 3.74 8.46
C ILE A 39 -2.94 2.58 9.47
N LYS A 40 -1.82 1.85 9.55
CA LYS A 40 -1.72 0.59 10.31
C LYS A 40 -1.88 0.75 11.81
N GLU A 41 -1.47 1.88 12.37
CA GLU A 41 -1.77 2.27 13.76
C GLU A 41 -3.27 2.24 14.06
N ARG A 42 -4.11 2.76 13.16
CA ARG A 42 -5.57 2.74 13.32
C ARG A 42 -6.18 1.37 13.01
N ILE A 43 -5.60 0.58 12.10
CA ILE A 43 -6.09 -0.80 11.82
C ILE A 43 -6.08 -1.64 13.10
N GLU A 44 -5.06 -1.51 13.95
CA GLU A 44 -5.01 -2.23 15.23
C GLU A 44 -6.10 -1.77 16.24
N ARG A 45 -6.54 -0.51 16.16
CA ARG A 45 -7.67 0.02 16.96
C ARG A 45 -9.03 -0.45 16.45
N GLU A 46 -9.21 -0.47 15.13
CA GLU A 46 -10.49 -0.80 14.47
C GLU A 46 -10.73 -2.32 14.35
N ASN A 47 -9.67 -3.09 14.13
CA ASN A 47 -9.68 -4.55 13.97
C ASN A 47 -8.65 -5.19 14.93
N PRO A 48 -9.05 -5.66 16.13
CA PRO A 48 -8.13 -6.31 17.08
C PRO A 48 -7.58 -7.67 16.59
N ASN A 49 -8.19 -8.25 15.55
CA ASN A 49 -7.77 -9.52 14.91
C ASN A 49 -7.05 -9.33 13.56
N ALA A 50 -6.67 -8.09 13.20
CA ALA A 50 -6.03 -7.76 11.91
C ALA A 50 -4.62 -8.35 11.72
N THR A 51 -4.22 -8.41 10.44
CA THR A 51 -2.86 -8.79 10.00
C THR A 51 -2.15 -7.58 9.39
N ILE A 52 -0.83 -7.50 9.57
CA ILE A 52 0.03 -6.54 8.87
C ILE A 52 0.89 -7.34 7.89
N LEU A 53 0.51 -7.26 6.61
CA LEU A 53 1.19 -7.88 5.49
C LEU A 53 1.49 -6.79 4.46
N THR A 54 2.78 -6.56 4.18
CA THR A 54 3.25 -5.41 3.40
C THR A 54 4.22 -5.84 2.30
N VAL A 55 4.01 -5.35 1.07
CA VAL A 55 4.76 -5.77 -0.14
C VAL A 55 5.25 -4.56 -0.94
N THR A 56 6.34 -4.76 -1.70
CA THR A 56 6.98 -3.75 -2.57
C THR A 56 7.19 -4.23 -4.02
N ASP A 57 6.74 -5.44 -4.35
CA ASP A 57 6.89 -6.07 -5.68
C ASP A 57 5.56 -6.72 -6.12
N PRO A 58 5.05 -6.42 -7.33
CA PRO A 58 3.77 -6.97 -7.81
C PRO A 58 3.81 -8.48 -8.05
N ASN A 59 4.98 -9.06 -8.33
CA ASN A 59 5.14 -10.51 -8.46
C ASN A 59 4.94 -11.23 -7.11
N GLU A 60 5.12 -10.53 -5.99
CA GLU A 60 4.82 -11.01 -4.64
C GLU A 60 3.38 -10.65 -4.21
N LEU A 61 2.93 -9.41 -4.50
CA LEU A 61 1.55 -8.96 -4.18
C LEU A 61 0.51 -9.81 -4.91
N LYS A 62 0.69 -10.03 -6.22
CA LYS A 62 -0.16 -10.89 -7.05
C LYS A 62 -0.17 -12.34 -6.54
N LYS A 63 0.98 -12.87 -6.11
CA LYS A 63 1.09 -14.23 -5.51
C LYS A 63 0.27 -14.38 -4.23
N ILE A 64 0.24 -13.33 -3.39
CA ILE A 64 -0.60 -13.29 -2.17
C ILE A 64 -2.09 -13.15 -2.55
N GLN A 65 -2.42 -12.25 -3.47
CA GLN A 65 -3.79 -12.04 -3.95
C GLN A 65 -4.38 -13.24 -4.71
N ASP A 66 -3.55 -14.03 -5.39
CA ASP A 66 -3.98 -15.23 -6.12
C ASP A 66 -4.63 -16.29 -5.19
N GLU A 67 -4.26 -16.31 -3.90
CA GLU A 67 -4.83 -17.21 -2.90
C GLU A 67 -6.17 -16.70 -2.31
N GLY A 68 -6.48 -15.41 -2.46
CA GLY A 68 -7.74 -14.77 -2.06
C GLY A 68 -8.06 -14.76 -0.56
N LYS A 69 -7.03 -14.96 0.27
CA LYS A 69 -7.05 -15.08 1.74
C LYS A 69 -7.09 -13.73 2.49
N VAL A 70 -7.63 -12.69 1.85
CA VAL A 70 -7.57 -11.28 2.28
C VAL A 70 -8.94 -10.60 2.16
N ASP A 71 -9.25 -9.68 3.09
CA ASP A 71 -10.52 -8.93 3.13
C ASP A 71 -10.40 -7.49 2.58
N ARG A 72 -9.25 -6.84 2.80
CA ARG A 72 -8.94 -5.47 2.34
C ARG A 72 -7.55 -5.39 1.73
N ILE A 73 -7.41 -4.68 0.60
CA ILE A 73 -6.14 -4.40 -0.06
C ILE A 73 -6.01 -2.89 -0.26
N ILE A 74 -4.87 -2.32 0.14
CA ILE A 74 -4.62 -0.87 0.10
C ILE A 74 -3.28 -0.60 -0.60
N LEU A 75 -3.30 0.27 -1.63
CA LEU A 75 -2.13 0.66 -2.40
C LEU A 75 -1.72 2.09 -2.04
N LEU A 76 -0.50 2.26 -1.53
CA LEU A 76 0.07 3.56 -1.19
C LEU A 76 1.14 3.96 -2.22
N ILE A 77 1.09 5.20 -2.70
CA ILE A 77 1.96 5.73 -3.75
C ILE A 77 2.73 6.95 -3.22
N LYS A 78 4.05 7.01 -3.46
CA LYS A 78 4.87 8.17 -3.10
C LYS A 78 4.76 9.27 -4.16
N GLY A 79 4.67 10.52 -3.71
CA GLY A 79 4.55 11.69 -4.58
C GLY A 79 5.75 11.84 -5.53
N SER A 80 5.49 12.00 -6.83
CA SER A 80 6.51 12.07 -7.89
C SER A 80 7.24 13.42 -7.96
N LEU A 81 6.50 14.53 -7.85
CA LEU A 81 7.01 15.90 -7.93
C LEU A 81 7.26 16.56 -6.56
N GLU A 82 6.70 15.99 -5.48
CA GLU A 82 6.74 16.55 -4.11
C GLU A 82 7.50 15.63 -3.13
N HIS A 83 8.40 16.21 -2.34
CA HIS A 83 9.11 15.56 -1.23
C HIS A 83 9.54 16.60 -0.18
N HIS A 84 9.48 16.25 1.11
CA HIS A 84 9.78 17.17 2.23
C HIS A 84 10.51 16.50 3.41
N HIS A 85 11.18 15.35 3.18
CA HIS A 85 12.00 14.67 4.18
C HIS A 85 13.49 15.05 4.05
N HIS A 86 14.18 15.23 5.17
CA HIS A 86 15.58 15.70 5.30
C HIS A 86 15.90 17.10 4.72
N HIS A 87 14.94 17.80 4.12
CA HIS A 87 15.10 19.12 3.49
C HIS A 87 13.79 19.93 3.53
N HIS A 88 13.90 21.26 3.62
CA HIS A 88 12.78 22.21 3.72
C HIS A 88 13.02 23.51 2.93
N GLY A 1 -9.90 -10.13 9.55
CA GLY A 1 -8.70 -10.98 9.63
C GLY A 1 -7.46 -10.26 9.14
N THR A 2 -7.23 -10.16 7.83
CA THR A 2 -5.96 -9.68 7.25
C THR A 2 -6.15 -8.46 6.37
N ILE A 3 -5.25 -7.47 6.54
CA ILE A 3 -5.23 -6.24 5.76
C ILE A 3 -3.86 -6.10 5.06
N LEU A 4 -3.89 -5.95 3.73
CA LEU A 4 -2.70 -5.97 2.86
C LEU A 4 -2.36 -4.56 2.36
N ILE A 5 -1.09 -4.16 2.50
CA ILE A 5 -0.53 -2.90 2.02
C ILE A 5 0.48 -3.15 0.89
N PHE A 6 0.33 -2.41 -0.21
CA PHE A 6 1.35 -2.34 -1.26
C PHE A 6 2.01 -0.96 -1.26
N LEU A 7 3.32 -0.90 -1.03
CA LEU A 7 4.10 0.34 -1.09
C LEU A 7 4.79 0.48 -2.46
N ASP A 8 4.57 1.62 -3.11
CA ASP A 8 5.09 1.96 -4.44
C ASP A 8 5.83 3.31 -4.46
N LYS A 9 6.85 3.44 -5.30
CA LYS A 9 7.74 4.61 -5.40
C LYS A 9 7.80 5.26 -6.79
N ASN A 10 6.89 4.92 -7.69
CA ASN A 10 6.93 5.27 -9.12
C ASN A 10 5.56 5.61 -9.77
N LYS A 11 4.44 5.34 -9.09
CA LYS A 11 3.03 5.52 -9.49
C LYS A 11 2.55 4.67 -10.66
N GLU A 12 3.25 4.67 -11.79
CA GLU A 12 2.83 3.97 -13.01
C GLU A 12 2.72 2.44 -12.81
N GLN A 13 3.59 1.86 -11.98
CA GLN A 13 3.57 0.42 -11.64
C GLN A 13 2.36 0.06 -10.75
N ALA A 14 1.97 0.92 -9.82
CA ALA A 14 0.76 0.75 -9.00
C ALA A 14 -0.52 0.93 -9.82
N GLU A 15 -0.57 1.94 -10.71
CA GLU A 15 -1.69 2.17 -11.64
C GLU A 15 -1.87 1.03 -12.67
N LYS A 16 -0.77 0.35 -13.03
CA LYS A 16 -0.76 -0.87 -13.84
C LYS A 16 -1.28 -2.07 -13.03
N LEU A 17 -0.73 -2.33 -11.85
CA LEU A 17 -1.07 -3.47 -11.01
C LEU A 17 -2.51 -3.44 -10.51
N ALA A 18 -3.02 -2.29 -10.04
CA ALA A 18 -4.40 -2.15 -9.57
C ALA A 18 -5.43 -2.55 -10.66
N LYS A 19 -5.10 -2.24 -11.91
CA LYS A 19 -5.90 -2.54 -13.11
C LYS A 19 -5.87 -4.04 -13.48
N GLU A 20 -4.76 -4.73 -13.20
CA GLU A 20 -4.64 -6.19 -13.39
C GLU A 20 -5.27 -7.01 -12.24
N VAL A 21 -5.09 -6.54 -10.99
CA VAL A 21 -5.41 -7.27 -9.76
C VAL A 21 -6.82 -6.96 -9.21
N GLY A 22 -7.52 -5.97 -9.78
CA GLY A 22 -8.90 -5.61 -9.45
C GLY A 22 -9.08 -4.73 -8.20
N VAL A 23 -7.99 -4.24 -7.61
CA VAL A 23 -7.99 -3.37 -6.42
C VAL A 23 -8.27 -1.91 -6.79
N THR A 24 -8.98 -1.18 -5.92
CA THR A 24 -9.47 0.20 -6.17
C THR A 24 -9.08 1.23 -5.10
N GLU A 25 -8.58 0.83 -3.92
CA GLU A 25 -8.25 1.76 -2.83
C GLU A 25 -6.77 2.19 -2.91
N ILE A 26 -6.54 3.46 -3.28
CA ILE A 26 -5.21 4.02 -3.57
C ILE A 26 -5.01 5.34 -2.81
N TYR A 27 -3.86 5.50 -2.16
CA TYR A 27 -3.42 6.71 -1.45
C TYR A 27 -2.09 7.21 -2.00
N GLU A 28 -1.82 8.53 -1.92
CA GLU A 28 -0.57 9.15 -2.37
C GLU A 28 -0.04 10.17 -1.35
N SER A 29 1.28 10.18 -1.11
CA SER A 29 1.95 11.15 -0.22
C SER A 29 3.45 11.26 -0.48
N ASP A 30 4.04 12.42 -0.20
CA ASP A 30 5.50 12.61 -0.13
C ASP A 30 6.10 12.05 1.18
N ASN A 31 5.25 11.83 2.21
CA ASN A 31 5.54 11.13 3.46
C ASN A 31 4.93 9.71 3.43
N LEU A 32 5.17 8.98 2.35
CA LEU A 32 4.61 7.64 2.06
C LEU A 32 4.71 6.68 3.26
N GLU A 33 5.89 6.61 3.85
CA GLU A 33 6.21 5.74 4.99
C GLU A 33 5.56 6.18 6.31
N GLU A 34 5.33 7.48 6.52
CA GLU A 34 4.58 7.96 7.68
C GLU A 34 3.07 7.71 7.50
N LEU A 35 2.56 7.89 6.28
CA LEU A 35 1.15 7.64 5.96
C LEU A 35 0.78 6.16 6.11
N TYR A 36 1.68 5.26 5.69
CA TYR A 36 1.58 3.82 5.92
C TYR A 36 1.32 3.48 7.40
N ARG A 37 2.08 4.09 8.32
CA ARG A 37 1.90 3.93 9.78
C ARG A 37 0.55 4.50 10.25
N GLU A 38 0.23 5.71 9.80
CA GLU A 38 -0.99 6.43 10.18
C GLU A 38 -2.28 5.69 9.80
N ILE A 39 -2.28 4.96 8.68
CA ILE A 39 -3.38 4.07 8.28
C ILE A 39 -3.44 2.83 9.18
N LYS A 40 -2.35 2.08 9.32
CA LYS A 40 -2.28 0.82 10.08
C LYS A 40 -2.53 0.97 11.58
N GLU A 41 -2.13 2.11 12.16
CA GLU A 41 -2.48 2.48 13.54
C GLU A 41 -3.99 2.38 13.80
N ARG A 42 -4.83 2.88 12.88
CA ARG A 42 -6.30 2.83 13.01
C ARG A 42 -6.86 1.42 12.77
N ILE A 43 -6.27 0.63 11.88
CA ILE A 43 -6.66 -0.79 11.65
C ILE A 43 -6.55 -1.60 12.94
N GLU A 44 -5.53 -1.34 13.75
CA GLU A 44 -5.33 -1.99 15.06
C GLU A 44 -6.30 -1.48 16.16
N ARG A 45 -7.08 -0.41 15.91
CA ARG A 45 -8.20 0.03 16.76
C ARG A 45 -9.54 -0.54 16.29
N GLU A 46 -9.76 -0.59 14.97
CA GLU A 46 -11.03 -1.04 14.39
C GLU A 46 -11.12 -2.57 14.27
N ASN A 47 -9.98 -3.25 14.13
CA ASN A 47 -9.84 -4.71 14.14
C ASN A 47 -8.73 -5.11 15.13
N PRO A 48 -9.03 -5.46 16.40
CA PRO A 48 -8.02 -5.86 17.38
C PRO A 48 -7.34 -7.21 17.06
N ASN A 49 -7.93 -8.01 16.16
CA ASN A 49 -7.40 -9.27 15.64
C ASN A 49 -6.83 -9.15 14.21
N ALA A 50 -6.46 -7.93 13.78
CA ALA A 50 -5.91 -7.66 12.44
C ALA A 50 -4.54 -8.34 12.17
N THR A 51 -4.22 -8.56 10.90
CA THR A 51 -2.92 -9.06 10.44
C THR A 51 -2.34 -8.06 9.44
N ILE A 52 -1.06 -7.74 9.59
CA ILE A 52 -0.35 -6.72 8.82
C ILE A 52 0.56 -7.40 7.79
N LEU A 53 0.24 -7.20 6.51
CA LEU A 53 0.93 -7.80 5.37
C LEU A 53 1.38 -6.69 4.42
N THR A 54 2.69 -6.55 4.15
CA THR A 54 3.24 -5.44 3.36
C THR A 54 4.18 -5.92 2.25
N VAL A 55 4.03 -5.37 1.04
CA VAL A 55 4.77 -5.75 -0.17
C VAL A 55 5.25 -4.55 -0.98
N THR A 56 6.30 -4.76 -1.80
CA THR A 56 6.91 -3.77 -2.70
C THR A 56 7.08 -4.28 -4.15
N ASP A 57 6.66 -5.51 -4.46
CA ASP A 57 6.81 -6.14 -5.77
C ASP A 57 5.48 -6.74 -6.28
N PRO A 58 5.04 -6.44 -7.53
CA PRO A 58 3.78 -6.93 -8.08
C PRO A 58 3.73 -8.45 -8.21
N ASN A 59 4.87 -9.13 -8.41
CA ASN A 59 4.91 -10.59 -8.47
C ASN A 59 4.52 -11.22 -7.13
N GLU A 60 4.90 -10.58 -6.01
CA GLU A 60 4.56 -11.04 -4.66
C GLU A 60 3.12 -10.63 -4.27
N LEU A 61 2.74 -9.38 -4.55
CA LEU A 61 1.36 -8.90 -4.35
C LEU A 61 0.35 -9.75 -5.13
N LYS A 62 0.62 -9.99 -6.42
CA LYS A 62 -0.20 -10.83 -7.30
C LYS A 62 -0.25 -12.28 -6.81
N LYS A 63 0.84 -12.84 -6.29
CA LYS A 63 0.83 -14.19 -5.68
C LYS A 63 -0.10 -14.27 -4.46
N ILE A 64 -0.09 -13.27 -3.58
CA ILE A 64 -0.98 -13.21 -2.40
C ILE A 64 -2.45 -13.03 -2.84
N GLN A 65 -2.70 -12.12 -3.77
CA GLN A 65 -4.04 -11.86 -4.32
C GLN A 65 -4.58 -13.02 -5.18
N ASP A 66 -3.71 -13.81 -5.79
CA ASP A 66 -4.11 -15.04 -6.50
C ASP A 66 -4.67 -16.10 -5.53
N GLU A 67 -4.18 -16.13 -4.27
CA GLU A 67 -4.72 -17.00 -3.21
C GLU A 67 -5.97 -16.41 -2.51
N GLY A 68 -6.12 -15.08 -2.51
CA GLY A 68 -7.30 -14.38 -1.96
C GLY A 68 -7.43 -14.37 -0.44
N LYS A 69 -6.30 -14.51 0.29
CA LYS A 69 -6.21 -14.74 1.75
C LYS A 69 -6.38 -13.46 2.60
N VAL A 70 -7.11 -12.47 2.10
CA VAL A 70 -7.15 -11.09 2.63
C VAL A 70 -8.58 -10.50 2.62
N ASP A 71 -8.90 -9.64 3.59
CA ASP A 71 -10.20 -8.96 3.70
C ASP A 71 -10.25 -7.61 2.96
N ARG A 72 -9.18 -6.78 3.05
CA ARG A 72 -9.04 -5.54 2.27
C ARG A 72 -7.59 -5.24 1.87
N ILE A 73 -7.42 -4.57 0.73
CA ILE A 73 -6.13 -4.25 0.10
C ILE A 73 -6.03 -2.75 -0.16
N ILE A 74 -4.88 -2.17 0.17
CA ILE A 74 -4.60 -0.73 0.03
C ILE A 74 -3.27 -0.53 -0.72
N LEU A 75 -3.28 0.29 -1.76
CA LEU A 75 -2.07 0.72 -2.48
C LEU A 75 -1.67 2.12 -1.99
N LEU A 76 -0.42 2.28 -1.64
CA LEU A 76 0.20 3.48 -1.10
C LEU A 76 1.32 3.89 -2.07
N ILE A 77 1.29 5.11 -2.58
CA ILE A 77 2.19 5.58 -3.65
C ILE A 77 2.99 6.81 -3.17
N LYS A 78 4.31 6.82 -3.40
CA LYS A 78 5.15 7.98 -3.11
C LYS A 78 4.94 9.05 -4.19
N GLY A 79 4.71 10.29 -3.76
CA GLY A 79 4.52 11.43 -4.66
C GLY A 79 5.78 11.68 -5.52
N SER A 80 5.65 11.59 -6.84
CA SER A 80 6.77 11.61 -7.79
C SER A 80 7.39 13.00 -8.02
N LEU A 81 6.59 14.06 -7.90
CA LEU A 81 6.99 15.44 -8.23
C LEU A 81 7.60 16.20 -7.04
N GLU A 82 7.17 15.89 -5.81
CA GLU A 82 7.57 16.58 -4.57
C GLU A 82 8.45 15.68 -3.68
N HIS A 83 9.57 16.23 -3.21
CA HIS A 83 10.52 15.58 -2.29
C HIS A 83 11.26 16.63 -1.43
N HIS A 84 12.15 16.19 -0.53
CA HIS A 84 12.92 17.06 0.38
C HIS A 84 13.75 18.14 -0.36
N HIS A 85 14.33 17.78 -1.51
CA HIS A 85 15.26 18.59 -2.31
C HIS A 85 16.55 19.01 -1.55
N HIS A 86 17.49 19.64 -2.26
CA HIS A 86 18.74 20.16 -1.70
C HIS A 86 18.53 21.49 -0.94
N HIS A 87 19.38 21.76 0.05
CA HIS A 87 19.40 23.01 0.83
C HIS A 87 20.22 24.11 0.12
N HIS A 88 19.98 25.37 0.52
CA HIS A 88 20.70 26.56 0.04
C HIS A 88 22.10 26.69 0.68
N GLY A 1 -8.82 -11.67 10.50
CA GLY A 1 -8.93 -10.94 9.20
C GLY A 1 -7.62 -10.29 8.82
N THR A 2 -7.32 -10.16 7.53
CA THR A 2 -6.01 -9.66 7.05
C THR A 2 -6.15 -8.38 6.23
N ILE A 3 -5.21 -7.45 6.43
CA ILE A 3 -5.16 -6.18 5.72
C ILE A 3 -3.78 -6.01 5.06
N LEU A 4 -3.79 -5.89 3.73
CA LEU A 4 -2.59 -5.94 2.88
C LEU A 4 -2.23 -4.54 2.36
N ILE A 5 -1.02 -4.07 2.66
CA ILE A 5 -0.43 -2.83 2.13
C ILE A 5 0.51 -3.13 0.95
N PHE A 6 0.37 -2.38 -0.13
CA PHE A 6 1.36 -2.35 -1.22
C PHE A 6 2.04 -0.99 -1.29
N LEU A 7 3.37 -0.95 -1.29
CA LEU A 7 4.19 0.27 -1.31
C LEU A 7 4.88 0.45 -2.66
N ASP A 8 4.76 1.63 -3.27
CA ASP A 8 5.46 1.96 -4.52
C ASP A 8 5.96 3.41 -4.56
N LYS A 9 7.22 3.59 -4.96
CA LYS A 9 7.85 4.90 -5.28
C LYS A 9 7.34 5.53 -6.59
N ASN A 10 6.62 4.76 -7.41
CA ASN A 10 6.12 5.12 -8.74
C ASN A 10 4.59 4.90 -8.87
N LYS A 11 3.90 5.78 -9.61
CA LYS A 11 2.44 5.76 -9.77
C LYS A 11 1.94 4.86 -10.90
N GLU A 12 2.64 4.83 -12.03
CA GLU A 12 2.25 4.05 -13.21
C GLU A 12 2.24 2.54 -12.93
N GLN A 13 3.28 2.03 -12.27
CA GLN A 13 3.39 0.61 -11.90
C GLN A 13 2.32 0.19 -10.88
N ALA A 14 1.99 1.07 -9.92
CA ALA A 14 0.96 0.82 -8.92
C ALA A 14 -0.45 0.79 -9.51
N GLU A 15 -0.81 1.73 -10.39
CA GLU A 15 -2.11 1.70 -11.09
C GLU A 15 -2.22 0.54 -12.10
N LYS A 16 -1.11 0.18 -12.76
CA LYS A 16 -1.03 -1.00 -13.64
C LYS A 16 -1.31 -2.30 -12.86
N LEU A 17 -0.72 -2.47 -11.67
CA LEU A 17 -1.00 -3.58 -10.77
C LEU A 17 -2.44 -3.56 -10.25
N ALA A 18 -2.96 -2.39 -9.87
CA ALA A 18 -4.35 -2.23 -9.43
C ALA A 18 -5.34 -2.73 -10.52
N LYS A 19 -5.02 -2.50 -11.79
CA LYS A 19 -5.80 -2.97 -12.95
C LYS A 19 -5.69 -4.47 -13.19
N GLU A 20 -4.51 -5.06 -12.98
CA GLU A 20 -4.31 -6.53 -13.05
C GLU A 20 -5.02 -7.28 -11.92
N VAL A 21 -5.01 -6.70 -10.72
CA VAL A 21 -5.40 -7.35 -9.45
C VAL A 21 -6.82 -7.02 -8.98
N GLY A 22 -7.53 -6.12 -9.68
CA GLY A 22 -8.93 -5.76 -9.42
C GLY A 22 -9.15 -4.81 -8.22
N VAL A 23 -8.09 -4.24 -7.65
CA VAL A 23 -8.14 -3.33 -6.49
C VAL A 23 -8.35 -1.87 -6.91
N THR A 24 -9.07 -1.09 -6.10
CA THR A 24 -9.35 0.34 -6.34
C THR A 24 -9.03 1.29 -5.15
N GLU A 25 -8.60 0.76 -4.00
CA GLU A 25 -8.18 1.56 -2.84
C GLU A 25 -6.72 2.01 -3.00
N ILE A 26 -6.53 3.29 -3.35
CA ILE A 26 -5.24 3.91 -3.64
C ILE A 26 -5.09 5.22 -2.84
N TYR A 27 -3.92 5.41 -2.21
CA TYR A 27 -3.54 6.59 -1.43
C TYR A 27 -2.19 7.14 -1.89
N GLU A 28 -1.96 8.45 -1.75
CA GLU A 28 -0.74 9.13 -2.22
C GLU A 28 -0.20 10.13 -1.19
N SER A 29 1.14 10.16 -0.99
CA SER A 29 1.81 11.10 -0.08
C SER A 29 3.31 11.24 -0.37
N ASP A 30 3.92 12.36 0.00
CA ASP A 30 5.38 12.53 0.02
C ASP A 30 6.00 11.87 1.27
N ASN A 31 5.28 11.92 2.40
CA ASN A 31 5.59 11.23 3.65
C ASN A 31 5.06 9.78 3.62
N LEU A 32 5.25 9.07 2.51
CA LEU A 32 4.62 7.76 2.23
C LEU A 32 4.87 6.72 3.33
N GLU A 33 6.10 6.65 3.82
CA GLU A 33 6.51 5.75 4.90
C GLU A 33 5.90 6.10 6.29
N GLU A 34 5.60 7.38 6.55
CA GLU A 34 4.83 7.79 7.74
C GLU A 34 3.33 7.58 7.55
N LEU A 35 2.83 7.72 6.31
CA LEU A 35 1.43 7.50 5.94
C LEU A 35 1.05 6.02 6.10
N TYR A 36 1.95 5.10 5.73
CA TYR A 36 1.87 3.67 6.01
C TYR A 36 1.60 3.37 7.50
N ARG A 37 2.36 4.01 8.40
CA ARG A 37 2.18 3.89 9.86
C ARG A 37 0.83 4.43 10.32
N GLU A 38 0.48 5.62 9.84
CA GLU A 38 -0.78 6.32 10.18
C GLU A 38 -2.04 5.54 9.75
N ILE A 39 -2.00 4.84 8.61
CA ILE A 39 -3.10 3.97 8.16
C ILE A 39 -3.19 2.73 9.06
N LYS A 40 -2.10 1.99 9.27
CA LYS A 40 -2.10 0.74 10.05
C LYS A 40 -2.39 0.95 11.54
N GLU A 41 -1.98 2.07 12.11
CA GLU A 41 -2.39 2.48 13.45
C GLU A 41 -3.91 2.54 13.64
N ARG A 42 -4.66 2.95 12.61
CA ARG A 42 -6.13 2.94 12.62
C ARG A 42 -6.70 1.53 12.45
N ILE A 43 -6.10 0.71 11.58
CA ILE A 43 -6.51 -0.69 11.35
C ILE A 43 -6.41 -1.53 12.63
N GLU A 44 -5.35 -1.38 13.41
CA GLU A 44 -5.11 -2.17 14.63
C GLU A 44 -6.15 -1.91 15.74
N ARG A 45 -6.67 -0.67 15.83
CA ARG A 45 -7.75 -0.30 16.77
C ARG A 45 -9.16 -0.59 16.24
N GLU A 46 -9.40 -0.33 14.95
CA GLU A 46 -10.70 -0.63 14.31
C GLU A 46 -10.95 -2.13 14.13
N ASN A 47 -9.90 -2.94 13.94
CA ASN A 47 -9.94 -4.39 13.85
C ASN A 47 -8.92 -5.02 14.83
N PRO A 48 -9.31 -5.40 16.06
CA PRO A 48 -8.38 -6.00 17.03
C PRO A 48 -7.88 -7.40 16.60
N ASN A 49 -8.59 -8.06 15.67
CA ASN A 49 -8.23 -9.34 15.05
C ASN A 49 -7.55 -9.17 13.67
N ALA A 50 -7.01 -7.98 13.36
CA ALA A 50 -6.26 -7.71 12.14
C ALA A 50 -4.95 -8.51 12.02
N THR A 51 -4.52 -8.75 10.78
CA THR A 51 -3.21 -9.30 10.42
C THR A 51 -2.55 -8.34 9.42
N ILE A 52 -1.32 -7.93 9.70
CA ILE A 52 -0.59 -6.94 8.90
C ILE A 52 0.29 -7.65 7.87
N LEU A 53 0.05 -7.36 6.59
CA LEU A 53 0.88 -7.78 5.45
C LEU A 53 1.34 -6.54 4.67
N THR A 54 2.59 -6.53 4.20
CA THR A 54 3.19 -5.43 3.42
C THR A 54 4.08 -5.97 2.29
N VAL A 55 3.98 -5.42 1.08
CA VAL A 55 4.79 -5.79 -0.11
C VAL A 55 5.27 -4.58 -0.91
N THR A 56 6.34 -4.78 -1.68
CA THR A 56 6.99 -3.78 -2.55
C THR A 56 7.13 -4.23 -4.02
N ASP A 57 6.69 -5.43 -4.37
CA ASP A 57 6.86 -6.04 -5.70
C ASP A 57 5.55 -6.67 -6.24
N PRO A 58 5.13 -6.40 -7.49
CA PRO A 58 3.86 -6.89 -8.05
C PRO A 58 3.81 -8.40 -8.19
N ASN A 59 4.92 -9.10 -8.44
CA ASN A 59 4.91 -10.56 -8.51
C ASN A 59 4.62 -11.18 -7.13
N GLU A 60 5.13 -10.59 -6.05
CA GLU A 60 4.86 -11.03 -4.68
C GLU A 60 3.43 -10.66 -4.25
N LEU A 61 2.97 -9.43 -4.54
CA LEU A 61 1.58 -9.01 -4.33
C LEU A 61 0.60 -9.91 -5.11
N LYS A 62 0.92 -10.21 -6.38
CA LYS A 62 0.12 -11.09 -7.25
C LYS A 62 0.03 -12.51 -6.67
N LYS A 63 1.15 -13.09 -6.19
CA LYS A 63 1.16 -14.41 -5.50
C LYS A 63 0.27 -14.44 -4.25
N ILE A 64 0.20 -13.34 -3.49
CA ILE A 64 -0.69 -13.21 -2.32
C ILE A 64 -2.16 -13.09 -2.77
N GLN A 65 -2.44 -12.19 -3.71
CA GLN A 65 -3.80 -11.93 -4.22
C GLN A 65 -4.37 -13.05 -5.10
N ASP A 66 -3.52 -13.93 -5.65
CA ASP A 66 -3.96 -15.16 -6.34
C ASP A 66 -4.72 -16.09 -5.38
N GLU A 67 -4.39 -16.08 -4.08
CA GLU A 67 -5.10 -16.82 -3.03
C GLU A 67 -6.30 -16.03 -2.43
N GLY A 68 -6.28 -14.70 -2.56
CA GLY A 68 -7.35 -13.79 -2.11
C GLY A 68 -7.62 -13.78 -0.60
N LYS A 69 -6.60 -14.10 0.19
CA LYS A 69 -6.59 -14.28 1.65
C LYS A 69 -6.64 -12.97 2.47
N VAL A 70 -7.44 -12.00 2.03
CA VAL A 70 -7.45 -10.61 2.53
C VAL A 70 -8.89 -10.07 2.68
N ASP A 71 -9.12 -9.22 3.69
CA ASP A 71 -10.38 -8.50 3.90
C ASP A 71 -10.42 -7.13 3.17
N ARG A 72 -9.26 -6.43 3.10
CA ARG A 72 -9.04 -5.24 2.25
C ARG A 72 -7.56 -5.07 1.85
N ILE A 73 -7.34 -4.64 0.60
CA ILE A 73 -6.02 -4.37 0.01
C ILE A 73 -5.93 -2.86 -0.23
N ILE A 74 -4.81 -2.24 0.16
CA ILE A 74 -4.60 -0.78 0.06
C ILE A 74 -3.24 -0.50 -0.62
N LEU A 75 -3.25 0.30 -1.68
CA LEU A 75 -2.05 0.68 -2.44
C LEU A 75 -1.60 2.09 -2.05
N LEU A 76 -0.35 2.24 -1.64
CA LEU A 76 0.26 3.49 -1.19
C LEU A 76 1.36 3.91 -2.17
N ILE A 77 1.23 5.10 -2.74
CA ILE A 77 2.07 5.62 -3.83
C ILE A 77 2.82 6.89 -3.36
N LYS A 78 4.11 7.00 -3.67
CA LYS A 78 4.93 8.15 -3.28
C LYS A 78 4.85 9.30 -4.29
N GLY A 79 4.77 10.54 -3.81
CA GLY A 79 4.58 11.74 -4.64
C GLY A 79 5.78 12.05 -5.54
N SER A 80 5.53 12.30 -6.83
CA SER A 80 6.57 12.41 -7.88
C SER A 80 7.30 13.77 -7.91
N LEU A 81 6.59 14.88 -7.73
CA LEU A 81 7.12 16.25 -7.84
C LEU A 81 7.48 16.87 -6.48
N GLU A 82 6.96 16.31 -5.40
CA GLU A 82 7.17 16.78 -4.03
C GLU A 82 8.64 16.57 -3.60
N HIS A 83 9.21 17.56 -2.91
CA HIS A 83 10.63 17.65 -2.54
C HIS A 83 11.64 17.60 -3.72
N HIS A 84 11.18 17.69 -4.98
CA HIS A 84 12.05 17.75 -6.16
C HIS A 84 12.76 19.12 -6.31
N HIS A 85 12.17 20.17 -5.74
CA HIS A 85 12.70 21.54 -5.73
C HIS A 85 12.70 22.12 -4.30
N HIS A 86 13.85 22.62 -3.85
CA HIS A 86 14.09 23.21 -2.53
C HIS A 86 13.74 22.29 -1.33
N HIS A 87 13.76 22.83 -0.11
CA HIS A 87 13.37 22.15 1.14
C HIS A 87 12.64 23.13 2.09
N HIS A 88 11.55 22.66 2.72
CA HIS A 88 10.70 23.40 3.68
C HIS A 88 10.30 24.81 3.17
N GLY A 1 -8.83 -11.72 10.56
CA GLY A 1 -8.91 -10.92 9.32
C GLY A 1 -7.56 -10.35 8.94
N THR A 2 -7.39 -9.94 7.69
CA THR A 2 -6.10 -9.44 7.15
C THR A 2 -6.25 -8.16 6.33
N ILE A 3 -5.33 -7.22 6.56
CA ILE A 3 -5.25 -5.94 5.87
C ILE A 3 -3.88 -5.84 5.18
N LEU A 4 -3.89 -5.86 3.85
CA LEU A 4 -2.70 -5.96 3.01
C LEU A 4 -2.33 -4.57 2.46
N ILE A 5 -1.12 -4.10 2.78
CA ILE A 5 -0.53 -2.85 2.28
C ILE A 5 0.43 -3.14 1.12
N PHE A 6 0.28 -2.40 0.02
CA PHE A 6 1.27 -2.34 -1.05
C PHE A 6 1.89 -0.95 -1.08
N LEU A 7 3.22 -0.86 -1.03
CA LEU A 7 3.98 0.40 -1.10
C LEU A 7 4.69 0.52 -2.44
N ASP A 8 4.51 1.64 -3.14
CA ASP A 8 5.23 1.93 -4.39
C ASP A 8 5.81 3.35 -4.44
N LYS A 9 7.06 3.46 -4.89
CA LYS A 9 7.78 4.70 -5.21
C LYS A 9 7.24 5.41 -6.47
N ASN A 10 6.49 4.71 -7.31
CA ASN A 10 6.07 5.12 -8.65
C ASN A 10 4.56 4.88 -8.88
N LYS A 11 3.89 5.86 -9.52
CA LYS A 11 2.44 5.81 -9.76
C LYS A 11 2.04 4.91 -10.93
N GLU A 12 2.80 4.92 -12.02
CA GLU A 12 2.49 4.14 -13.23
C GLU A 12 2.55 2.62 -12.97
N GLN A 13 3.53 2.16 -12.20
CA GLN A 13 3.67 0.75 -11.82
C GLN A 13 2.53 0.28 -10.90
N ALA A 14 2.17 1.09 -9.92
CA ALA A 14 1.05 0.83 -9.01
C ALA A 14 -0.32 0.83 -9.73
N GLU A 15 -0.56 1.79 -10.63
CA GLU A 15 -1.76 1.85 -11.47
C GLU A 15 -1.85 0.66 -12.43
N LYS A 16 -0.72 0.26 -13.05
CA LYS A 16 -0.63 -0.95 -13.88
C LYS A 16 -1.00 -2.20 -13.08
N LEU A 17 -0.41 -2.40 -11.89
CA LEU A 17 -0.73 -3.53 -11.03
C LEU A 17 -2.20 -3.54 -10.62
N ALA A 18 -2.76 -2.39 -10.20
CA ALA A 18 -4.17 -2.30 -9.82
C ALA A 18 -5.11 -2.70 -10.98
N LYS A 19 -4.73 -2.38 -12.23
CA LYS A 19 -5.43 -2.82 -13.45
C LYS A 19 -5.27 -4.31 -13.75
N GLU A 20 -4.08 -4.88 -13.50
CA GLU A 20 -3.80 -6.32 -13.68
C GLU A 20 -4.49 -7.20 -12.62
N VAL A 21 -4.57 -6.72 -11.38
CA VAL A 21 -4.99 -7.47 -10.19
C VAL A 21 -6.45 -7.22 -9.77
N GLY A 22 -7.08 -6.15 -10.29
CA GLY A 22 -8.49 -5.80 -10.05
C GLY A 22 -8.77 -5.01 -8.76
N VAL A 23 -7.72 -4.51 -8.09
CA VAL A 23 -7.82 -3.68 -6.87
C VAL A 23 -8.11 -2.21 -7.19
N THR A 24 -8.84 -1.51 -6.31
CA THR A 24 -9.28 -0.10 -6.50
C THR A 24 -8.91 0.87 -5.35
N GLU A 25 -8.51 0.38 -4.17
CA GLU A 25 -8.32 1.20 -2.96
C GLU A 25 -6.92 1.84 -2.91
N ILE A 26 -6.77 2.92 -3.68
CA ILE A 26 -5.51 3.64 -3.89
C ILE A 26 -5.43 4.91 -3.02
N TYR A 27 -4.24 5.15 -2.45
CA TYR A 27 -3.85 6.29 -1.61
C TYR A 27 -2.53 6.90 -2.11
N GLU A 28 -2.30 8.19 -1.87
CA GLU A 28 -1.08 8.90 -2.31
C GLU A 28 -0.62 9.95 -1.29
N SER A 29 0.70 10.06 -1.08
CA SER A 29 1.33 11.15 -0.30
C SER A 29 2.82 11.29 -0.63
N ASP A 30 3.40 12.47 -0.38
CA ASP A 30 4.85 12.68 -0.42
C ASP A 30 5.53 11.91 0.73
N ASN A 31 4.89 11.87 1.90
CA ASN A 31 5.37 11.17 3.10
C ASN A 31 4.87 9.71 3.14
N LEU A 32 5.10 8.94 2.08
CA LEU A 32 4.63 7.55 1.92
C LEU A 32 4.92 6.68 3.16
N GLU A 33 6.13 6.80 3.69
CA GLU A 33 6.59 6.07 4.88
C GLU A 33 5.85 6.45 6.17
N GLU A 34 5.43 7.71 6.33
CA GLU A 34 4.58 8.15 7.44
C GLU A 34 3.11 7.72 7.22
N LEU A 35 2.64 7.79 5.96
CA LEU A 35 1.29 7.39 5.53
C LEU A 35 1.00 5.93 5.94
N TYR A 36 1.94 5.03 5.66
CA TYR A 36 1.89 3.62 6.06
C TYR A 36 1.61 3.43 7.56
N ARG A 37 2.36 4.13 8.42
CA ARG A 37 2.20 4.06 9.89
C ARG A 37 0.87 4.65 10.33
N GLU A 38 0.49 5.81 9.80
CA GLU A 38 -0.74 6.53 10.12
C GLU A 38 -2.01 5.70 9.81
N ILE A 39 -1.98 4.86 8.77
CA ILE A 39 -3.05 3.89 8.49
C ILE A 39 -3.01 2.73 9.49
N LYS A 40 -1.88 2.00 9.61
CA LYS A 40 -1.82 0.75 10.38
C LYS A 40 -1.99 0.92 11.89
N GLU A 41 -1.55 2.05 12.43
CA GLU A 41 -1.85 2.44 13.82
C GLU A 41 -3.35 2.42 14.12
N ARG A 42 -4.19 2.88 13.17
CA ARG A 42 -5.65 2.88 13.32
C ARG A 42 -6.24 1.47 13.15
N ILE A 43 -5.72 0.68 12.22
CA ILE A 43 -6.14 -0.72 12.00
C ILE A 43 -6.01 -1.57 13.27
N GLU A 44 -4.92 -1.39 14.02
CA GLU A 44 -4.67 -2.18 15.24
C GLU A 44 -5.65 -1.88 16.39
N ARG A 45 -6.14 -0.65 16.52
CA ARG A 45 -7.22 -0.31 17.48
C ARG A 45 -8.62 -0.63 16.97
N GLU A 46 -8.90 -0.34 15.70
CA GLU A 46 -10.23 -0.50 15.11
C GLU A 46 -10.59 -1.97 14.80
N ASN A 47 -9.59 -2.81 14.53
CA ASN A 47 -9.74 -4.25 14.31
C ASN A 47 -8.76 -5.05 15.21
N PRO A 48 -9.18 -5.52 16.40
CA PRO A 48 -8.30 -6.28 17.30
C PRO A 48 -7.94 -7.69 16.75
N ASN A 49 -8.69 -8.18 15.75
CA ASN A 49 -8.44 -9.43 15.02
C ASN A 49 -7.71 -9.22 13.67
N ALA A 50 -7.12 -8.04 13.44
CA ALA A 50 -6.34 -7.71 12.24
C ALA A 50 -5.04 -8.52 12.10
N THR A 51 -4.57 -8.65 10.86
CA THR A 51 -3.25 -9.20 10.49
C THR A 51 -2.58 -8.21 9.54
N ILE A 52 -1.32 -7.87 9.82
CA ILE A 52 -0.54 -6.90 9.04
C ILE A 52 0.31 -7.65 7.99
N LEU A 53 0.04 -7.36 6.72
CA LEU A 53 0.83 -7.80 5.56
C LEU A 53 1.28 -6.57 4.76
N THR A 54 2.55 -6.52 4.35
CA THR A 54 3.14 -5.39 3.62
C THR A 54 4.07 -5.88 2.50
N VAL A 55 3.95 -5.32 1.29
CA VAL A 55 4.73 -5.68 0.10
C VAL A 55 5.20 -4.46 -0.70
N THR A 56 6.28 -4.65 -1.48
CA THR A 56 6.90 -3.63 -2.35
C THR A 56 7.09 -4.09 -3.81
N ASP A 57 6.72 -5.34 -4.15
CA ASP A 57 6.92 -5.96 -5.47
C ASP A 57 5.62 -6.57 -6.02
N PRO A 58 5.18 -6.28 -7.26
CA PRO A 58 3.96 -6.84 -7.84
C PRO A 58 3.99 -8.35 -7.98
N ASN A 59 5.15 -8.97 -8.18
CA ASN A 59 5.28 -10.43 -8.27
C ASN A 59 4.96 -11.12 -6.93
N GLU A 60 5.14 -10.42 -5.81
CA GLU A 60 4.78 -10.89 -4.47
C GLU A 60 3.32 -10.52 -4.13
N LEU A 61 2.90 -9.27 -4.39
CA LEU A 61 1.52 -8.82 -4.17
C LEU A 61 0.52 -9.67 -4.96
N LYS A 62 0.75 -9.86 -6.27
CA LYS A 62 -0.11 -10.65 -7.16
C LYS A 62 -0.20 -12.11 -6.69
N LYS A 63 0.89 -12.70 -6.21
CA LYS A 63 0.92 -14.07 -5.66
C LYS A 63 0.05 -14.22 -4.39
N ILE A 64 -0.02 -13.19 -3.54
CA ILE A 64 -0.92 -13.14 -2.38
C ILE A 64 -2.37 -12.90 -2.84
N GLN A 65 -2.60 -11.93 -3.72
CA GLN A 65 -3.93 -11.57 -4.24
C GLN A 65 -4.59 -12.70 -5.05
N ASP A 66 -3.79 -13.54 -5.73
CA ASP A 66 -4.27 -14.69 -6.49
C ASP A 66 -5.02 -15.72 -5.60
N GLU A 67 -4.74 -15.75 -4.28
CA GLU A 67 -5.39 -16.64 -3.31
C GLU A 67 -6.70 -16.07 -2.72
N GLY A 68 -6.95 -14.76 -2.85
CA GLY A 68 -8.16 -14.08 -2.36
C GLY A 68 -8.40 -14.14 -0.84
N LYS A 69 -7.32 -14.23 -0.08
CA LYS A 69 -7.23 -14.51 1.37
C LYS A 69 -7.23 -13.26 2.27
N VAL A 70 -7.85 -12.16 1.82
CA VAL A 70 -7.74 -10.82 2.41
C VAL A 70 -9.10 -10.14 2.58
N ASP A 71 -9.27 -9.30 3.61
CA ASP A 71 -10.47 -8.47 3.80
C ASP A 71 -10.41 -7.15 3.01
N ARG A 72 -9.23 -6.52 2.93
CA ARG A 72 -8.94 -5.35 2.08
C ARG A 72 -7.48 -5.28 1.64
N ILE A 73 -7.26 -4.79 0.42
CA ILE A 73 -5.93 -4.56 -0.18
C ILE A 73 -5.82 -3.06 -0.50
N ILE A 74 -4.81 -2.40 0.07
CA ILE A 74 -4.63 -0.94 0.05
C ILE A 74 -3.31 -0.62 -0.66
N LEU A 75 -3.35 0.22 -1.70
CA LEU A 75 -2.18 0.58 -2.50
C LEU A 75 -1.78 2.03 -2.19
N LEU A 76 -0.63 2.21 -1.54
CA LEU A 76 -0.06 3.51 -1.20
C LEU A 76 1.03 3.86 -2.23
N ILE A 77 0.97 5.08 -2.76
CA ILE A 77 1.84 5.57 -3.84
C ILE A 77 2.60 6.82 -3.35
N LYS A 78 3.91 6.90 -3.61
CA LYS A 78 4.73 8.05 -3.26
C LYS A 78 4.57 9.18 -4.28
N GLY A 79 4.49 10.42 -3.80
CA GLY A 79 4.51 11.62 -4.63
C GLY A 79 5.85 11.75 -5.37
N SER A 80 5.82 11.79 -6.70
CA SER A 80 7.01 11.69 -7.57
C SER A 80 8.01 12.85 -7.45
N LEU A 81 7.55 14.01 -6.97
CA LEU A 81 8.38 15.20 -6.72
C LEU A 81 9.11 15.21 -5.37
N GLU A 82 8.88 14.22 -4.49
CA GLU A 82 9.65 14.09 -3.23
C GLU A 82 11.03 13.47 -3.53
N HIS A 83 12.09 14.28 -3.44
CA HIS A 83 13.48 13.86 -3.64
C HIS A 83 14.43 14.66 -2.72
N HIS A 84 15.45 14.00 -2.18
CA HIS A 84 16.46 14.63 -1.33
C HIS A 84 17.31 15.66 -2.11
N HIS A 85 17.71 16.73 -1.43
CA HIS A 85 18.46 17.87 -1.99
C HIS A 85 19.36 18.49 -0.91
N HIS A 86 20.54 18.98 -1.30
CA HIS A 86 21.59 19.40 -0.37
C HIS A 86 21.29 20.76 0.29
N HIS A 87 21.61 20.88 1.58
CA HIS A 87 21.52 22.12 2.37
C HIS A 87 22.79 22.98 2.25
N HIS A 88 22.72 24.25 2.66
CA HIS A 88 23.82 25.22 2.69
C HIS A 88 23.93 25.90 4.07
N GLY A 1 -9.11 -11.44 10.52
CA GLY A 1 -9.14 -10.73 9.21
C GLY A 1 -7.77 -10.17 8.88
N THR A 2 -7.45 -10.01 7.59
CA THR A 2 -6.14 -9.52 7.10
C THR A 2 -6.28 -8.25 6.29
N ILE A 3 -5.35 -7.31 6.51
CA ILE A 3 -5.29 -6.02 5.83
C ILE A 3 -3.95 -5.87 5.10
N LEU A 4 -4.01 -5.70 3.77
CA LEU A 4 -2.86 -5.61 2.87
C LEU A 4 -2.48 -4.15 2.57
N ILE A 5 -1.19 -3.88 2.58
CA ILE A 5 -0.57 -2.64 2.10
C ILE A 5 0.37 -2.95 0.94
N PHE A 6 0.24 -2.21 -0.16
CA PHE A 6 1.25 -2.19 -1.22
C PHE A 6 1.88 -0.80 -1.27
N LEU A 7 3.21 -0.75 -1.30
CA LEU A 7 4.01 0.49 -1.36
C LEU A 7 4.80 0.58 -2.67
N ASP A 8 4.77 1.74 -3.33
CA ASP A 8 5.58 2.01 -4.53
C ASP A 8 6.05 3.49 -4.57
N LYS A 9 7.28 3.74 -5.03
CA LYS A 9 7.80 5.09 -5.32
C LYS A 9 7.50 5.58 -6.75
N ASN A 10 6.98 4.69 -7.62
CA ASN A 10 6.53 4.98 -8.98
C ASN A 10 5.00 4.86 -9.10
N LYS A 11 4.35 5.76 -9.85
CA LYS A 11 2.89 5.78 -10.03
C LYS A 11 2.40 4.82 -11.12
N GLU A 12 3.08 4.78 -12.27
CA GLU A 12 2.63 4.04 -13.45
C GLU A 12 2.59 2.53 -13.21
N GLN A 13 3.61 1.97 -12.55
CA GLN A 13 3.68 0.55 -12.19
C GLN A 13 2.64 0.18 -11.10
N ALA A 14 2.39 1.07 -10.16
CA ALA A 14 1.34 0.93 -9.14
C ALA A 14 -0.08 0.93 -9.73
N GLU A 15 -0.36 1.83 -10.69
CA GLU A 15 -1.62 1.84 -11.43
C GLU A 15 -1.81 0.57 -12.27
N LYS A 16 -0.76 0.10 -12.97
CA LYS A 16 -0.79 -1.16 -13.73
C LYS A 16 -1.06 -2.36 -12.83
N LEU A 17 -0.48 -2.44 -11.64
CA LEU A 17 -0.77 -3.49 -10.67
C LEU A 17 -2.22 -3.42 -10.19
N ALA A 18 -2.72 -2.24 -9.82
CA ALA A 18 -4.10 -2.07 -9.41
C ALA A 18 -5.10 -2.50 -10.50
N LYS A 19 -4.77 -2.26 -11.78
CA LYS A 19 -5.57 -2.72 -12.94
C LYS A 19 -5.45 -4.22 -13.20
N GLU A 20 -4.29 -4.82 -12.98
CA GLU A 20 -4.04 -6.26 -13.09
C GLU A 20 -4.74 -7.07 -11.99
N VAL A 21 -4.84 -6.50 -10.79
CA VAL A 21 -5.28 -7.18 -9.55
C VAL A 21 -6.69 -6.80 -9.09
N GLY A 22 -7.32 -5.81 -9.75
CA GLY A 22 -8.69 -5.35 -9.47
C GLY A 22 -8.85 -4.41 -8.28
N VAL A 23 -7.75 -3.86 -7.73
CA VAL A 23 -7.76 -2.91 -6.61
C VAL A 23 -8.19 -1.50 -7.04
N THR A 24 -9.02 -0.86 -6.21
CA THR A 24 -9.53 0.52 -6.40
C THR A 24 -9.17 1.48 -5.25
N GLU A 25 -8.72 0.97 -4.10
CA GLU A 25 -8.41 1.76 -2.90
C GLU A 25 -6.98 2.31 -2.93
N ILE A 26 -6.79 3.30 -3.80
CA ILE A 26 -5.51 3.92 -4.13
C ILE A 26 -5.32 5.24 -3.37
N TYR A 27 -4.14 5.43 -2.79
CA TYR A 27 -3.69 6.58 -2.01
C TYR A 27 -2.36 7.13 -2.57
N GLU A 28 -2.13 8.44 -2.45
CA GLU A 28 -0.86 9.07 -2.84
C GLU A 28 -0.41 10.13 -1.82
N SER A 29 0.88 10.17 -1.48
CA SER A 29 1.48 11.17 -0.59
C SER A 29 3.01 11.26 -0.75
N ASP A 30 3.59 12.44 -0.52
CA ASP A 30 5.04 12.61 -0.39
C ASP A 30 5.59 11.96 0.90
N ASN A 31 4.74 11.87 1.94
CA ASN A 31 5.03 11.28 3.25
C ASN A 31 4.64 9.77 3.30
N LEU A 32 4.97 9.01 2.26
CA LEU A 32 4.53 7.63 2.02
C LEU A 32 4.70 6.71 3.24
N GLU A 33 5.86 6.75 3.88
CA GLU A 33 6.16 5.93 5.07
C GLU A 33 5.42 6.37 6.34
N GLU A 34 5.19 7.67 6.53
CA GLU A 34 4.39 8.17 7.66
C GLU A 34 2.92 7.80 7.47
N LEU A 35 2.42 7.89 6.23
CA LEU A 35 1.06 7.51 5.86
C LEU A 35 0.81 6.01 6.12
N TYR A 36 1.73 5.14 5.70
CA TYR A 36 1.69 3.71 5.98
C TYR A 36 1.50 3.41 7.48
N ARG A 37 2.33 4.01 8.34
CA ARG A 37 2.26 3.81 9.80
C ARG A 37 0.98 4.36 10.41
N GLU A 38 0.59 5.56 10.01
CA GLU A 38 -0.61 6.25 10.50
C GLU A 38 -1.92 5.50 10.16
N ILE A 39 -1.98 4.85 9.00
CA ILE A 39 -3.12 3.99 8.62
C ILE A 39 -3.14 2.72 9.48
N LYS A 40 -2.03 1.96 9.53
CA LYS A 40 -1.98 0.68 10.25
C LYS A 40 -2.14 0.82 11.77
N GLU A 41 -1.69 1.93 12.36
CA GLU A 41 -1.97 2.28 13.75
C GLU A 41 -3.47 2.23 14.09
N ARG A 42 -4.33 2.76 13.22
CA ARG A 42 -5.79 2.75 13.39
C ARG A 42 -6.39 1.36 13.20
N ILE A 43 -5.91 0.59 12.21
CA ILE A 43 -6.34 -0.79 11.93
C ILE A 43 -6.17 -1.70 13.16
N GLU A 44 -5.05 -1.57 13.88
CA GLU A 44 -4.72 -2.42 15.02
C GLU A 44 -5.68 -2.26 16.21
N ARG A 45 -6.24 -1.05 16.42
CA ARG A 45 -7.28 -0.79 17.43
C ARG A 45 -8.71 -1.00 16.94
N GLU A 46 -9.01 -0.59 15.71
CA GLU A 46 -10.35 -0.73 15.13
C GLU A 46 -10.71 -2.17 14.73
N ASN A 47 -9.70 -3.01 14.45
CA ASN A 47 -9.83 -4.45 14.27
C ASN A 47 -8.82 -5.18 15.17
N PRO A 48 -9.18 -5.62 16.39
CA PRO A 48 -8.26 -6.33 17.30
C PRO A 48 -7.86 -7.72 16.78
N ASN A 49 -8.60 -8.27 15.82
CA ASN A 49 -8.31 -9.52 15.09
C ASN A 49 -7.64 -9.29 13.71
N ALA A 50 -7.09 -8.09 13.46
CA ALA A 50 -6.34 -7.76 12.25
C ALA A 50 -5.04 -8.57 12.09
N THR A 51 -4.59 -8.71 10.83
CA THR A 51 -3.28 -9.24 10.45
C THR A 51 -2.65 -8.28 9.46
N ILE A 52 -1.38 -7.92 9.67
CA ILE A 52 -0.65 -6.95 8.85
C ILE A 52 0.15 -7.68 7.76
N LEU A 53 -0.14 -7.35 6.51
CA LEU A 53 0.63 -7.74 5.33
C LEU A 53 1.09 -6.48 4.57
N THR A 54 2.36 -6.43 4.18
CA THR A 54 2.98 -5.29 3.46
C THR A 54 3.91 -5.79 2.36
N VAL A 55 3.79 -5.25 1.14
CA VAL A 55 4.56 -5.65 -0.06
C VAL A 55 5.05 -4.46 -0.89
N THR A 56 6.11 -4.69 -1.66
CA THR A 56 6.77 -3.71 -2.56
C THR A 56 6.98 -4.21 -3.99
N ASP A 57 6.59 -5.46 -4.31
CA ASP A 57 6.78 -6.10 -5.62
C ASP A 57 5.48 -6.76 -6.13
N PRO A 58 5.03 -6.50 -7.38
CA PRO A 58 3.81 -7.08 -7.93
C PRO A 58 3.87 -8.61 -8.06
N ASN A 59 5.05 -9.20 -8.22
CA ASN A 59 5.21 -10.66 -8.25
C ASN A 59 4.92 -11.30 -6.88
N GLU A 60 5.02 -10.54 -5.79
CA GLU A 60 4.64 -10.97 -4.44
C GLU A 60 3.19 -10.58 -4.10
N LEU A 61 2.75 -9.36 -4.44
CA LEU A 61 1.36 -8.92 -4.23
C LEU A 61 0.37 -9.79 -5.03
N LYS A 62 0.63 -10.03 -6.33
CA LYS A 62 -0.18 -10.92 -7.17
C LYS A 62 -0.19 -12.35 -6.63
N LYS A 63 0.97 -12.86 -6.17
CA LYS A 63 1.09 -14.18 -5.53
C LYS A 63 0.24 -14.32 -4.25
N ILE A 64 0.13 -13.27 -3.42
CA ILE A 64 -0.76 -13.25 -2.25
C ILE A 64 -2.24 -13.16 -2.70
N GLN A 65 -2.56 -12.23 -3.60
CA GLN A 65 -3.93 -11.99 -4.08
C GLN A 65 -4.49 -13.16 -4.90
N ASP A 66 -3.64 -13.96 -5.56
CA ASP A 66 -4.03 -15.18 -6.25
C ASP A 66 -4.66 -16.22 -5.30
N GLU A 67 -4.31 -16.19 -4.00
CA GLU A 67 -4.85 -17.11 -2.97
C GLU A 67 -6.17 -16.61 -2.34
N GLY A 68 -6.52 -15.33 -2.51
CA GLY A 68 -7.81 -14.75 -2.11
C GLY A 68 -8.11 -14.75 -0.60
N LYS A 69 -7.07 -14.65 0.22
CA LYS A 69 -7.08 -14.84 1.69
C LYS A 69 -7.04 -13.55 2.52
N VAL A 70 -7.41 -12.42 1.91
CA VAL A 70 -7.26 -11.05 2.47
C VAL A 70 -8.56 -10.24 2.32
N ASP A 71 -8.91 -9.44 3.34
CA ASP A 71 -10.22 -8.78 3.45
C ASP A 71 -10.26 -7.38 2.81
N ARG A 72 -9.16 -6.61 2.88
CA ARG A 72 -8.98 -5.33 2.18
C ARG A 72 -7.53 -5.12 1.75
N ILE A 73 -7.34 -4.37 0.65
CA ILE A 73 -6.05 -4.11 0.01
C ILE A 73 -5.94 -2.62 -0.31
N ILE A 74 -4.95 -1.94 0.24
CA ILE A 74 -4.63 -0.53 -0.05
C ILE A 74 -3.41 -0.46 -0.97
N LEU A 75 -3.45 0.41 -1.97
CA LEU A 75 -2.30 0.73 -2.83
C LEU A 75 -1.82 2.15 -2.47
N LEU A 76 -0.64 2.29 -1.85
CA LEU A 76 -0.04 3.57 -1.49
C LEU A 76 1.10 3.91 -2.45
N ILE A 77 1.09 5.13 -2.97
CA ILE A 77 2.03 5.63 -3.98
C ILE A 77 2.77 6.87 -3.46
N LYS A 78 4.09 6.95 -3.68
CA LYS A 78 4.89 8.12 -3.30
C LYS A 78 4.71 9.26 -4.32
N GLY A 79 4.61 10.49 -3.82
CA GLY A 79 4.65 11.70 -4.66
C GLY A 79 5.99 11.80 -5.40
N SER A 80 5.94 12.03 -6.71
CA SER A 80 7.09 11.93 -7.63
C SER A 80 8.20 12.97 -7.43
N LEU A 81 7.92 14.07 -6.71
CA LEU A 81 8.87 15.15 -6.46
C LEU A 81 9.77 14.94 -5.23
N GLU A 82 9.55 13.87 -4.45
CA GLU A 82 10.36 13.53 -3.28
C GLU A 82 11.19 12.24 -3.51
N HIS A 83 12.51 12.36 -3.42
CA HIS A 83 13.45 11.22 -3.41
C HIS A 83 14.67 11.52 -2.52
N HIS A 84 15.25 12.71 -2.67
CA HIS A 84 16.26 13.29 -1.77
C HIS A 84 16.18 14.83 -1.82
N HIS A 85 16.46 15.50 -0.70
CA HIS A 85 16.51 16.98 -0.63
C HIS A 85 17.85 17.52 -1.20
N HIS A 86 17.82 18.64 -1.92
CA HIS A 86 19.02 19.32 -2.43
C HIS A 86 18.77 20.81 -2.70
N HIS A 87 19.54 21.69 -2.05
CA HIS A 87 19.58 23.15 -2.25
C HIS A 87 20.99 23.71 -1.97
N HIS A 88 21.26 24.93 -2.45
CA HIS A 88 22.50 25.69 -2.23
C HIS A 88 22.30 26.84 -1.22
N GLY A 1 -8.86 -11.48 10.37
CA GLY A 1 -9.09 -10.79 9.09
C GLY A 1 -7.81 -10.13 8.60
N THR A 2 -7.41 -10.32 7.34
CA THR A 2 -6.11 -9.85 6.82
C THR A 2 -6.22 -8.55 6.03
N ILE A 3 -5.32 -7.61 6.32
CA ILE A 3 -5.28 -6.28 5.72
C ILE A 3 -3.92 -6.06 5.03
N LEU A 4 -3.97 -5.86 3.71
CA LEU A 4 -2.82 -5.80 2.82
C LEU A 4 -2.40 -4.37 2.47
N ILE A 5 -1.08 -4.15 2.44
CA ILE A 5 -0.44 -2.91 2.00
C ILE A 5 0.52 -3.18 0.84
N PHE A 6 0.45 -2.34 -0.18
CA PHE A 6 1.44 -2.27 -1.26
C PHE A 6 2.12 -0.89 -1.24
N LEU A 7 3.46 -0.87 -1.26
CA LEU A 7 4.27 0.35 -1.24
C LEU A 7 5.09 0.49 -2.53
N ASP A 8 4.99 1.63 -3.19
CA ASP A 8 5.79 1.96 -4.38
C ASP A 8 6.18 3.45 -4.42
N LYS A 9 7.45 3.74 -4.73
CA LYS A 9 7.92 5.12 -4.91
C LYS A 9 7.40 5.77 -6.21
N ASN A 10 6.84 4.99 -7.14
CA ASN A 10 6.28 5.42 -8.43
C ASN A 10 4.81 4.99 -8.60
N LYS A 11 4.00 5.83 -9.23
CA LYS A 11 2.56 5.62 -9.47
C LYS A 11 2.26 4.67 -10.63
N GLU A 12 3.11 4.66 -11.66
CA GLU A 12 2.85 3.94 -12.93
C GLU A 12 2.64 2.44 -12.71
N GLN A 13 3.54 1.79 -11.97
CA GLN A 13 3.47 0.37 -11.66
C GLN A 13 2.34 0.04 -10.67
N ALA A 14 2.05 0.93 -9.73
CA ALA A 14 0.94 0.79 -8.78
C ALA A 14 -0.43 0.79 -9.49
N GLU A 15 -0.66 1.73 -10.42
CA GLU A 15 -1.90 1.78 -11.21
C GLU A 15 -2.04 0.58 -12.17
N LYS A 16 -0.94 0.16 -12.82
CA LYS A 16 -0.92 -1.07 -13.65
C LYS A 16 -1.24 -2.32 -12.84
N LEU A 17 -0.69 -2.45 -11.63
CA LEU A 17 -1.01 -3.54 -10.71
C LEU A 17 -2.48 -3.51 -10.29
N ALA A 18 -2.99 -2.36 -9.86
CA ALA A 18 -4.38 -2.22 -9.43
C ALA A 18 -5.37 -2.70 -10.51
N LYS A 19 -5.05 -2.41 -11.78
CA LYS A 19 -5.85 -2.85 -12.95
C LYS A 19 -5.77 -4.36 -13.20
N GLU A 20 -4.60 -4.97 -12.97
CA GLU A 20 -4.40 -6.43 -13.14
C GLU A 20 -4.91 -7.26 -11.96
N VAL A 21 -4.90 -6.69 -10.74
CA VAL A 21 -5.18 -7.38 -9.47
C VAL A 21 -6.60 -7.15 -8.93
N GLY A 22 -7.40 -6.32 -9.61
CA GLY A 22 -8.80 -6.04 -9.30
C GLY A 22 -9.06 -5.05 -8.15
N VAL A 23 -8.02 -4.34 -7.68
CA VAL A 23 -8.08 -3.43 -6.51
C VAL A 23 -8.35 -1.98 -6.92
N THR A 24 -9.09 -1.24 -6.09
CA THR A 24 -9.50 0.17 -6.31
C THR A 24 -9.00 1.17 -5.24
N GLU A 25 -8.56 0.69 -4.07
CA GLU A 25 -8.08 1.53 -2.96
C GLU A 25 -6.62 1.97 -3.18
N ILE A 26 -6.46 3.22 -3.62
CA ILE A 26 -5.19 3.83 -4.05
C ILE A 26 -5.01 5.20 -3.34
N TYR A 27 -3.82 5.44 -2.78
CA TYR A 27 -3.47 6.62 -1.96
C TYR A 27 -2.07 7.14 -2.31
N GLU A 28 -1.84 8.44 -2.20
CA GLU A 28 -0.56 9.06 -2.58
C GLU A 28 -0.20 10.24 -1.64
N SER A 29 1.07 10.33 -1.24
CA SER A 29 1.63 11.48 -0.50
C SER A 29 3.16 11.53 -0.57
N ASP A 30 3.78 12.69 -0.31
CA ASP A 30 5.24 12.80 -0.21
C ASP A 30 5.79 11.96 0.96
N ASN A 31 5.12 11.95 2.12
CA ASN A 31 5.52 11.17 3.29
C ASN A 31 4.98 9.73 3.28
N LEU A 32 5.17 9.00 2.18
CA LEU A 32 4.72 7.61 1.97
C LEU A 32 5.05 6.68 3.16
N GLU A 33 6.25 6.83 3.71
CA GLU A 33 6.75 6.07 4.86
C GLU A 33 6.01 6.37 6.18
N GLU A 34 5.52 7.59 6.38
CA GLU A 34 4.64 7.96 7.50
C GLU A 34 3.18 7.55 7.21
N LEU A 35 2.76 7.65 5.95
CA LEU A 35 1.40 7.32 5.49
C LEU A 35 1.06 5.85 5.76
N TYR A 36 2.02 4.95 5.55
CA TYR A 36 1.92 3.53 5.93
C TYR A 36 1.55 3.35 7.41
N ARG A 37 2.24 4.05 8.31
CA ARG A 37 1.99 4.01 9.76
C ARG A 37 0.62 4.59 10.10
N GLU A 38 0.26 5.73 9.52
CA GLU A 38 -1.01 6.43 9.74
C GLU A 38 -2.23 5.58 9.34
N ILE A 39 -2.11 4.75 8.30
CA ILE A 39 -3.16 3.79 7.91
C ILE A 39 -3.23 2.62 8.91
N LYS A 40 -2.12 1.91 9.15
CA LYS A 40 -2.10 0.68 9.97
C LYS A 40 -2.35 0.90 11.46
N GLU A 41 -1.97 2.06 11.99
CA GLU A 41 -2.35 2.48 13.34
C GLU A 41 -3.88 2.46 13.55
N ARG A 42 -4.65 2.91 12.55
CA ARG A 42 -6.11 2.83 12.61
C ARG A 42 -6.58 1.38 12.48
N ILE A 43 -6.02 0.58 11.57
CA ILE A 43 -6.39 -0.83 11.39
C ILE A 43 -6.24 -1.62 12.69
N GLU A 44 -5.16 -1.41 13.44
CA GLU A 44 -4.91 -2.10 14.71
C GLU A 44 -5.91 -1.73 15.83
N ARG A 45 -6.37 -0.48 15.90
CA ARG A 45 -7.41 -0.07 16.89
C ARG A 45 -8.81 -0.49 16.48
N GLU A 46 -9.11 -0.38 15.19
CA GLU A 46 -10.41 -0.75 14.61
C GLU A 46 -10.65 -2.26 14.56
N ASN A 47 -9.59 -3.05 14.30
CA ASN A 47 -9.61 -4.51 14.21
C ASN A 47 -8.52 -5.13 15.11
N PRO A 48 -8.83 -5.54 16.35
CA PRO A 48 -7.86 -6.25 17.21
C PRO A 48 -7.53 -7.67 16.69
N ASN A 49 -8.36 -8.20 15.78
CA ASN A 49 -8.17 -9.47 15.07
C ASN A 49 -7.52 -9.29 13.67
N ALA A 50 -6.92 -8.13 13.39
CA ALA A 50 -6.20 -7.87 12.13
C ALA A 50 -4.96 -8.75 11.93
N THR A 51 -4.62 -9.00 10.67
CA THR A 51 -3.36 -9.63 10.23
C THR A 51 -2.70 -8.68 9.25
N ILE A 52 -1.46 -8.27 9.51
CA ILE A 52 -0.75 -7.24 8.73
C ILE A 52 0.20 -7.89 7.72
N LEU A 53 -0.01 -7.57 6.44
CA LEU A 53 0.90 -7.90 5.33
C LEU A 53 1.27 -6.62 4.56
N THR A 54 2.54 -6.51 4.19
CA THR A 54 3.12 -5.35 3.48
C THR A 54 4.09 -5.84 2.39
N VAL A 55 3.96 -5.30 1.17
CA VAL A 55 4.73 -5.73 -0.01
C VAL A 55 5.29 -4.55 -0.82
N THR A 56 6.38 -4.79 -1.55
CA THR A 56 7.09 -3.81 -2.40
C THR A 56 7.30 -4.28 -3.85
N ASP A 57 6.77 -5.45 -4.23
CA ASP A 57 6.88 -6.03 -5.56
C ASP A 57 5.52 -6.59 -6.03
N PRO A 58 5.03 -6.25 -7.24
CA PRO A 58 3.72 -6.70 -7.73
C PRO A 58 3.66 -8.20 -7.96
N ASN A 59 4.76 -8.88 -8.27
CA ASN A 59 4.77 -10.33 -8.43
C ASN A 59 4.42 -11.01 -7.09
N GLU A 60 4.92 -10.48 -5.98
CA GLU A 60 4.62 -10.94 -4.62
C GLU A 60 3.21 -10.52 -4.18
N LEU A 61 2.80 -9.26 -4.40
CA LEU A 61 1.46 -8.77 -4.07
C LEU A 61 0.39 -9.56 -4.82
N LYS A 62 0.54 -9.73 -6.14
CA LYS A 62 -0.33 -10.52 -7.02
C LYS A 62 -0.41 -11.98 -6.56
N LYS A 63 0.72 -12.63 -6.27
CA LYS A 63 0.76 -13.98 -5.68
C LYS A 63 -0.08 -14.08 -4.38
N ILE A 64 0.03 -13.12 -3.46
CA ILE A 64 -0.77 -13.09 -2.22
C ILE A 64 -2.26 -12.85 -2.53
N GLN A 65 -2.59 -11.89 -3.41
CA GLN A 65 -3.96 -11.61 -3.83
C GLN A 65 -4.60 -12.78 -4.58
N ASP A 66 -3.81 -13.57 -5.32
CA ASP A 66 -4.28 -14.74 -6.06
C ASP A 66 -4.81 -15.84 -5.12
N GLU A 67 -4.35 -15.90 -3.86
CA GLU A 67 -4.81 -16.83 -2.83
C GLU A 67 -6.16 -16.43 -2.20
N GLY A 68 -6.59 -15.16 -2.34
CA GLY A 68 -7.92 -14.65 -1.98
C GLY A 68 -8.26 -14.54 -0.48
N LYS A 69 -7.30 -14.88 0.38
CA LYS A 69 -7.35 -14.95 1.86
C LYS A 69 -7.22 -13.58 2.56
N VAL A 70 -7.85 -12.55 1.99
CA VAL A 70 -7.66 -11.14 2.37
C VAL A 70 -9.00 -10.39 2.46
N ASP A 71 -9.15 -9.52 3.47
CA ASP A 71 -10.34 -8.69 3.67
C ASP A 71 -10.32 -7.39 2.85
N ARG A 72 -9.17 -6.70 2.83
CA ARG A 72 -8.93 -5.47 2.04
C ARG A 72 -7.46 -5.30 1.63
N ILE A 73 -7.24 -4.65 0.49
CA ILE A 73 -5.92 -4.36 -0.09
C ILE A 73 -5.84 -2.86 -0.38
N ILE A 74 -4.78 -2.18 0.08
CA ILE A 74 -4.60 -0.75 -0.09
C ILE A 74 -3.21 -0.45 -0.69
N LEU A 75 -3.18 0.35 -1.75
CA LEU A 75 -1.97 0.73 -2.48
C LEU A 75 -1.57 2.16 -2.09
N LEU A 76 -0.34 2.34 -1.61
CA LEU A 76 0.24 3.63 -1.23
C LEU A 76 1.41 3.98 -2.15
N ILE A 77 1.45 5.25 -2.61
CA ILE A 77 2.42 5.76 -3.59
C ILE A 77 3.13 7.03 -3.09
N LYS A 78 4.41 7.21 -3.43
CA LYS A 78 5.18 8.42 -3.08
C LYS A 78 4.91 9.56 -4.07
N GLY A 79 4.74 10.77 -3.53
CA GLY A 79 4.47 11.97 -4.32
C GLY A 79 5.63 12.32 -5.26
N SER A 80 5.34 12.45 -6.56
CA SER A 80 6.37 12.64 -7.61
C SER A 80 6.85 14.10 -7.71
N LEU A 81 5.92 15.08 -7.68
CA LEU A 81 6.22 16.51 -7.78
C LEU A 81 6.33 17.20 -6.41
N GLU A 82 5.45 16.85 -5.48
CA GLU A 82 5.47 17.38 -4.11
C GLU A 82 6.61 16.74 -3.30
N HIS A 83 7.52 17.56 -2.77
CA HIS A 83 8.71 17.13 -2.04
C HIS A 83 9.17 18.18 -1.01
N HIS A 84 9.84 17.75 0.05
CA HIS A 84 10.54 18.63 1.00
C HIS A 84 11.87 19.12 0.40
N HIS A 85 12.16 20.42 0.52
CA HIS A 85 13.35 21.07 -0.02
C HIS A 85 14.48 21.20 1.03
N HIS A 86 15.72 21.46 0.58
CA HIS A 86 16.93 21.53 1.41
C HIS A 86 17.69 22.86 1.23
N HIS A 87 18.50 23.23 2.23
CA HIS A 87 19.30 24.47 2.24
C HIS A 87 20.64 24.32 1.48
N HIS A 88 21.21 25.46 1.08
CA HIS A 88 22.51 25.58 0.38
C HIS A 88 23.31 26.81 0.88
N GLY A 1 -8.65 -11.68 10.15
CA GLY A 1 -8.77 -11.00 8.83
C GLY A 1 -7.46 -10.32 8.47
N THR A 2 -6.97 -10.49 7.24
CA THR A 2 -5.69 -9.87 6.78
C THR A 2 -5.91 -8.57 6.04
N ILE A 3 -5.06 -7.58 6.33
CA ILE A 3 -5.04 -6.28 5.66
C ILE A 3 -3.69 -6.09 4.97
N LEU A 4 -3.74 -5.94 3.65
CA LEU A 4 -2.59 -5.97 2.74
C LEU A 4 -2.21 -4.55 2.28
N ILE A 5 -0.94 -4.19 2.43
CA ILE A 5 -0.36 -2.92 1.95
C ILE A 5 0.60 -3.18 0.78
N PHE A 6 0.44 -2.42 -0.29
CA PHE A 6 1.42 -2.35 -1.37
C PHE A 6 2.12 -0.99 -1.35
N LEU A 7 3.45 -0.98 -1.34
CA LEU A 7 4.29 0.22 -1.35
C LEU A 7 4.98 0.39 -2.71
N ASP A 8 4.88 1.59 -3.30
CA ASP A 8 5.67 1.95 -4.49
C ASP A 8 6.19 3.39 -4.42
N LYS A 9 7.50 3.55 -4.59
CA LYS A 9 8.19 4.86 -4.70
C LYS A 9 7.95 5.59 -6.02
N ASN A 10 7.32 4.94 -7.00
CA ASN A 10 6.94 5.48 -8.31
C ASN A 10 5.44 5.18 -8.62
N LYS A 11 4.86 5.92 -9.57
CA LYS A 11 3.46 5.82 -10.02
C LYS A 11 3.36 5.06 -11.36
N GLU A 12 2.15 4.94 -11.90
CA GLU A 12 1.73 4.16 -13.08
C GLU A 12 1.85 2.64 -12.92
N GLN A 13 2.95 2.12 -12.38
CA GLN A 13 3.15 0.68 -12.12
C GLN A 13 2.22 0.16 -11.02
N ALA A 14 1.98 0.97 -9.98
CA ALA A 14 0.99 0.70 -8.93
C ALA A 14 -0.45 0.74 -9.48
N GLU A 15 -0.76 1.66 -10.39
CA GLU A 15 -2.08 1.77 -11.03
C GLU A 15 -2.33 0.61 -12.01
N LYS A 16 -1.30 0.18 -12.74
CA LYS A 16 -1.32 -1.02 -13.59
C LYS A 16 -1.65 -2.27 -12.77
N LEU A 17 -1.00 -2.46 -11.61
CA LEU A 17 -1.31 -3.56 -10.71
C LEU A 17 -2.75 -3.47 -10.19
N ALA A 18 -3.22 -2.28 -9.76
CA ALA A 18 -4.60 -2.09 -9.33
C ALA A 18 -5.61 -2.50 -10.41
N LYS A 19 -5.30 -2.22 -11.69
CA LYS A 19 -6.11 -2.59 -12.86
C LYS A 19 -6.06 -4.09 -13.17
N GLU A 20 -4.93 -4.76 -12.94
CA GLU A 20 -4.81 -6.22 -13.08
C GLU A 20 -5.52 -6.98 -11.94
N VAL A 21 -5.40 -6.48 -10.71
CA VAL A 21 -5.80 -7.17 -9.46
C VAL A 21 -7.22 -6.80 -8.99
N GLY A 22 -7.85 -5.79 -9.61
CA GLY A 22 -9.22 -5.35 -9.34
C GLY A 22 -9.39 -4.44 -8.12
N VAL A 23 -8.30 -3.93 -7.55
CA VAL A 23 -8.30 -3.08 -6.34
C VAL A 23 -8.54 -1.60 -6.67
N THR A 24 -9.24 -0.90 -5.78
CA THR A 24 -9.66 0.51 -5.91
C THR A 24 -9.15 1.45 -4.80
N GLU A 25 -8.68 0.91 -3.67
CA GLU A 25 -8.10 1.68 -2.55
C GLU A 25 -6.65 2.07 -2.86
N ILE A 26 -6.48 3.31 -3.33
CA ILE A 26 -5.20 3.90 -3.74
C ILE A 26 -5.04 5.27 -3.08
N TYR A 27 -3.86 5.52 -2.50
CA TYR A 27 -3.51 6.76 -1.80
C TYR A 27 -2.11 7.26 -2.22
N GLU A 28 -1.90 8.59 -2.16
CA GLU A 28 -0.64 9.24 -2.54
C GLU A 28 -0.17 10.26 -1.48
N SER A 29 1.14 10.29 -1.21
CA SER A 29 1.82 11.26 -0.34
C SER A 29 3.33 11.25 -0.60
N ASP A 30 4.03 12.37 -0.33
CA ASP A 30 5.51 12.39 -0.32
C ASP A 30 6.08 11.81 0.99
N ASN A 31 5.35 11.97 2.10
CA ASN A 31 5.61 11.33 3.40
C ASN A 31 5.06 9.88 3.47
N LEU A 32 5.37 9.06 2.46
CA LEU A 32 4.76 7.74 2.26
C LEU A 32 4.91 6.82 3.48
N GLU A 33 6.07 6.85 4.15
CA GLU A 33 6.31 6.06 5.36
C GLU A 33 5.46 6.52 6.57
N GLU A 34 5.19 7.82 6.72
CA GLU A 34 4.24 8.30 7.74
C GLU A 34 2.80 7.90 7.39
N LEU A 35 2.48 7.85 6.09
CA LEU A 35 1.15 7.49 5.59
C LEU A 35 0.87 5.99 5.87
N TYR A 36 1.84 5.12 5.61
CA TYR A 36 1.80 3.70 5.96
C TYR A 36 1.53 3.47 7.46
N ARG A 37 2.25 4.17 8.34
CA ARG A 37 2.04 4.11 9.81
C ARG A 37 0.64 4.55 10.19
N GLU A 38 0.22 5.71 9.67
CA GLU A 38 -1.09 6.31 9.96
C GLU A 38 -2.27 5.42 9.56
N ILE A 39 -2.15 4.67 8.46
CA ILE A 39 -3.13 3.66 8.05
C ILE A 39 -3.14 2.47 9.00
N LYS A 40 -2.00 1.78 9.19
CA LYS A 40 -1.94 0.53 9.96
C LYS A 40 -2.20 0.70 11.45
N GLU A 41 -1.86 1.86 12.00
CA GLU A 41 -2.27 2.23 13.36
C GLU A 41 -3.79 2.23 13.52
N ARG A 42 -4.54 2.77 12.54
CA ARG A 42 -6.01 2.74 12.57
C ARG A 42 -6.56 1.34 12.32
N ILE A 43 -5.92 0.50 11.50
CA ILE A 43 -6.30 -0.92 11.32
C ILE A 43 -6.29 -1.66 12.67
N GLU A 44 -5.29 -1.41 13.51
CA GLU A 44 -5.21 -1.96 14.88
C GLU A 44 -6.32 -1.43 15.83
N ARG A 45 -6.80 -0.20 15.61
CA ARG A 45 -7.96 0.38 16.35
C ARG A 45 -9.29 -0.22 15.88
N GLU A 46 -9.47 -0.39 14.57
CA GLU A 46 -10.73 -0.80 13.93
C GLU A 46 -10.95 -2.32 13.97
N ASN A 47 -9.87 -3.10 13.87
CA ASN A 47 -9.89 -4.56 13.78
C ASN A 47 -8.90 -5.19 14.79
N PRO A 48 -9.34 -5.60 16.00
CA PRO A 48 -8.48 -6.32 16.96
C PRO A 48 -8.07 -7.73 16.47
N ASN A 49 -8.77 -8.27 15.47
CA ASN A 49 -8.48 -9.55 14.79
C ASN A 49 -7.68 -9.39 13.48
N ALA A 50 -7.06 -8.21 13.25
CA ALA A 50 -6.26 -7.92 12.06
C ALA A 50 -4.97 -8.74 11.95
N THR A 51 -4.51 -8.94 10.71
CA THR A 51 -3.18 -9.47 10.36
C THR A 51 -2.52 -8.51 9.37
N ILE A 52 -1.26 -8.14 9.61
CA ILE A 52 -0.53 -7.15 8.79
C ILE A 52 0.31 -7.87 7.73
N LEU A 53 0.05 -7.53 6.47
CA LEU A 53 0.86 -7.91 5.30
C LEU A 53 1.28 -6.64 4.55
N THR A 54 2.55 -6.56 4.13
CA THR A 54 3.14 -5.42 3.42
C THR A 54 4.12 -5.88 2.35
N VAL A 55 4.05 -5.31 1.14
CA VAL A 55 4.84 -5.73 -0.04
C VAL A 55 5.41 -4.55 -0.83
N THR A 56 6.50 -4.78 -1.57
CA THR A 56 7.21 -3.79 -2.40
C THR A 56 7.35 -4.21 -3.88
N ASP A 57 6.80 -5.37 -4.28
CA ASP A 57 6.91 -5.94 -5.63
C ASP A 57 5.56 -6.55 -6.10
N PRO A 58 5.07 -6.25 -7.32
CA PRO A 58 3.77 -6.74 -7.79
C PRO A 58 3.73 -8.24 -8.04
N ASN A 59 4.87 -8.88 -8.34
CA ASN A 59 4.92 -10.34 -8.48
C ASN A 59 4.63 -11.03 -7.14
N GLU A 60 5.16 -10.46 -6.04
CA GLU A 60 4.91 -10.93 -4.68
C GLU A 60 3.49 -10.56 -4.21
N LEU A 61 3.05 -9.32 -4.45
CA LEU A 61 1.68 -8.87 -4.13
C LEU A 61 0.63 -9.74 -4.84
N LYS A 62 0.80 -9.97 -6.15
CA LYS A 62 -0.08 -10.80 -6.97
C LYS A 62 -0.12 -12.25 -6.47
N LYS A 63 1.03 -12.83 -6.07
CA LYS A 63 1.11 -14.18 -5.49
C LYS A 63 0.37 -14.29 -4.15
N ILE A 64 0.37 -13.24 -3.32
CA ILE A 64 -0.42 -13.17 -2.08
C ILE A 64 -1.92 -13.02 -2.41
N GLN A 65 -2.27 -12.09 -3.31
CA GLN A 65 -3.66 -11.82 -3.69
C GLN A 65 -4.32 -13.00 -4.44
N ASP A 66 -3.54 -13.81 -5.17
CA ASP A 66 -4.02 -14.99 -5.88
C ASP A 66 -4.68 -16.03 -4.94
N GLU A 67 -4.27 -16.07 -3.67
CA GLU A 67 -4.82 -16.99 -2.64
C GLU A 67 -6.12 -16.47 -2.01
N GLY A 68 -6.41 -15.17 -2.10
CA GLY A 68 -7.69 -14.54 -1.71
C GLY A 68 -8.03 -14.51 -0.22
N LYS A 69 -7.08 -14.88 0.64
CA LYS A 69 -7.11 -14.92 2.12
C LYS A 69 -7.08 -13.53 2.79
N VAL A 70 -7.72 -12.52 2.19
CA VAL A 70 -7.55 -11.10 2.55
C VAL A 70 -8.90 -10.38 2.69
N ASP A 71 -9.02 -9.47 3.67
CA ASP A 71 -10.20 -8.63 3.90
C ASP A 71 -10.18 -7.36 3.04
N ARG A 72 -9.04 -6.66 2.98
CA ARG A 72 -8.83 -5.46 2.15
C ARG A 72 -7.37 -5.28 1.71
N ILE A 73 -7.19 -4.65 0.56
CA ILE A 73 -5.89 -4.35 -0.07
C ILE A 73 -5.82 -2.84 -0.33
N ILE A 74 -4.73 -2.20 0.09
CA ILE A 74 -4.54 -0.74 -0.03
C ILE A 74 -3.17 -0.46 -0.68
N LEU A 75 -3.15 0.39 -1.69
CA LEU A 75 -1.96 0.75 -2.47
C LEU A 75 -1.51 2.17 -2.13
N LEU A 76 -0.26 2.29 -1.67
CA LEU A 76 0.36 3.55 -1.26
C LEU A 76 1.46 3.92 -2.26
N ILE A 77 1.32 5.10 -2.89
CA ILE A 77 2.20 5.58 -3.95
C ILE A 77 2.92 6.85 -3.48
N LYS A 78 4.25 6.93 -3.66
CA LYS A 78 5.01 8.14 -3.33
C LYS A 78 4.83 9.19 -4.42
N GLY A 79 4.56 10.45 -4.04
CA GLY A 79 4.43 11.56 -4.97
C GLY A 79 5.79 11.90 -5.62
N SER A 80 5.87 11.81 -6.95
CA SER A 80 7.12 11.95 -7.72
C SER A 80 7.59 13.40 -7.91
N LEU A 81 6.65 14.35 -8.04
CA LEU A 81 6.93 15.76 -8.32
C LEU A 81 7.27 16.58 -7.04
N GLU A 82 6.73 16.18 -5.89
CA GLU A 82 6.97 16.82 -4.59
C GLU A 82 8.20 16.20 -3.87
N HIS A 83 9.02 17.04 -3.25
CA HIS A 83 10.21 16.62 -2.49
C HIS A 83 10.53 17.59 -1.35
N HIS A 84 10.91 17.08 -0.18
CA HIS A 84 11.26 17.87 1.01
C HIS A 84 12.75 18.29 0.98
N HIS A 85 13.10 19.16 0.03
CA HIS A 85 14.46 19.63 -0.25
C HIS A 85 14.51 21.15 -0.48
N HIS A 86 15.51 21.82 0.11
CA HIS A 86 15.74 23.26 0.00
C HIS A 86 16.72 23.60 -1.15
N HIS A 87 16.54 24.74 -1.81
CA HIS A 87 17.43 25.22 -2.86
C HIS A 87 18.87 25.47 -2.35
N HIS A 88 19.87 25.24 -3.21
CA HIS A 88 21.29 25.52 -2.94
C HIS A 88 21.59 27.03 -2.88
N GLY A 1 -8.75 -11.94 10.37
CA GLY A 1 -8.82 -11.15 9.12
C GLY A 1 -7.47 -10.53 8.80
N THR A 2 -7.26 -10.13 7.55
CA THR A 2 -5.96 -9.58 7.07
C THR A 2 -6.13 -8.31 6.27
N ILE A 3 -5.23 -7.34 6.51
CA ILE A 3 -5.18 -6.06 5.79
C ILE A 3 -3.79 -5.91 5.15
N LEU A 4 -3.81 -5.75 3.83
CA LEU A 4 -2.61 -5.80 2.98
C LEU A 4 -2.24 -4.38 2.51
N ILE A 5 -1.01 -3.95 2.78
CA ILE A 5 -0.41 -2.71 2.29
C ILE A 5 0.53 -3.01 1.12
N PHE A 6 0.40 -2.23 0.05
CA PHE A 6 1.37 -2.20 -1.04
C PHE A 6 2.02 -0.82 -1.11
N LEU A 7 3.35 -0.76 -1.20
CA LEU A 7 4.13 0.48 -1.30
C LEU A 7 4.81 0.58 -2.66
N ASP A 8 4.59 1.66 -3.40
CA ASP A 8 5.25 1.93 -4.68
C ASP A 8 5.89 3.33 -4.76
N LYS A 9 7.06 3.40 -5.41
CA LYS A 9 7.79 4.63 -5.73
C LYS A 9 7.28 5.29 -7.02
N ASN A 10 6.52 4.56 -7.83
CA ASN A 10 6.01 4.94 -9.16
C ASN A 10 4.49 4.75 -9.27
N LYS A 11 3.78 5.83 -9.60
CA LYS A 11 2.32 5.85 -9.83
C LYS A 11 1.88 4.94 -10.97
N GLU A 12 2.62 4.92 -12.07
CA GLU A 12 2.21 4.21 -13.27
C GLU A 12 2.26 2.68 -13.08
N GLN A 13 3.27 2.20 -12.33
CA GLN A 13 3.40 0.79 -11.92
C GLN A 13 2.27 0.40 -10.96
N ALA A 14 1.95 1.26 -9.99
CA ALA A 14 0.84 1.06 -9.07
C ALA A 14 -0.52 0.93 -9.79
N GLU A 15 -0.80 1.80 -10.77
CA GLU A 15 -2.01 1.68 -11.61
C GLU A 15 -2.00 0.41 -12.47
N LYS A 16 -0.85 0.03 -13.03
CA LYS A 16 -0.70 -1.21 -13.82
C LYS A 16 -1.03 -2.45 -12.99
N LEU A 17 -0.49 -2.57 -11.77
CA LEU A 17 -0.82 -3.65 -10.84
C LEU A 17 -2.30 -3.60 -10.43
N ALA A 18 -2.83 -2.43 -10.07
CA ALA A 18 -4.24 -2.29 -9.70
C ALA A 18 -5.20 -2.67 -10.85
N LYS A 19 -4.79 -2.47 -12.11
CA LYS A 19 -5.52 -2.90 -13.31
C LYS A 19 -5.45 -4.42 -13.54
N GLU A 20 -4.33 -5.06 -13.20
CA GLU A 20 -4.19 -6.53 -13.27
C GLU A 20 -4.92 -7.26 -12.13
N VAL A 21 -4.92 -6.67 -10.92
CA VAL A 21 -5.33 -7.32 -9.66
C VAL A 21 -6.69 -6.87 -9.12
N GLY A 22 -7.29 -5.80 -9.66
CA GLY A 22 -8.61 -5.30 -9.29
C GLY A 22 -8.66 -4.39 -8.06
N VAL A 23 -7.51 -3.91 -7.56
CA VAL A 23 -7.42 -2.97 -6.41
C VAL A 23 -8.03 -1.60 -6.74
N THR A 24 -8.73 -1.01 -5.77
CA THR A 24 -9.38 0.32 -5.85
C THR A 24 -9.02 1.29 -4.71
N GLU A 25 -8.48 0.78 -3.59
CA GLU A 25 -8.18 1.57 -2.38
C GLU A 25 -6.78 2.19 -2.45
N ILE A 26 -6.65 3.13 -3.39
CA ILE A 26 -5.39 3.75 -3.81
C ILE A 26 -5.22 5.13 -3.15
N TYR A 27 -4.01 5.38 -2.65
CA TYR A 27 -3.57 6.60 -1.95
C TYR A 27 -2.22 7.08 -2.50
N GLU A 28 -1.94 8.38 -2.40
CA GLU A 28 -0.64 8.97 -2.74
C GLU A 28 -0.21 10.01 -1.69
N SER A 29 1.08 10.04 -1.34
CA SER A 29 1.66 10.99 -0.38
C SER A 29 3.18 11.14 -0.55
N ASP A 30 3.70 12.33 -0.28
CA ASP A 30 5.15 12.60 -0.22
C ASP A 30 5.79 11.87 0.99
N ASN A 31 5.10 11.85 2.13
CA ASN A 31 5.47 11.13 3.36
C ASN A 31 4.98 9.67 3.33
N LEU A 32 5.32 8.92 2.28
CA LEU A 32 4.83 7.56 2.00
C LEU A 32 4.92 6.62 3.22
N GLU A 33 6.05 6.62 3.92
CA GLU A 33 6.28 5.80 5.11
C GLU A 33 5.50 6.25 6.35
N GLU A 34 5.22 7.55 6.51
CA GLU A 34 4.42 8.05 7.63
C GLU A 34 2.93 7.75 7.39
N LEU A 35 2.50 7.80 6.13
CA LEU A 35 1.15 7.44 5.69
C LEU A 35 0.86 5.96 6.00
N TYR A 36 1.81 5.06 5.71
CA TYR A 36 1.77 3.65 6.09
C TYR A 36 1.51 3.44 7.60
N ARG A 37 2.26 4.13 8.47
CA ARG A 37 2.09 4.07 9.94
C ARG A 37 0.72 4.57 10.37
N GLU A 38 0.33 5.73 9.85
CA GLU A 38 -0.95 6.39 10.16
C GLU A 38 -2.18 5.54 9.82
N ILE A 39 -2.11 4.75 8.73
CA ILE A 39 -3.16 3.79 8.37
C ILE A 39 -3.16 2.59 9.32
N LYS A 40 -2.03 1.88 9.48
CA LYS A 40 -1.98 0.61 10.22
C LYS A 40 -2.21 0.76 11.71
N GLU A 41 -1.81 1.90 12.30
CA GLU A 41 -2.18 2.25 13.67
C GLU A 41 -3.70 2.26 13.87
N ARG A 42 -4.47 2.84 12.94
CA ARG A 42 -5.93 2.88 13.01
C ARG A 42 -6.56 1.51 12.72
N ILE A 43 -5.96 0.70 11.85
CA ILE A 43 -6.39 -0.70 11.61
C ILE A 43 -6.30 -1.52 12.90
N GLU A 44 -5.20 -1.39 13.65
CA GLU A 44 -5.01 -2.04 14.96
C GLU A 44 -5.99 -1.55 16.03
N ARG A 45 -6.44 -0.28 15.95
CA ARG A 45 -7.49 0.29 16.82
C ARG A 45 -8.89 -0.20 16.45
N GLU A 46 -9.20 -0.32 15.17
CA GLU A 46 -10.54 -0.67 14.67
C GLU A 46 -10.81 -2.19 14.60
N ASN A 47 -9.78 -2.99 14.34
CA ASN A 47 -9.87 -4.43 14.13
C ASN A 47 -8.86 -5.19 15.04
N PRO A 48 -9.27 -5.66 16.23
CA PRO A 48 -8.39 -6.46 17.11
C PRO A 48 -8.05 -7.85 16.54
N ASN A 49 -8.80 -8.31 15.53
CA ASN A 49 -8.58 -9.56 14.79
C ASN A 49 -7.79 -9.35 13.47
N ALA A 50 -7.21 -8.17 13.25
CA ALA A 50 -6.40 -7.85 12.06
C ALA A 50 -5.04 -8.60 12.00
N THR A 51 -4.54 -8.73 10.76
CA THR A 51 -3.19 -9.24 10.43
C THR A 51 -2.53 -8.25 9.48
N ILE A 52 -1.25 -7.94 9.70
CA ILE A 52 -0.51 -6.91 8.96
C ILE A 52 0.37 -7.57 7.91
N LEU A 53 0.03 -7.35 6.63
CA LEU A 53 0.82 -7.71 5.45
C LEU A 53 1.30 -6.43 4.75
N THR A 54 2.56 -6.41 4.29
CA THR A 54 3.20 -5.27 3.60
C THR A 54 4.11 -5.75 2.48
N VAL A 55 3.98 -5.20 1.27
CA VAL A 55 4.75 -5.57 0.06
C VAL A 55 5.24 -4.37 -0.76
N THR A 56 6.28 -4.61 -1.57
CA THR A 56 6.89 -3.64 -2.51
C THR A 56 7.01 -4.16 -3.96
N ASP A 57 6.55 -5.39 -4.24
CA ASP A 57 6.77 -6.10 -5.50
C ASP A 57 5.46 -6.72 -6.05
N PRO A 58 5.01 -6.41 -7.30
CA PRO A 58 3.82 -7.01 -7.90
C PRO A 58 3.94 -8.53 -8.07
N ASN A 59 5.14 -9.07 -8.25
CA ASN A 59 5.37 -10.52 -8.32
C ASN A 59 5.09 -11.22 -6.97
N GLU A 60 5.07 -10.47 -5.86
CA GLU A 60 4.62 -10.96 -4.56
C GLU A 60 3.15 -10.63 -4.33
N LEU A 61 2.67 -9.40 -4.57
CA LEU A 61 1.26 -9.07 -4.32
C LEU A 61 0.30 -9.87 -5.22
N LYS A 62 0.63 -10.08 -6.49
CA LYS A 62 -0.12 -10.96 -7.39
C LYS A 62 -0.19 -12.40 -6.85
N LYS A 63 0.86 -12.88 -6.17
CA LYS A 63 0.90 -14.20 -5.51
C LYS A 63 0.02 -14.26 -4.24
N ILE A 64 -0.07 -13.16 -3.48
CA ILE A 64 -0.98 -13.04 -2.32
C ILE A 64 -2.44 -13.01 -2.81
N GLN A 65 -2.73 -12.19 -3.82
CA GLN A 65 -4.06 -12.02 -4.40
C GLN A 65 -4.51 -13.21 -5.26
N ASP A 66 -3.59 -14.08 -5.70
CA ASP A 66 -3.91 -15.36 -6.33
C ASP A 66 -4.75 -16.26 -5.41
N GLU A 67 -4.39 -16.23 -4.12
CA GLU A 67 -4.98 -16.98 -3.02
C GLU A 67 -6.18 -16.26 -2.38
N GLY A 68 -6.23 -14.92 -2.48
CA GLY A 68 -7.38 -14.06 -2.13
C GLY A 68 -7.83 -14.05 -0.66
N LYS A 69 -6.98 -14.53 0.24
CA LYS A 69 -7.20 -14.74 1.68
C LYS A 69 -7.07 -13.47 2.54
N VAL A 70 -7.65 -12.37 2.06
CA VAL A 70 -7.47 -10.99 2.58
C VAL A 70 -8.81 -10.24 2.63
N ASP A 71 -8.98 -9.36 3.64
CA ASP A 71 -10.22 -8.59 3.83
C ASP A 71 -10.23 -7.26 3.05
N ARG A 72 -9.12 -6.51 3.06
CA ARG A 72 -8.92 -5.30 2.23
C ARG A 72 -7.46 -5.12 1.80
N ILE A 73 -7.26 -4.51 0.63
CA ILE A 73 -5.95 -4.29 0.00
C ILE A 73 -5.82 -2.79 -0.31
N ILE A 74 -4.82 -2.16 0.30
CA ILE A 74 -4.55 -0.71 0.27
C ILE A 74 -3.24 -0.47 -0.47
N LEU A 75 -3.23 0.48 -1.42
CA LEU A 75 -2.07 0.78 -2.27
C LEU A 75 -1.60 2.21 -2.04
N LEU A 76 -0.42 2.39 -1.44
CA LEU A 76 0.20 3.70 -1.21
C LEU A 76 1.28 3.99 -2.26
N ILE A 77 1.27 5.21 -2.78
CA ILE A 77 2.17 5.67 -3.84
C ILE A 77 2.98 6.87 -3.34
N LYS A 78 4.28 6.89 -3.63
CA LYS A 78 5.18 8.01 -3.28
C LYS A 78 4.94 9.21 -4.20
N GLY A 79 4.85 10.40 -3.60
CA GLY A 79 4.71 11.66 -4.35
C GLY A 79 5.97 12.00 -5.15
N SER A 80 5.81 12.22 -6.46
CA SER A 80 6.92 12.34 -7.42
C SER A 80 7.76 13.62 -7.27
N LEU A 81 7.25 14.63 -6.56
CA LEU A 81 7.93 15.92 -6.34
C LEU A 81 8.89 15.88 -5.13
N GLU A 82 8.84 14.85 -4.29
CA GLU A 82 9.67 14.74 -3.08
C GLU A 82 11.10 14.32 -3.41
N HIS A 83 12.07 15.16 -3.05
CA HIS A 83 13.52 14.90 -3.12
C HIS A 83 14.29 15.64 -2.01
N HIS A 84 14.04 16.95 -1.86
CA HIS A 84 14.52 17.79 -0.77
C HIS A 84 13.56 18.97 -0.54
N HIS A 85 13.40 19.41 0.71
CA HIS A 85 12.44 20.46 1.09
C HIS A 85 12.94 21.90 0.85
N HIS A 86 14.26 22.09 0.72
CA HIS A 86 14.95 23.39 0.62
C HIS A 86 14.77 24.31 1.85
N HIS A 87 15.59 25.36 1.95
CA HIS A 87 15.43 26.45 2.91
C HIS A 87 14.26 27.38 2.54
N HIS A 88 13.51 27.84 3.55
CA HIS A 88 12.35 28.75 3.46
C HIS A 88 11.32 28.35 2.36
N GLY A 1 -8.46 -11.57 10.60
CA GLY A 1 -8.70 -10.85 9.34
C GLY A 1 -7.43 -10.16 8.85
N THR A 2 -7.03 -10.35 7.60
CA THR A 2 -5.79 -9.75 7.05
C THR A 2 -6.04 -8.46 6.30
N ILE A 3 -5.16 -7.47 6.53
CA ILE A 3 -5.16 -6.18 5.86
C ILE A 3 -3.86 -6.03 5.08
N LEU A 4 -3.98 -6.02 3.76
CA LEU A 4 -2.88 -6.10 2.79
C LEU A 4 -2.55 -4.71 2.24
N ILE A 5 -1.27 -4.35 2.31
CA ILE A 5 -0.73 -3.06 1.89
C ILE A 5 0.29 -3.24 0.77
N PHE A 6 0.15 -2.47 -0.30
CA PHE A 6 1.18 -2.34 -1.32
C PHE A 6 1.82 -0.94 -1.25
N LEU A 7 3.16 -0.88 -1.25
CA LEU A 7 3.93 0.36 -1.24
C LEU A 7 4.72 0.52 -2.55
N ASP A 8 4.69 1.72 -3.15
CA ASP A 8 5.50 2.04 -4.33
C ASP A 8 6.04 3.48 -4.33
N LYS A 9 7.31 3.64 -4.73
CA LYS A 9 7.95 4.94 -5.00
C LYS A 9 7.62 5.49 -6.40
N ASN A 10 7.06 4.66 -7.28
CA ASN A 10 6.72 4.96 -8.67
C ASN A 10 5.22 4.74 -8.94
N LYS A 11 4.54 5.78 -9.46
CA LYS A 11 3.12 5.75 -9.83
C LYS A 11 2.84 4.83 -11.03
N GLU A 12 3.73 4.79 -12.02
CA GLU A 12 3.50 4.04 -13.28
C GLU A 12 3.35 2.53 -13.04
N GLN A 13 4.15 1.96 -12.13
CA GLN A 13 4.07 0.56 -11.73
C GLN A 13 2.81 0.28 -10.90
N ALA A 14 2.53 1.13 -9.92
CA ALA A 14 1.40 0.99 -9.01
C ALA A 14 0.02 1.11 -9.71
N GLU A 15 -0.14 2.05 -10.65
CA GLU A 15 -1.37 2.21 -11.44
C GLU A 15 -1.60 1.00 -12.37
N LYS A 16 -0.52 0.47 -12.99
CA LYS A 16 -0.57 -0.76 -13.79
C LYS A 16 -0.95 -1.96 -12.92
N LEU A 17 -0.39 -2.07 -11.71
CA LEU A 17 -0.68 -3.15 -10.79
C LEU A 17 -2.14 -3.13 -10.34
N ALA A 18 -2.69 -1.97 -9.97
CA ALA A 18 -4.09 -1.87 -9.56
C ALA A 18 -5.05 -2.34 -10.68
N LYS A 19 -4.67 -2.11 -11.95
CA LYS A 19 -5.43 -2.55 -13.13
C LYS A 19 -5.34 -4.06 -13.34
N GLU A 20 -4.17 -4.67 -13.13
CA GLU A 20 -3.97 -6.11 -13.34
C GLU A 20 -4.44 -6.98 -12.15
N VAL A 21 -4.38 -6.44 -10.93
CA VAL A 21 -4.76 -7.10 -9.66
C VAL A 21 -6.21 -6.82 -9.23
N GLY A 22 -6.89 -5.85 -9.87
CA GLY A 22 -8.31 -5.52 -9.66
C GLY A 22 -8.61 -4.63 -8.45
N VAL A 23 -7.59 -4.04 -7.80
CA VAL A 23 -7.76 -3.11 -6.65
C VAL A 23 -8.15 -1.71 -7.13
N THR A 24 -9.00 -1.03 -6.35
CA THR A 24 -9.45 0.36 -6.58
C THR A 24 -9.19 1.31 -5.40
N GLU A 25 -8.82 0.82 -4.21
CA GLU A 25 -8.53 1.66 -3.04
C GLU A 25 -7.06 2.13 -3.06
N ILE A 26 -6.84 3.19 -3.84
CA ILE A 26 -5.53 3.80 -4.08
C ILE A 26 -5.42 5.13 -3.31
N TYR A 27 -4.31 5.32 -2.61
CA TYR A 27 -3.93 6.57 -1.93
C TYR A 27 -2.56 7.05 -2.44
N GLU A 28 -2.33 8.36 -2.40
CA GLU A 28 -1.04 8.97 -2.79
C GLU A 28 -0.60 10.01 -1.75
N SER A 29 0.69 9.99 -1.39
CA SER A 29 1.26 10.86 -0.35
C SER A 29 2.74 11.15 -0.57
N ASP A 30 3.15 12.40 -0.34
CA ASP A 30 4.57 12.81 -0.39
C ASP A 30 5.41 12.15 0.71
N ASN A 31 4.82 11.75 1.83
CA ASN A 31 5.49 11.05 2.94
C ASN A 31 4.93 9.63 3.12
N LEU A 32 4.97 8.84 2.04
CA LEU A 32 4.45 7.47 1.93
C LEU A 32 4.82 6.59 3.15
N GLU A 33 6.06 6.72 3.62
CA GLU A 33 6.58 5.99 4.78
C GLU A 33 5.95 6.38 6.12
N GLU A 34 5.50 7.63 6.30
CA GLU A 34 4.69 8.01 7.48
C GLU A 34 3.22 7.60 7.27
N LEU A 35 2.72 7.71 6.03
CA LEU A 35 1.31 7.46 5.70
C LEU A 35 0.94 5.99 5.90
N TYR A 36 1.82 5.07 5.51
CA TYR A 36 1.70 3.63 5.82
C TYR A 36 1.46 3.37 7.31
N ARG A 37 2.27 3.98 8.19
CA ARG A 37 2.17 3.84 9.65
C ARG A 37 0.89 4.45 10.19
N GLU A 38 0.51 5.63 9.69
CA GLU A 38 -0.72 6.34 10.06
C GLU A 38 -1.99 5.55 9.69
N ILE A 39 -1.99 4.80 8.59
CA ILE A 39 -3.06 3.86 8.24
C ILE A 39 -3.07 2.67 9.20
N LYS A 40 -1.95 1.95 9.35
CA LYS A 40 -1.88 0.70 10.13
C LYS A 40 -2.09 0.88 11.64
N GLU A 41 -1.69 2.02 12.20
CA GLU A 41 -2.03 2.42 13.56
C GLU A 41 -3.54 2.36 13.82
N ARG A 42 -4.35 2.86 12.87
CA ARG A 42 -5.82 2.87 12.96
C ARG A 42 -6.41 1.47 12.77
N ILE A 43 -5.86 0.68 11.85
CA ILE A 43 -6.29 -0.72 11.58
C ILE A 43 -6.21 -1.58 12.84
N GLU A 44 -5.16 -1.44 13.64
CA GLU A 44 -4.95 -2.28 14.84
C GLU A 44 -5.95 -1.99 15.98
N ARG A 45 -6.45 -0.74 16.10
CA ARG A 45 -7.54 -0.39 17.04
C ARG A 45 -8.95 -0.64 16.50
N GLU A 46 -9.16 -0.40 15.21
CA GLU A 46 -10.45 -0.69 14.55
C GLU A 46 -10.71 -2.20 14.40
N ASN A 47 -9.66 -3.00 14.21
CA ASN A 47 -9.71 -4.45 14.10
C ASN A 47 -8.71 -5.10 15.07
N PRO A 48 -9.11 -5.51 16.29
CA PRO A 48 -8.22 -6.17 17.25
C PRO A 48 -7.75 -7.56 16.80
N ASN A 49 -8.41 -8.15 15.80
CA ASN A 49 -8.05 -9.42 15.14
C ASN A 49 -7.31 -9.23 13.80
N ALA A 50 -6.74 -8.04 13.55
CA ALA A 50 -5.98 -7.73 12.33
C ALA A 50 -4.70 -8.55 12.16
N THR A 51 -4.32 -8.79 10.89
CA THR A 51 -3.03 -9.34 10.47
C THR A 51 -2.42 -8.38 9.47
N ILE A 52 -1.15 -7.99 9.67
CA ILE A 52 -0.46 -7.01 8.84
C ILE A 52 0.38 -7.72 7.78
N LEU A 53 0.04 -7.47 6.51
CA LEU A 53 0.76 -7.94 5.34
C LEU A 53 1.14 -6.74 4.45
N THR A 54 2.42 -6.60 4.08
CA THR A 54 2.94 -5.46 3.32
C THR A 54 3.91 -5.91 2.23
N VAL A 55 3.77 -5.37 1.01
CA VAL A 55 4.54 -5.76 -0.19
C VAL A 55 5.04 -4.56 -1.01
N THR A 56 6.11 -4.78 -1.77
CA THR A 56 6.75 -3.80 -2.68
C THR A 56 6.94 -4.33 -4.11
N ASP A 57 6.53 -5.56 -4.40
CA ASP A 57 6.69 -6.24 -5.70
C ASP A 57 5.33 -6.77 -6.22
N PRO A 58 4.94 -6.49 -7.48
CA PRO A 58 3.64 -6.85 -8.04
C PRO A 58 3.43 -8.33 -8.18
N ASN A 59 4.45 -9.13 -8.49
CA ASN A 59 4.31 -10.58 -8.57
C ASN A 59 4.21 -11.21 -7.17
N GLU A 60 4.78 -10.59 -6.13
CA GLU A 60 4.58 -10.98 -4.73
C GLU A 60 3.16 -10.64 -4.26
N LEU A 61 2.68 -9.40 -4.50
CA LEU A 61 1.29 -9.00 -4.22
C LEU A 61 0.29 -9.89 -4.98
N LYS A 62 0.55 -10.11 -6.27
CA LYS A 62 -0.26 -10.96 -7.16
C LYS A 62 -0.42 -12.38 -6.62
N LYS A 63 0.65 -13.01 -6.11
CA LYS A 63 0.58 -14.35 -5.46
C LYS A 63 -0.26 -14.35 -4.17
N ILE A 64 -0.20 -13.28 -3.37
CA ILE A 64 -1.00 -13.13 -2.14
C ILE A 64 -2.49 -12.94 -2.51
N GLN A 65 -2.78 -12.05 -3.47
CA GLN A 65 -4.12 -11.83 -4.02
C GLN A 65 -4.67 -13.04 -4.78
N ASP A 66 -3.81 -13.88 -5.36
CA ASP A 66 -4.22 -15.12 -6.04
C ASP A 66 -4.91 -16.11 -5.06
N GLU A 67 -4.45 -16.14 -3.81
CA GLU A 67 -5.04 -16.96 -2.73
C GLU A 67 -6.24 -16.25 -2.07
N GLY A 68 -6.25 -14.91 -2.04
CA GLY A 68 -7.40 -14.07 -1.66
C GLY A 68 -7.88 -14.20 -0.21
N LYS A 69 -7.03 -14.69 0.68
CA LYS A 69 -7.22 -14.83 2.14
C LYS A 69 -7.15 -13.48 2.89
N VAL A 70 -7.84 -12.46 2.40
CA VAL A 70 -7.69 -11.05 2.81
C VAL A 70 -9.05 -10.37 2.99
N ASP A 71 -9.15 -9.49 4.00
CA ASP A 71 -10.35 -8.69 4.27
C ASP A 71 -10.34 -7.34 3.53
N ARG A 72 -9.16 -6.70 3.45
CA ARG A 72 -8.96 -5.34 2.90
C ARG A 72 -7.63 -5.26 2.14
N ILE A 73 -7.62 -4.62 0.97
CA ILE A 73 -6.43 -4.41 0.14
C ILE A 73 -6.31 -2.92 -0.23
N ILE A 74 -5.17 -2.32 0.07
CA ILE A 74 -4.90 -0.89 -0.13
C ILE A 74 -3.56 -0.69 -0.86
N LEU A 75 -3.55 0.18 -1.88
CA LEU A 75 -2.35 0.57 -2.62
C LEU A 75 -1.94 1.99 -2.26
N LEU A 76 -0.70 2.17 -1.79
CA LEU A 76 -0.11 3.47 -1.45
C LEU A 76 0.98 3.83 -2.46
N ILE A 77 0.96 5.07 -2.95
CA ILE A 77 1.88 5.59 -3.97
C ILE A 77 2.61 6.82 -3.42
N LYS A 78 3.93 6.93 -3.65
CA LYS A 78 4.69 8.10 -3.22
C LYS A 78 4.54 9.28 -4.19
N GLY A 79 4.27 10.46 -3.64
CA GLY A 79 4.18 11.72 -4.39
C GLY A 79 5.55 12.20 -4.88
N SER A 80 5.61 12.66 -6.13
CA SER A 80 6.84 13.07 -6.82
C SER A 80 7.44 14.40 -6.34
N LEU A 81 6.68 15.21 -5.61
CA LEU A 81 7.07 16.56 -5.17
C LEU A 81 8.00 16.56 -3.94
N GLU A 82 8.11 15.45 -3.21
CA GLU A 82 8.99 15.34 -2.03
C GLU A 82 10.49 15.38 -2.41
N HIS A 83 11.24 16.29 -1.78
CA HIS A 83 12.69 16.34 -1.84
C HIS A 83 13.26 16.90 -0.53
N HIS A 84 14.37 16.34 -0.04
CA HIS A 84 15.10 16.80 1.16
C HIS A 84 16.56 17.14 0.82
N HIS A 85 17.17 18.05 1.60
CA HIS A 85 18.50 18.64 1.32
C HIS A 85 18.59 19.30 -0.08
N HIS A 86 17.49 19.90 -0.53
CA HIS A 86 17.39 20.64 -1.80
C HIS A 86 18.23 21.93 -1.80
N HIS A 87 18.81 22.30 -2.94
CA HIS A 87 19.68 23.47 -3.08
C HIS A 87 18.93 24.82 -3.16
N HIS A 88 17.67 24.82 -3.59
CA HIS A 88 16.78 25.99 -3.72
C HIS A 88 15.38 25.71 -3.11
N GLY A 1 -8.72 -11.21 10.66
CA GLY A 1 -8.91 -10.54 9.34
C GLY A 1 -7.60 -9.93 8.86
N THR A 2 -7.24 -10.10 7.60
CA THR A 2 -5.93 -9.66 7.06
C THR A 2 -6.05 -8.41 6.20
N ILE A 3 -5.15 -7.45 6.44
CA ILE A 3 -5.11 -6.15 5.76
C ILE A 3 -3.78 -5.99 5.03
N LEU A 4 -3.86 -5.90 3.71
CA LEU A 4 -2.74 -5.93 2.77
C LEU A 4 -2.43 -4.50 2.28
N ILE A 5 -1.20 -4.04 2.53
CA ILE A 5 -0.63 -2.79 2.05
C ILE A 5 0.34 -3.06 0.90
N PHE A 6 0.29 -2.23 -0.15
CA PHE A 6 1.30 -2.18 -1.20
C PHE A 6 1.94 -0.79 -1.21
N LEU A 7 3.26 -0.73 -1.08
CA LEU A 7 4.06 0.50 -1.07
C LEU A 7 4.87 0.63 -2.37
N ASP A 8 4.79 1.78 -3.03
CA ASP A 8 5.69 2.08 -4.15
C ASP A 8 6.02 3.58 -4.26
N LYS A 9 7.32 3.89 -4.35
CA LYS A 9 7.82 5.24 -4.63
C LYS A 9 7.53 5.68 -6.09
N ASN A 10 7.23 4.74 -6.98
CA ASN A 10 6.80 4.95 -8.37
C ASN A 10 5.29 4.73 -8.54
N LYS A 11 4.63 5.56 -9.37
CA LYS A 11 3.17 5.51 -9.60
C LYS A 11 2.73 4.50 -10.67
N GLU A 12 3.52 4.32 -11.73
CA GLU A 12 3.16 3.50 -12.88
C GLU A 12 3.00 2.01 -12.52
N GLN A 13 3.88 1.44 -11.68
CA GLN A 13 3.78 0.04 -11.24
C GLN A 13 2.53 -0.23 -10.38
N ALA A 14 2.17 0.71 -9.50
CA ALA A 14 0.98 0.61 -8.66
C ALA A 14 -0.32 0.75 -9.48
N GLU A 15 -0.37 1.70 -10.42
CA GLU A 15 -1.48 1.85 -11.38
C GLU A 15 -1.67 0.58 -12.24
N LYS A 16 -0.56 0.05 -12.79
CA LYS A 16 -0.51 -1.19 -13.58
C LYS A 16 -1.09 -2.36 -12.80
N LEU A 17 -0.58 -2.62 -11.59
CA LEU A 17 -1.03 -3.69 -10.71
C LEU A 17 -2.51 -3.54 -10.32
N ALA A 18 -2.96 -2.35 -9.92
CA ALA A 18 -4.37 -2.15 -9.55
C ALA A 18 -5.33 -2.52 -10.70
N LYS A 19 -4.92 -2.21 -11.94
CA LYS A 19 -5.67 -2.53 -13.18
C LYS A 19 -5.59 -4.01 -13.58
N GLU A 20 -4.53 -4.72 -13.20
CA GLU A 20 -4.41 -6.18 -13.35
C GLU A 20 -5.21 -6.97 -12.29
N VAL A 21 -5.17 -6.50 -11.04
CA VAL A 21 -5.67 -7.22 -9.84
C VAL A 21 -7.10 -6.84 -9.43
N GLY A 22 -7.68 -5.82 -10.06
CA GLY A 22 -9.06 -5.36 -9.86
C GLY A 22 -9.28 -4.49 -8.60
N VAL A 23 -8.20 -4.05 -7.94
CA VAL A 23 -8.25 -3.17 -6.75
C VAL A 23 -8.43 -1.70 -7.16
N THR A 24 -9.18 -0.96 -6.34
CA THR A 24 -9.55 0.46 -6.58
C THR A 24 -9.05 1.43 -5.49
N GLU A 25 -8.69 0.93 -4.29
CA GLU A 25 -8.28 1.78 -3.16
C GLU A 25 -6.81 2.22 -3.28
N ILE A 26 -6.60 3.44 -3.78
CA ILE A 26 -5.29 4.04 -4.03
C ILE A 26 -5.18 5.37 -3.27
N TYR A 27 -4.06 5.55 -2.56
CA TYR A 27 -3.67 6.76 -1.82
C TYR A 27 -2.32 7.28 -2.32
N GLU A 28 -2.08 8.59 -2.18
CA GLU A 28 -0.79 9.23 -2.52
C GLU A 28 -0.32 10.18 -1.41
N SER A 29 0.99 10.23 -1.13
CA SER A 29 1.58 11.07 -0.08
C SER A 29 3.03 11.44 -0.39
N ASP A 30 3.47 12.63 0.06
CA ASP A 30 4.89 13.02 0.05
C ASP A 30 5.73 12.31 1.12
N ASN A 31 5.07 11.74 2.15
CA ASN A 31 5.66 10.92 3.20
C ASN A 31 5.03 9.51 3.21
N LEU A 32 5.20 8.76 2.12
CA LEU A 32 4.65 7.41 1.93
C LEU A 32 4.89 6.48 3.14
N GLU A 33 6.10 6.55 3.71
CA GLU A 33 6.52 5.75 4.86
C GLU A 33 5.87 6.16 6.19
N GLU A 34 5.56 7.45 6.40
CA GLU A 34 4.82 7.91 7.58
C GLU A 34 3.31 7.65 7.41
N LEU A 35 2.80 7.78 6.19
CA LEU A 35 1.40 7.55 5.85
C LEU A 35 1.02 6.08 6.03
N TYR A 36 1.93 5.15 5.70
CA TYR A 36 1.81 3.72 6.02
C TYR A 36 1.52 3.48 7.52
N ARG A 37 2.27 4.15 8.42
CA ARG A 37 2.06 4.05 9.88
C ARG A 37 0.73 4.64 10.30
N GLU A 38 0.37 5.81 9.77
CA GLU A 38 -0.91 6.48 10.02
C GLU A 38 -2.12 5.62 9.61
N ILE A 39 -2.00 4.80 8.57
CA ILE A 39 -3.03 3.82 8.19
C ILE A 39 -3.02 2.64 9.16
N LYS A 40 -1.91 1.92 9.35
CA LYS A 40 -1.88 0.66 10.10
C LYS A 40 -2.15 0.81 11.60
N GLU A 41 -1.75 1.93 12.20
CA GLU A 41 -2.15 2.29 13.57
C GLU A 41 -3.69 2.29 13.74
N ARG A 42 -4.41 2.79 12.72
CA ARG A 42 -5.87 2.84 12.67
C ARG A 42 -6.47 1.45 12.50
N ILE A 43 -5.89 0.64 11.60
CA ILE A 43 -6.28 -0.76 11.35
C ILE A 43 -6.22 -1.59 12.64
N GLU A 44 -5.19 -1.41 13.48
CA GLU A 44 -5.01 -2.19 14.71
C GLU A 44 -6.03 -1.85 15.81
N ARG A 45 -6.56 -0.61 15.88
CA ARG A 45 -7.69 -0.26 16.76
C ARG A 45 -9.06 -0.66 16.19
N GLU A 46 -9.25 -0.45 14.90
CA GLU A 46 -10.52 -0.78 14.20
C GLU A 46 -10.75 -2.30 14.07
N ASN A 47 -9.67 -3.08 13.94
CA ASN A 47 -9.67 -4.54 13.92
C ASN A 47 -8.64 -5.07 14.95
N PRO A 48 -9.05 -5.40 16.19
CA PRO A 48 -8.11 -5.89 17.22
C PRO A 48 -7.49 -7.26 16.89
N ASN A 49 -8.11 -8.02 15.96
CA ASN A 49 -7.59 -9.28 15.39
C ASN A 49 -7.06 -9.09 13.95
N ALA A 50 -6.53 -7.91 13.61
CA ALA A 50 -5.89 -7.63 12.32
C ALA A 50 -4.63 -8.47 12.07
N THR A 51 -4.31 -8.72 10.80
CA THR A 51 -3.04 -9.30 10.35
C THR A 51 -2.41 -8.34 9.34
N ILE A 52 -1.14 -7.99 9.54
CA ILE A 52 -0.43 -6.96 8.76
C ILE A 52 0.40 -7.66 7.67
N LEU A 53 -0.02 -7.43 6.42
CA LEU A 53 0.70 -7.80 5.21
C LEU A 53 1.13 -6.51 4.49
N THR A 54 2.41 -6.44 4.09
CA THR A 54 2.99 -5.27 3.42
C THR A 54 3.94 -5.70 2.29
N VAL A 55 3.79 -5.09 1.10
CA VAL A 55 4.42 -5.51 -0.16
C VAL A 55 5.11 -4.33 -0.88
N THR A 56 6.19 -4.63 -1.63
CA THR A 56 6.88 -3.69 -2.54
C THR A 56 7.06 -4.21 -3.99
N ASP A 57 6.43 -5.34 -4.35
CA ASP A 57 6.59 -6.01 -5.65
C ASP A 57 5.27 -6.67 -6.13
N PRO A 58 4.78 -6.43 -7.36
CA PRO A 58 3.55 -7.06 -7.87
C PRO A 58 3.68 -8.58 -8.03
N ASN A 59 4.89 -9.11 -8.21
CA ASN A 59 5.11 -10.57 -8.25
C ASN A 59 4.85 -11.22 -6.87
N GLU A 60 4.92 -10.46 -5.78
CA GLU A 60 4.49 -10.90 -4.45
C GLU A 60 2.98 -10.67 -4.28
N LEU A 61 2.47 -9.46 -4.57
CA LEU A 61 1.04 -9.16 -4.34
C LEU A 61 0.10 -10.01 -5.20
N LYS A 62 0.46 -10.29 -6.45
CA LYS A 62 -0.27 -11.20 -7.34
C LYS A 62 -0.36 -12.61 -6.74
N LYS A 63 0.69 -13.09 -6.06
CA LYS A 63 0.69 -14.40 -5.37
C LYS A 63 -0.19 -14.41 -4.12
N ILE A 64 -0.31 -13.29 -3.39
CA ILE A 64 -1.25 -13.13 -2.27
C ILE A 64 -2.70 -13.13 -2.78
N GLN A 65 -2.97 -12.30 -3.80
CA GLN A 65 -4.31 -12.13 -4.38
C GLN A 65 -4.76 -13.32 -5.23
N ASP A 66 -3.84 -14.12 -5.76
CA ASP A 66 -4.15 -15.40 -6.40
C ASP A 66 -4.81 -16.39 -5.41
N GLU A 67 -4.41 -16.34 -4.13
CA GLU A 67 -4.98 -17.16 -3.04
C GLU A 67 -6.20 -16.51 -2.37
N GLY A 68 -6.31 -15.17 -2.42
CA GLY A 68 -7.46 -14.39 -1.92
C GLY A 68 -7.65 -14.42 -0.39
N LYS A 69 -6.58 -14.71 0.35
CA LYS A 69 -6.47 -14.87 1.82
C LYS A 69 -6.54 -13.54 2.61
N VAL A 70 -7.26 -12.55 2.10
CA VAL A 70 -7.23 -11.14 2.56
C VAL A 70 -8.64 -10.52 2.64
N ASP A 71 -8.87 -9.66 3.63
CA ASP A 71 -10.12 -8.89 3.81
C ASP A 71 -10.08 -7.53 3.07
N ARG A 72 -8.94 -6.83 3.09
CA ARG A 72 -8.76 -5.47 2.56
C ARG A 72 -7.42 -5.30 1.85
N ILE A 73 -7.42 -4.64 0.69
CA ILE A 73 -6.22 -4.35 -0.11
C ILE A 73 -6.15 -2.83 -0.36
N ILE A 74 -5.05 -2.20 0.04
CA ILE A 74 -4.81 -0.76 -0.06
C ILE A 74 -3.45 -0.50 -0.71
N LEU A 75 -3.41 0.37 -1.72
CA LEU A 75 -2.19 0.77 -2.42
C LEU A 75 -1.81 2.21 -2.03
N LEU A 76 -0.56 2.39 -1.59
CA LEU A 76 0.02 3.68 -1.25
C LEU A 76 1.14 4.02 -2.26
N ILE A 77 1.14 5.26 -2.75
CA ILE A 77 2.06 5.75 -3.78
C ILE A 77 2.80 7.01 -3.29
N LYS A 78 4.09 7.17 -3.60
CA LYS A 78 4.82 8.40 -3.22
C LYS A 78 4.59 9.51 -4.25
N GLY A 79 4.31 10.71 -3.77
CA GLY A 79 4.07 11.90 -4.60
C GLY A 79 5.35 12.37 -5.30
N SER A 80 5.29 12.57 -6.63
CA SER A 80 6.45 12.89 -7.48
C SER A 80 6.91 14.35 -7.40
N LEU A 81 5.98 15.30 -7.21
CA LEU A 81 6.24 16.75 -7.24
C LEU A 81 6.88 17.28 -5.94
N GLU A 82 6.61 16.63 -4.79
CA GLU A 82 7.11 17.00 -3.47
C GLU A 82 8.26 16.10 -3.01
N HIS A 83 9.24 16.68 -2.30
CA HIS A 83 10.43 16.01 -1.75
C HIS A 83 10.63 16.36 -0.27
N HIS A 84 11.52 15.65 0.43
CA HIS A 84 11.77 15.83 1.86
C HIS A 84 12.29 17.24 2.20
N HIS A 85 11.84 17.78 3.34
CA HIS A 85 12.14 19.14 3.82
C HIS A 85 13.29 19.19 4.84
N HIS A 86 14.28 18.30 4.72
CA HIS A 86 15.45 18.24 5.60
C HIS A 86 16.27 19.54 5.57
N HIS A 87 16.71 20.02 6.74
CA HIS A 87 17.52 21.22 6.93
C HIS A 87 18.87 20.87 7.60
N HIS A 88 19.90 21.69 7.35
CA HIS A 88 21.28 21.54 7.84
C HIS A 88 21.80 22.85 8.47
N GLY A 1 -8.31 -11.86 10.43
CA GLY A 1 -8.51 -11.10 9.17
C GLY A 1 -7.24 -10.37 8.78
N THR A 2 -6.87 -10.35 7.49
CA THR A 2 -5.60 -9.78 7.02
C THR A 2 -5.80 -8.53 6.18
N ILE A 3 -4.97 -7.51 6.39
CA ILE A 3 -5.03 -6.23 5.68
C ILE A 3 -3.71 -5.98 4.94
N LEU A 4 -3.79 -5.73 3.63
CA LEU A 4 -2.64 -5.59 2.73
C LEU A 4 -2.27 -4.13 2.44
N ILE A 5 -0.97 -3.85 2.45
CA ILE A 5 -0.33 -2.60 2.01
C ILE A 5 0.62 -2.89 0.85
N PHE A 6 0.53 -2.13 -0.23
CA PHE A 6 1.53 -2.10 -1.29
C PHE A 6 2.27 -0.76 -1.26
N LEU A 7 3.60 -0.77 -1.35
CA LEU A 7 4.46 0.43 -1.31
C LEU A 7 5.20 0.59 -2.65
N ASP A 8 5.06 1.75 -3.29
CA ASP A 8 5.77 2.06 -4.54
C ASP A 8 6.23 3.54 -4.63
N LYS A 9 7.47 3.74 -5.10
CA LYS A 9 8.05 5.05 -5.46
C LYS A 9 7.56 5.59 -6.83
N ASN A 10 6.99 4.71 -7.66
CA ASN A 10 6.44 5.03 -8.99
C ASN A 10 4.92 4.82 -9.02
N LYS A 11 4.19 5.79 -9.58
CA LYS A 11 2.73 5.72 -9.77
C LYS A 11 2.31 4.72 -10.84
N GLU A 12 3.02 4.66 -11.97
CA GLU A 12 2.59 3.87 -13.14
C GLU A 12 2.48 2.37 -12.84
N GLN A 13 3.44 1.81 -12.09
CA GLN A 13 3.46 0.41 -11.68
C GLN A 13 2.35 0.08 -10.66
N ALA A 14 2.07 0.99 -9.72
CA ALA A 14 1.02 0.84 -8.72
C ALA A 14 -0.39 0.94 -9.33
N GLU A 15 -0.63 1.93 -10.20
CA GLU A 15 -1.89 2.06 -10.95
C GLU A 15 -2.15 0.84 -11.85
N LYS A 16 -1.11 0.31 -12.51
CA LYS A 16 -1.21 -0.88 -13.35
C LYS A 16 -1.50 -2.14 -12.53
N LEU A 17 -0.87 -2.33 -11.36
CA LEU A 17 -1.17 -3.44 -10.46
C LEU A 17 -2.62 -3.36 -9.96
N ALA A 18 -3.09 -2.18 -9.52
CA ALA A 18 -4.48 -2.00 -9.10
C ALA A 18 -5.47 -2.39 -10.23
N LYS A 19 -5.13 -2.10 -11.49
CA LYS A 19 -5.91 -2.49 -12.69
C LYS A 19 -5.84 -4.00 -12.97
N GLU A 20 -4.68 -4.62 -12.81
CA GLU A 20 -4.48 -6.08 -12.98
C GLU A 20 -5.20 -6.91 -11.91
N VAL A 21 -5.21 -6.41 -10.67
CA VAL A 21 -5.66 -7.13 -9.45
C VAL A 21 -7.10 -6.79 -9.03
N GLY A 22 -7.73 -5.81 -9.70
CA GLY A 22 -9.12 -5.40 -9.48
C GLY A 22 -9.35 -4.52 -8.24
N VAL A 23 -8.30 -3.99 -7.62
CA VAL A 23 -8.35 -3.15 -6.41
C VAL A 23 -8.55 -1.66 -6.76
N THR A 24 -9.30 -0.95 -5.91
CA THR A 24 -9.66 0.48 -6.08
C THR A 24 -9.07 1.42 -5.02
N GLU A 25 -8.63 0.90 -3.86
CA GLU A 25 -8.15 1.74 -2.74
C GLU A 25 -6.69 2.17 -2.94
N ILE A 26 -6.50 3.45 -3.26
CA ILE A 26 -5.19 4.05 -3.56
C ILE A 26 -5.00 5.33 -2.73
N TYR A 27 -3.83 5.47 -2.11
CA TYR A 27 -3.37 6.63 -1.35
C TYR A 27 -2.06 7.16 -1.94
N GLU A 28 -1.83 8.48 -1.87
CA GLU A 28 -0.64 9.12 -2.44
C GLU A 28 -0.10 10.24 -1.53
N SER A 29 1.21 10.24 -1.24
CA SER A 29 1.89 11.23 -0.38
C SER A 29 3.42 11.16 -0.55
N ASP A 30 4.13 12.29 -0.40
CA ASP A 30 5.60 12.31 -0.35
C ASP A 30 6.14 11.71 0.97
N ASN A 31 5.41 11.90 2.07
CA ASN A 31 5.62 11.25 3.38
C ASN A 31 5.13 9.78 3.38
N LEU A 32 5.51 9.01 2.37
CA LEU A 32 4.98 7.66 2.07
C LEU A 32 5.04 6.71 3.29
N GLU A 33 6.19 6.64 3.96
CA GLU A 33 6.38 5.79 5.14
C GLU A 33 5.57 6.24 6.36
N GLU A 34 5.31 7.54 6.52
CA GLU A 34 4.46 8.06 7.60
C GLU A 34 2.99 7.81 7.31
N LEU A 35 2.61 7.83 6.03
CA LEU A 35 1.25 7.50 5.55
C LEU A 35 0.92 6.02 5.84
N TYR A 36 1.87 5.12 5.58
CA TYR A 36 1.81 3.70 5.97
C TYR A 36 1.50 3.50 7.47
N ARG A 37 2.24 4.20 8.35
CA ARG A 37 2.02 4.16 9.81
C ARG A 37 0.65 4.67 10.20
N GLU A 38 0.26 5.81 9.64
CA GLU A 38 -1.02 6.48 9.91
C GLU A 38 -2.24 5.63 9.51
N ILE A 39 -2.14 4.82 8.44
CA ILE A 39 -3.18 3.86 8.05
C ILE A 39 -3.21 2.68 9.04
N LYS A 40 -2.09 2.00 9.27
CA LYS A 40 -2.03 0.80 10.11
C LYS A 40 -2.38 1.04 11.58
N GLU A 41 -2.05 2.23 12.10
CA GLU A 41 -2.52 2.70 13.41
C GLU A 41 -4.05 2.65 13.55
N ARG A 42 -4.78 3.01 12.48
CA ARG A 42 -6.25 2.95 12.43
C ARG A 42 -6.76 1.51 12.27
N ILE A 43 -6.11 0.69 11.44
CA ILE A 43 -6.45 -0.73 11.25
C ILE A 43 -6.41 -1.51 12.57
N GLU A 44 -5.40 -1.28 13.41
CA GLU A 44 -5.22 -2.02 14.67
C GLU A 44 -6.31 -1.72 15.72
N ARG A 45 -6.88 -0.50 15.73
CA ARG A 45 -8.04 -0.16 16.57
C ARG A 45 -9.39 -0.56 15.97
N GLU A 46 -9.56 -0.38 14.67
CA GLU A 46 -10.80 -0.74 13.96
C GLU A 46 -11.02 -2.25 13.83
N ASN A 47 -9.93 -3.03 13.73
CA ASN A 47 -9.95 -4.49 13.61
C ASN A 47 -8.98 -5.10 14.66
N PRO A 48 -9.46 -5.51 15.85
CA PRO A 48 -8.60 -6.15 16.87
C PRO A 48 -8.09 -7.53 16.46
N ASN A 49 -8.71 -8.15 15.46
CA ASN A 49 -8.32 -9.43 14.85
C ASN A 49 -7.46 -9.26 13.56
N ALA A 50 -6.93 -8.05 13.31
CA ALA A 50 -6.10 -7.73 12.14
C ALA A 50 -4.76 -8.49 12.06
N THR A 51 -4.28 -8.67 10.84
CA THR A 51 -2.94 -9.16 10.50
C THR A 51 -2.32 -8.20 9.49
N ILE A 52 -1.07 -7.80 9.71
CA ILE A 52 -0.40 -6.74 8.93
C ILE A 52 0.47 -7.38 7.84
N LEU A 53 0.10 -7.13 6.57
CA LEU A 53 0.82 -7.59 5.38
C LEU A 53 1.28 -6.39 4.53
N THR A 54 2.54 -6.38 4.11
CA THR A 54 3.18 -5.27 3.38
C THR A 54 4.07 -5.81 2.25
N VAL A 55 3.97 -5.24 1.03
CA VAL A 55 4.69 -5.69 -0.17
C VAL A 55 5.26 -4.52 -0.99
N THR A 56 6.28 -4.81 -1.80
CA THR A 56 6.96 -3.86 -2.72
C THR A 56 7.03 -4.35 -4.18
N ASP A 57 6.50 -5.53 -4.50
CA ASP A 57 6.61 -6.19 -5.81
C ASP A 57 5.28 -6.83 -6.25
N PRO A 58 4.76 -6.57 -7.46
CA PRO A 58 3.50 -7.16 -7.94
C PRO A 58 3.60 -8.67 -8.16
N ASN A 59 4.80 -9.21 -8.44
CA ASN A 59 5.02 -10.66 -8.55
C ASN A 59 4.85 -11.36 -7.18
N GLU A 60 4.95 -10.62 -6.07
CA GLU A 60 4.60 -11.09 -4.74
C GLU A 60 3.14 -10.75 -4.39
N LEU A 61 2.65 -9.53 -4.64
CA LEU A 61 1.27 -9.19 -4.28
C LEU A 61 0.24 -10.01 -5.07
N LYS A 62 0.46 -10.22 -6.37
CA LYS A 62 -0.35 -11.14 -7.19
C LYS A 62 -0.32 -12.57 -6.66
N LYS A 63 0.82 -13.04 -6.14
CA LYS A 63 0.96 -14.36 -5.49
C LYS A 63 0.14 -14.46 -4.20
N ILE A 64 0.06 -13.38 -3.40
CA ILE A 64 -0.81 -13.31 -2.19
C ILE A 64 -2.29 -13.31 -2.61
N GLN A 65 -2.65 -12.44 -3.57
CA GLN A 65 -4.02 -12.28 -4.05
C GLN A 65 -4.54 -13.48 -4.83
N ASP A 66 -3.66 -14.27 -5.47
CA ASP A 66 -4.03 -15.53 -6.12
C ASP A 66 -4.60 -16.57 -5.12
N GLU A 67 -4.25 -16.48 -3.83
CA GLU A 67 -4.77 -17.36 -2.77
C GLU A 67 -6.11 -16.88 -2.17
N GLY A 68 -6.48 -15.61 -2.35
CA GLY A 68 -7.75 -15.02 -1.89
C GLY A 68 -7.96 -15.02 -0.37
N LYS A 69 -6.88 -14.78 0.38
CA LYS A 69 -6.74 -14.94 1.84
C LYS A 69 -6.73 -13.63 2.64
N VAL A 70 -7.23 -12.55 2.06
CA VAL A 70 -7.10 -11.16 2.56
C VAL A 70 -8.47 -10.46 2.61
N ASP A 71 -8.68 -9.59 3.60
CA ASP A 71 -9.95 -8.87 3.82
C ASP A 71 -10.05 -7.57 3.00
N ARG A 72 -8.98 -6.77 2.98
CA ARG A 72 -8.87 -5.53 2.18
C ARG A 72 -7.43 -5.25 1.75
N ILE A 73 -7.28 -4.60 0.61
CA ILE A 73 -6.01 -4.33 -0.09
C ILE A 73 -5.90 -2.85 -0.40
N ILE A 74 -4.79 -2.23 -0.01
CA ILE A 74 -4.55 -0.78 -0.05
C ILE A 74 -3.20 -0.53 -0.74
N LEU A 75 -3.16 0.34 -1.76
CA LEU A 75 -1.94 0.72 -2.47
C LEU A 75 -1.51 2.14 -2.10
N LEU A 76 -0.26 2.30 -1.65
CA LEU A 76 0.36 3.56 -1.26
C LEU A 76 1.45 3.94 -2.28
N ILE A 77 1.36 5.17 -2.81
CA ILE A 77 2.20 5.68 -3.89
C ILE A 77 2.95 6.94 -3.42
N LYS A 78 4.24 7.05 -3.74
CA LYS A 78 5.03 8.24 -3.39
C LYS A 78 4.67 9.43 -4.28
N GLY A 79 4.35 10.57 -3.67
CA GLY A 79 4.03 11.83 -4.34
C GLY A 79 5.30 12.56 -4.83
N SER A 80 5.96 12.01 -5.84
CA SER A 80 7.29 12.43 -6.32
C SER A 80 7.38 13.86 -6.88
N LEU A 81 6.25 14.48 -7.22
CA LEU A 81 6.15 15.89 -7.64
C LEU A 81 6.41 16.86 -6.47
N GLU A 82 6.09 16.46 -5.23
CA GLU A 82 6.25 17.28 -4.02
C GLU A 82 7.61 17.06 -3.33
N HIS A 83 8.03 18.03 -2.51
CA HIS A 83 9.26 18.01 -1.72
C HIS A 83 9.06 18.67 -0.34
N HIS A 84 9.94 18.36 0.61
CA HIS A 84 9.94 18.91 1.98
C HIS A 84 11.37 19.11 2.52
N HIS A 85 11.48 19.82 3.64
CA HIS A 85 12.73 20.11 4.36
C HIS A 85 12.64 19.71 5.84
N HIS A 86 13.80 19.45 6.47
CA HIS A 86 13.94 18.85 7.82
C HIS A 86 13.32 17.45 7.95
N HIS A 87 13.49 16.82 9.12
CA HIS A 87 13.00 15.46 9.44
C HIS A 87 12.59 15.32 10.92
N HIS A 88 11.77 14.29 11.20
CA HIS A 88 11.25 13.91 12.53
C HIS A 88 10.63 15.10 13.31
N GLY A 1 -9.51 -11.94 9.25
CA GLY A 1 -9.34 -10.49 9.50
C GLY A 1 -7.97 -9.99 9.06
N THR A 2 -7.68 -10.02 7.75
CA THR A 2 -6.34 -9.77 7.19
C THR A 2 -6.30 -8.54 6.31
N ILE A 3 -5.31 -7.69 6.54
CA ILE A 3 -5.06 -6.44 5.83
C ILE A 3 -3.73 -6.56 5.07
N LEU A 4 -3.78 -6.33 3.76
CA LEU A 4 -2.63 -6.42 2.86
C LEU A 4 -2.30 -5.01 2.33
N ILE A 5 -1.08 -4.54 2.57
CA ILE A 5 -0.59 -3.23 2.12
C ILE A 5 0.41 -3.39 0.98
N PHE A 6 0.24 -2.60 -0.08
CA PHE A 6 1.24 -2.44 -1.14
C PHE A 6 1.87 -1.06 -1.05
N LEU A 7 3.21 -0.99 -1.04
CA LEU A 7 3.99 0.24 -1.03
C LEU A 7 4.72 0.42 -2.37
N ASP A 8 4.54 1.56 -3.03
CA ASP A 8 5.28 1.87 -4.27
C ASP A 8 5.79 3.31 -4.32
N LYS A 9 7.10 3.47 -4.55
CA LYS A 9 7.74 4.77 -4.76
C LYS A 9 7.45 5.38 -6.16
N ASN A 10 6.87 4.59 -7.08
CA ASN A 10 6.48 4.99 -8.44
C ASN A 10 4.96 4.83 -8.65
N LYS A 11 4.33 5.82 -9.31
CA LYS A 11 2.88 5.86 -9.53
C LYS A 11 2.42 5.04 -10.75
N GLU A 12 3.19 5.02 -11.83
CA GLU A 12 2.82 4.31 -13.07
C GLU A 12 2.76 2.79 -12.87
N GLN A 13 3.72 2.24 -12.14
CA GLN A 13 3.77 0.81 -11.77
C GLN A 13 2.58 0.41 -10.88
N ALA A 14 2.29 1.23 -9.87
CA ALA A 14 1.17 1.03 -8.95
C ALA A 14 -0.20 1.12 -9.65
N GLU A 15 -0.40 2.10 -10.54
CA GLU A 15 -1.61 2.23 -11.37
C GLU A 15 -1.77 1.02 -12.31
N LYS A 16 -0.69 0.58 -12.97
CA LYS A 16 -0.69 -0.61 -13.85
C LYS A 16 -1.06 -1.87 -13.06
N LEU A 17 -0.51 -2.05 -11.86
CA LEU A 17 -0.84 -3.17 -10.99
C LEU A 17 -2.30 -3.15 -10.55
N ALA A 18 -2.82 -2.00 -10.09
CA ALA A 18 -4.23 -1.91 -9.67
C ALA A 18 -5.20 -2.21 -10.84
N LYS A 19 -4.83 -1.86 -12.07
CA LYS A 19 -5.59 -2.21 -13.30
C LYS A 19 -5.54 -3.70 -13.63
N GLU A 20 -4.42 -4.38 -13.37
CA GLU A 20 -4.25 -5.82 -13.62
C GLU A 20 -4.83 -6.70 -12.50
N VAL A 21 -4.79 -6.23 -11.25
CA VAL A 21 -5.13 -7.00 -10.02
C VAL A 21 -6.51 -6.65 -9.45
N GLY A 22 -7.16 -5.61 -9.98
CA GLY A 22 -8.54 -5.21 -9.63
C GLY A 22 -8.70 -4.41 -8.34
N VAL A 23 -7.61 -3.91 -7.74
CA VAL A 23 -7.65 -3.11 -6.50
C VAL A 23 -8.07 -1.65 -6.75
N THR A 24 -8.80 -1.14 -5.77
CA THR A 24 -9.56 0.11 -5.80
C THR A 24 -9.32 1.03 -4.60
N GLU A 25 -8.77 0.52 -3.49
CA GLU A 25 -8.35 1.31 -2.32
C GLU A 25 -6.92 1.81 -2.54
N ILE A 26 -6.79 3.08 -2.96
CA ILE A 26 -5.52 3.70 -3.37
C ILE A 26 -5.36 5.06 -2.66
N TYR A 27 -4.17 5.30 -2.09
CA TYR A 27 -3.79 6.48 -1.33
C TYR A 27 -2.38 6.98 -1.72
N GLU A 28 -2.10 8.27 -1.51
CA GLU A 28 -0.82 8.88 -1.93
C GLU A 28 -0.36 9.97 -0.95
N SER A 29 0.96 10.08 -0.72
CA SER A 29 1.61 11.18 0.01
C SER A 29 3.09 11.27 -0.34
N ASP A 30 3.71 12.45 -0.20
CA ASP A 30 5.15 12.65 -0.44
C ASP A 30 6.03 11.85 0.54
N ASN A 31 5.54 11.62 1.76
CA ASN A 31 6.13 10.71 2.75
C ASN A 31 5.37 9.38 2.75
N LEU A 32 5.81 8.41 1.94
CA LEU A 32 5.17 7.10 1.81
C LEU A 32 5.23 6.29 3.12
N GLU A 33 6.29 6.44 3.90
CA GLU A 33 6.46 5.78 5.20
C GLU A 33 5.62 6.41 6.32
N GLU A 34 5.46 7.73 6.35
CA GLU A 34 4.58 8.40 7.31
C GLU A 34 3.11 8.06 7.01
N LEU A 35 2.77 7.92 5.72
CA LEU A 35 1.47 7.43 5.27
C LEU A 35 1.20 6.00 5.75
N TYR A 36 2.19 5.10 5.67
CA TYR A 36 2.07 3.75 6.22
C TYR A 36 1.74 3.76 7.72
N ARG A 37 2.47 4.54 8.52
CA ARG A 37 2.21 4.69 9.96
C ARG A 37 0.80 5.20 10.24
N GLU A 38 0.40 6.24 9.53
CA GLU A 38 -0.93 6.88 9.66
C GLU A 38 -2.09 5.93 9.30
N ILE A 39 -1.90 5.04 8.31
CA ILE A 39 -2.89 4.01 7.95
C ILE A 39 -2.95 2.91 9.00
N LYS A 40 -1.81 2.28 9.36
CA LYS A 40 -1.76 1.14 10.28
C LYS A 40 -2.16 1.49 11.71
N GLU A 41 -1.88 2.71 12.16
CA GLU A 41 -2.40 3.21 13.43
C GLU A 41 -3.94 3.16 13.50
N ARG A 42 -4.63 3.41 12.39
CA ARG A 42 -6.09 3.27 12.30
C ARG A 42 -6.51 1.80 12.20
N ILE A 43 -5.80 0.96 11.44
CA ILE A 43 -6.09 -0.49 11.32
C ILE A 43 -6.06 -1.19 12.68
N GLU A 44 -5.08 -0.89 13.53
CA GLU A 44 -4.89 -1.54 14.84
C GLU A 44 -6.05 -1.29 15.82
N ARG A 45 -6.66 -0.10 15.77
CA ARG A 45 -7.83 0.28 16.59
C ARG A 45 -9.18 -0.11 15.97
N GLU A 46 -9.31 0.01 14.65
CA GLU A 46 -10.52 -0.38 13.91
C GLU A 46 -10.70 -1.91 13.84
N ASN A 47 -9.60 -2.67 13.80
CA ASN A 47 -9.58 -4.13 13.72
C ASN A 47 -8.66 -4.70 14.80
N PRO A 48 -9.15 -5.00 16.03
CA PRO A 48 -8.34 -5.59 17.09
C PRO A 48 -7.90 -7.04 16.79
N ASN A 49 -8.53 -7.69 15.80
CA ASN A 49 -8.21 -9.02 15.29
C ASN A 49 -7.34 -9.00 14.00
N ALA A 50 -6.74 -7.85 13.65
CA ALA A 50 -5.99 -7.64 12.41
C ALA A 50 -4.80 -8.61 12.22
N THR A 51 -4.52 -8.93 10.95
CA THR A 51 -3.33 -9.66 10.50
C THR A 51 -2.68 -8.80 9.41
N ILE A 52 -1.40 -8.46 9.58
CA ILE A 52 -0.69 -7.50 8.72
C ILE A 52 0.22 -8.22 7.72
N LEU A 53 0.04 -7.87 6.45
CA LEU A 53 0.90 -8.23 5.33
C LEU A 53 1.33 -6.95 4.58
N THR A 54 2.61 -6.84 4.18
CA THR A 54 3.12 -5.70 3.40
C THR A 54 4.05 -6.15 2.27
N VAL A 55 3.91 -5.56 1.07
CA VAL A 55 4.65 -5.89 -0.17
C VAL A 55 5.13 -4.65 -0.93
N THR A 56 6.17 -4.83 -1.74
CA THR A 56 6.76 -3.82 -2.64
C THR A 56 6.89 -4.28 -4.11
N ASP A 57 6.45 -5.50 -4.43
CA ASP A 57 6.62 -6.13 -5.76
C ASP A 57 5.28 -6.71 -6.29
N PRO A 58 4.85 -6.40 -7.53
CA PRO A 58 3.57 -6.85 -8.09
C PRO A 58 3.48 -8.36 -8.20
N ASN A 59 4.55 -9.08 -8.50
CA ASN A 59 4.50 -10.54 -8.59
C ASN A 59 4.19 -11.16 -7.23
N GLU A 60 4.72 -10.60 -6.14
CA GLU A 60 4.47 -11.05 -4.78
C GLU A 60 3.05 -10.66 -4.30
N LEU A 61 2.61 -9.42 -4.54
CA LEU A 61 1.23 -9.00 -4.24
C LEU A 61 0.22 -9.86 -5.00
N LYS A 62 0.44 -10.04 -6.31
CA LYS A 62 -0.39 -10.85 -7.20
C LYS A 62 -0.48 -12.29 -6.73
N LYS A 63 0.64 -12.92 -6.36
CA LYS A 63 0.67 -14.26 -5.72
C LYS A 63 -0.20 -14.34 -4.45
N ILE A 64 -0.11 -13.38 -3.54
CA ILE A 64 -0.89 -13.38 -2.28
C ILE A 64 -2.39 -13.20 -2.58
N GLN A 65 -2.73 -12.27 -3.47
CA GLN A 65 -4.10 -12.05 -3.92
C GLN A 65 -4.67 -13.22 -4.73
N ASP A 66 -3.83 -13.93 -5.48
CA ASP A 66 -4.23 -15.11 -6.27
C ASP A 66 -4.69 -16.26 -5.35
N GLU A 67 -4.16 -16.35 -4.13
CA GLU A 67 -4.58 -17.34 -3.12
C GLU A 67 -5.84 -16.94 -2.34
N GLY A 68 -6.26 -15.67 -2.42
CA GLY A 68 -7.49 -15.17 -1.78
C GLY A 68 -7.43 -15.01 -0.25
N LYS A 69 -6.23 -14.96 0.34
CA LYS A 69 -5.98 -15.02 1.80
C LYS A 69 -6.17 -13.66 2.52
N VAL A 70 -7.14 -12.85 2.08
CA VAL A 70 -7.29 -11.44 2.49
C VAL A 70 -8.74 -11.01 2.72
N ASP A 71 -8.96 -10.04 3.62
CA ASP A 71 -10.24 -9.32 3.78
C ASP A 71 -10.22 -7.94 3.11
N ARG A 72 -9.08 -7.23 3.11
CA ARG A 72 -8.85 -5.98 2.34
C ARG A 72 -7.41 -5.83 1.82
N ILE A 73 -7.28 -5.24 0.63
CA ILE A 73 -6.00 -4.85 0.02
C ILE A 73 -6.00 -3.33 -0.20
N ILE A 74 -4.92 -2.65 0.20
CA ILE A 74 -4.75 -1.19 0.06
C ILE A 74 -3.41 -0.87 -0.61
N LEU A 75 -3.42 0.07 -1.54
CA LEU A 75 -2.23 0.61 -2.21
C LEU A 75 -1.86 2.00 -1.64
N LEU A 76 -0.59 2.18 -1.30
CA LEU A 76 0.02 3.46 -0.96
C LEU A 76 1.08 3.80 -2.01
N ILE A 77 1.06 5.04 -2.50
CA ILE A 77 1.93 5.54 -3.58
C ILE A 77 2.71 6.79 -3.10
N LYS A 78 3.98 6.92 -3.46
CA LYS A 78 4.76 8.12 -3.15
C LYS A 78 4.39 9.29 -4.08
N GLY A 79 4.23 10.48 -3.51
CA GLY A 79 4.00 11.72 -4.27
C GLY A 79 5.23 12.11 -5.10
N SER A 80 5.01 12.36 -6.40
CA SER A 80 6.08 12.59 -7.39
C SER A 80 6.82 13.93 -7.26
N LEU A 81 6.24 14.89 -6.52
CA LEU A 81 6.79 16.24 -6.34
C LEU A 81 7.93 16.31 -5.29
N GLU A 82 8.18 15.25 -4.52
CA GLU A 82 9.22 15.24 -3.48
C GLU A 82 10.63 15.31 -4.11
N HIS A 83 11.37 16.36 -3.76
CA HIS A 83 12.78 16.56 -4.11
C HIS A 83 13.53 17.32 -3.00
N HIS A 84 14.79 16.94 -2.76
CA HIS A 84 15.69 17.64 -1.84
C HIS A 84 16.70 18.55 -2.58
N HIS A 85 17.23 18.10 -3.73
CA HIS A 85 18.06 18.87 -4.68
C HIS A 85 19.19 19.68 -4.02
N HIS A 86 19.97 19.04 -3.14
CA HIS A 86 21.02 19.70 -2.35
C HIS A 86 22.25 20.14 -3.18
N HIS A 87 22.99 21.12 -2.67
CA HIS A 87 24.29 21.55 -3.19
C HIS A 87 25.46 20.74 -2.56
N HIS A 88 26.67 20.89 -3.12
CA HIS A 88 27.92 20.23 -2.72
C HIS A 88 27.79 18.68 -2.62
N GLY A 1 -8.63 -11.49 10.99
CA GLY A 1 -8.83 -10.82 9.69
C GLY A 1 -7.53 -10.20 9.22
N THR A 2 -7.20 -10.31 7.94
CA THR A 2 -5.90 -9.84 7.38
C THR A 2 -6.08 -8.59 6.52
N ILE A 3 -5.15 -7.64 6.66
CA ILE A 3 -5.14 -6.37 5.93
C ILE A 3 -3.81 -6.19 5.20
N LEU A 4 -3.87 -6.05 3.88
CA LEU A 4 -2.71 -5.99 2.98
C LEU A 4 -2.32 -4.54 2.66
N ILE A 5 -1.02 -4.23 2.70
CA ILE A 5 -0.44 -2.98 2.21
C ILE A 5 0.48 -3.23 1.02
N PHE A 6 0.31 -2.43 -0.03
CA PHE A 6 1.28 -2.34 -1.11
C PHE A 6 1.91 -0.95 -1.14
N LEU A 7 3.24 -0.88 -1.26
CA LEU A 7 4.03 0.34 -1.32
C LEU A 7 4.75 0.45 -2.67
N ASP A 8 4.66 1.60 -3.34
CA ASP A 8 5.47 1.89 -4.54
C ASP A 8 5.97 3.33 -4.60
N LYS A 9 7.22 3.51 -5.04
CA LYS A 9 7.86 4.81 -5.28
C LYS A 9 7.50 5.42 -6.65
N ASN A 10 7.00 4.59 -7.57
CA ASN A 10 6.59 4.97 -8.93
C ASN A 10 5.09 4.67 -9.17
N LYS A 11 4.32 5.71 -9.51
CA LYS A 11 2.88 5.63 -9.76
C LYS A 11 2.52 4.77 -10.98
N GLU A 12 3.39 4.68 -12.00
CA GLU A 12 3.16 3.86 -13.19
C GLU A 12 3.09 2.36 -12.85
N GLN A 13 3.94 1.89 -11.93
CA GLN A 13 3.92 0.50 -11.45
C GLN A 13 2.67 0.20 -10.62
N ALA A 14 2.29 1.12 -9.73
CA ALA A 14 1.11 1.02 -8.88
C ALA A 14 -0.20 1.01 -9.70
N GLU A 15 -0.32 1.89 -10.70
CA GLU A 15 -1.47 1.93 -11.61
C GLU A 15 -1.59 0.63 -12.44
N LYS A 16 -0.47 0.14 -13.00
CA LYS A 16 -0.45 -1.11 -13.76
C LYS A 16 -0.84 -2.32 -12.90
N LEU A 17 -0.37 -2.38 -11.64
CA LEU A 17 -0.75 -3.41 -10.69
C LEU A 17 -2.23 -3.33 -10.32
N ALA A 18 -2.76 -2.14 -9.98
CA ALA A 18 -4.17 -1.99 -9.63
C ALA A 18 -5.11 -2.36 -10.80
N LYS A 19 -4.68 -2.17 -12.06
CA LYS A 19 -5.39 -2.62 -13.27
C LYS A 19 -5.33 -4.14 -13.47
N GLU A 20 -4.22 -4.78 -13.10
CA GLU A 20 -4.03 -6.24 -13.17
C GLU A 20 -4.75 -7.00 -12.05
N VAL A 21 -4.73 -6.45 -10.82
CA VAL A 21 -5.17 -7.12 -9.59
C VAL A 21 -6.59 -6.72 -9.14
N GLY A 22 -7.16 -5.65 -9.72
CA GLY A 22 -8.52 -5.17 -9.46
C GLY A 22 -8.71 -4.29 -8.22
N VAL A 23 -7.61 -3.85 -7.58
CA VAL A 23 -7.63 -2.97 -6.40
C VAL A 23 -8.00 -1.53 -6.76
N THR A 24 -8.73 -0.86 -5.86
CA THR A 24 -9.20 0.54 -6.00
C THR A 24 -8.98 1.41 -4.75
N GLU A 25 -8.51 0.84 -3.63
CA GLU A 25 -8.25 1.57 -2.37
C GLU A 25 -6.88 2.24 -2.40
N ILE A 26 -6.77 3.26 -3.25
CA ILE A 26 -5.51 3.92 -3.61
C ILE A 26 -5.33 5.22 -2.81
N TYR A 27 -4.13 5.40 -2.26
CA TYR A 27 -3.67 6.58 -1.52
C TYR A 27 -2.32 7.07 -2.08
N GLU A 28 -2.08 8.39 -2.00
CA GLU A 28 -0.80 9.00 -2.41
C GLU A 28 -0.35 10.07 -1.40
N SER A 29 0.96 10.14 -1.12
CA SER A 29 1.62 11.21 -0.33
C SER A 29 3.12 11.25 -0.61
N ASP A 30 3.76 12.40 -0.40
CA ASP A 30 5.23 12.50 -0.42
C ASP A 30 5.85 11.76 0.79
N ASN A 31 5.19 11.81 1.95
CA ASN A 31 5.55 11.10 3.18
C ASN A 31 5.01 9.65 3.18
N LEU A 32 5.42 8.83 2.21
CA LEU A 32 4.92 7.46 2.01
C LEU A 32 5.02 6.59 3.27
N GLU A 33 6.13 6.73 4.01
CA GLU A 33 6.35 6.00 5.27
C GLU A 33 5.47 6.46 6.44
N GLU A 34 5.15 7.75 6.53
CA GLU A 34 4.21 8.26 7.55
C GLU A 34 2.78 7.82 7.19
N LEU A 35 2.44 7.85 5.90
CA LEU A 35 1.15 7.40 5.36
C LEU A 35 0.89 5.92 5.70
N TYR A 36 1.89 5.05 5.52
CA TYR A 36 1.84 3.64 5.90
C TYR A 36 1.47 3.43 7.38
N ARG A 37 2.15 4.14 8.29
CA ARG A 37 1.88 4.05 9.75
C ARG A 37 0.50 4.61 10.10
N GLU A 38 0.14 5.76 9.53
CA GLU A 38 -1.15 6.42 9.78
C GLU A 38 -2.36 5.57 9.37
N ILE A 39 -2.23 4.77 8.30
CA ILE A 39 -3.26 3.80 7.91
C ILE A 39 -3.32 2.63 8.91
N LYS A 40 -2.20 1.95 9.17
CA LYS A 40 -2.18 0.73 10.01
C LYS A 40 -2.46 0.97 11.48
N GLU A 41 -2.10 2.13 12.01
CA GLU A 41 -2.52 2.58 13.35
C GLU A 41 -4.04 2.55 13.52
N ARG A 42 -4.79 3.00 12.49
CA ARG A 42 -6.26 2.98 12.49
C ARG A 42 -6.79 1.55 12.42
N ILE A 43 -6.21 0.71 11.55
CA ILE A 43 -6.56 -0.71 11.39
C ILE A 43 -6.43 -1.48 12.71
N GLU A 44 -5.35 -1.27 13.45
CA GLU A 44 -5.09 -2.00 14.71
C GLU A 44 -6.07 -1.64 15.84
N ARG A 45 -6.54 -0.39 15.93
CA ARG A 45 -7.61 -0.01 16.88
C ARG A 45 -9.01 -0.44 16.43
N GLU A 46 -9.29 -0.31 15.15
CA GLU A 46 -10.59 -0.69 14.54
C GLU A 46 -10.81 -2.21 14.50
N ASN A 47 -9.73 -2.99 14.32
CA ASN A 47 -9.73 -4.45 14.28
C ASN A 47 -8.64 -4.99 15.24
N PRO A 48 -8.98 -5.35 16.50
CA PRO A 48 -8.01 -5.93 17.44
C PRO A 48 -7.53 -7.34 17.02
N ASN A 49 -8.24 -7.98 16.09
CA ASN A 49 -7.88 -9.25 15.45
C ASN A 49 -7.23 -9.08 14.05
N ALA A 50 -6.70 -7.89 13.73
CA ALA A 50 -5.99 -7.61 12.49
C ALA A 50 -4.68 -8.42 12.33
N THR A 51 -4.32 -8.71 11.08
CA THR A 51 -3.01 -9.28 10.68
C THR A 51 -2.40 -8.36 9.63
N ILE A 52 -1.15 -7.97 9.83
CA ILE A 52 -0.45 -6.97 9.00
C ILE A 52 0.48 -7.68 8.00
N LEU A 53 0.24 -7.43 6.71
CA LEU A 53 1.12 -7.81 5.60
C LEU A 53 1.47 -6.57 4.75
N THR A 54 2.72 -6.50 4.29
CA THR A 54 3.26 -5.39 3.48
C THR A 54 4.13 -5.91 2.33
N VAL A 55 3.95 -5.39 1.11
CA VAL A 55 4.69 -5.78 -0.10
C VAL A 55 5.15 -4.58 -0.94
N THR A 56 6.23 -4.79 -1.71
CA THR A 56 6.90 -3.78 -2.56
C THR A 56 7.09 -4.22 -4.01
N ASP A 57 6.63 -5.42 -4.39
CA ASP A 57 6.76 -5.98 -5.75
C ASP A 57 5.43 -6.59 -6.24
N PRO A 58 4.93 -6.25 -7.45
CA PRO A 58 3.67 -6.77 -7.97
C PRO A 58 3.67 -8.28 -8.18
N ASN A 59 4.83 -8.90 -8.46
CA ASN A 59 4.95 -10.34 -8.61
C ASN A 59 4.74 -11.08 -7.27
N GLU A 60 4.91 -10.39 -6.13
CA GLU A 60 4.63 -10.91 -4.79
C GLU A 60 3.20 -10.57 -4.35
N LEU A 61 2.72 -9.32 -4.53
CA LEU A 61 1.35 -8.94 -4.15
C LEU A 61 0.32 -9.72 -4.98
N LYS A 62 0.45 -9.75 -6.32
CA LYS A 62 -0.46 -10.48 -7.23
C LYS A 62 -0.55 -11.95 -6.87
N LYS A 63 0.58 -12.60 -6.53
CA LYS A 63 0.65 -14.00 -6.09
C LYS A 63 -0.15 -14.25 -4.79
N ILE A 64 -0.13 -13.32 -3.84
CA ILE A 64 -0.91 -13.38 -2.60
C ILE A 64 -2.41 -13.12 -2.89
N GLN A 65 -2.71 -12.06 -3.64
CA GLN A 65 -4.08 -11.66 -3.99
C GLN A 65 -4.79 -12.72 -4.84
N ASP A 66 -4.06 -13.46 -5.68
CA ASP A 66 -4.60 -14.53 -6.51
C ASP A 66 -5.25 -15.66 -5.69
N GLU A 67 -4.82 -15.86 -4.42
CA GLU A 67 -5.38 -16.85 -3.51
C GLU A 67 -6.67 -16.39 -2.79
N GLY A 68 -6.95 -15.08 -2.78
CA GLY A 68 -8.13 -14.47 -2.14
C GLY A 68 -8.24 -14.68 -0.63
N LYS A 69 -7.09 -14.81 0.04
CA LYS A 69 -6.89 -15.18 1.46
C LYS A 69 -6.86 -13.99 2.44
N VAL A 70 -7.39 -12.85 2.02
CA VAL A 70 -7.29 -11.55 2.71
C VAL A 70 -8.61 -10.77 2.67
N ASP A 71 -8.88 -9.94 3.68
CA ASP A 71 -10.17 -9.24 3.83
C ASP A 71 -10.21 -7.90 3.09
N ARG A 72 -9.08 -7.17 3.04
CA ARG A 72 -8.89 -5.94 2.25
C ARG A 72 -7.43 -5.68 1.87
N ILE A 73 -7.25 -5.02 0.74
CA ILE A 73 -5.95 -4.57 0.19
C ILE A 73 -5.96 -3.05 0.04
N ILE A 74 -4.87 -2.39 0.42
CA ILE A 74 -4.69 -0.93 0.36
C ILE A 74 -3.38 -0.62 -0.38
N LEU A 75 -3.44 0.30 -1.35
CA LEU A 75 -2.34 0.63 -2.27
C LEU A 75 -1.84 2.05 -1.96
N LEU A 76 -0.60 2.18 -1.50
CA LEU A 76 0.05 3.47 -1.20
C LEU A 76 1.13 3.80 -2.25
N ILE A 77 1.13 5.04 -2.71
CA ILE A 77 2.00 5.53 -3.78
C ILE A 77 2.79 6.77 -3.29
N LYS A 78 4.08 6.85 -3.60
CA LYS A 78 4.88 8.06 -3.32
C LYS A 78 4.56 9.16 -4.32
N GLY A 79 4.40 10.39 -3.83
CA GLY A 79 4.25 11.58 -4.68
C GLY A 79 5.52 11.84 -5.51
N SER A 80 5.34 12.17 -6.79
CA SER A 80 6.44 12.37 -7.76
C SER A 80 7.24 13.67 -7.54
N LEU A 81 6.70 14.61 -6.76
CA LEU A 81 7.33 15.88 -6.37
C LEU A 81 8.28 15.72 -5.14
N GLU A 82 8.36 14.54 -4.54
CA GLU A 82 9.13 14.28 -3.31
C GLU A 82 10.64 14.54 -3.50
N HIS A 83 11.19 15.40 -2.65
CA HIS A 83 12.62 15.69 -2.51
C HIS A 83 13.00 15.76 -1.02
N HIS A 84 14.25 15.42 -0.68
CA HIS A 84 14.76 15.39 0.70
C HIS A 84 16.14 16.08 0.80
N HIS A 85 16.38 16.79 1.90
CA HIS A 85 17.70 17.37 2.21
C HIS A 85 18.68 16.26 2.64
N HIS A 86 19.90 16.29 2.09
CA HIS A 86 20.93 15.27 2.36
C HIS A 86 22.35 15.80 2.14
N HIS A 87 23.33 15.26 2.86
CA HIS A 87 24.77 15.54 2.70
C HIS A 87 25.57 14.22 2.65
N HIS A 88 26.59 14.15 1.80
CA HIS A 88 27.47 13.00 1.59
C HIS A 88 28.90 13.42 1.25
N GLY A 1 -8.53 -11.77 10.50
CA GLY A 1 -8.64 -10.98 9.25
C GLY A 1 -7.30 -10.35 8.88
N THR A 2 -7.00 -10.18 7.59
CA THR A 2 -5.72 -9.62 7.12
C THR A 2 -5.92 -8.36 6.29
N ILE A 3 -5.09 -7.35 6.55
CA ILE A 3 -5.09 -6.06 5.86
C ILE A 3 -3.76 -5.90 5.13
N LEU A 4 -3.81 -5.88 3.80
CA LEU A 4 -2.66 -5.81 2.90
C LEU A 4 -2.33 -4.35 2.57
N ILE A 5 -1.05 -4.01 2.68
CA ILE A 5 -0.47 -2.76 2.22
C ILE A 5 0.46 -3.02 1.03
N PHE A 6 0.29 -2.26 -0.05
CA PHE A 6 1.26 -2.19 -1.13
C PHE A 6 1.87 -0.78 -1.15
N LEU A 7 3.20 -0.70 -1.22
CA LEU A 7 3.97 0.56 -1.30
C LEU A 7 4.70 0.64 -2.65
N ASP A 8 4.60 1.78 -3.33
CA ASP A 8 5.41 2.06 -4.52
C ASP A 8 5.91 3.50 -4.58
N LYS A 9 7.21 3.68 -4.84
CA LYS A 9 7.82 5.00 -5.06
C LYS A 9 7.46 5.61 -6.43
N ASN A 10 6.87 4.83 -7.34
CA ASN A 10 6.46 5.23 -8.70
C ASN A 10 4.97 4.91 -8.96
N LYS A 11 4.26 5.85 -9.60
CA LYS A 11 2.81 5.75 -9.84
C LYS A 11 2.43 4.82 -10.98
N GLU A 12 3.25 4.70 -12.02
CA GLU A 12 2.97 3.86 -13.20
C GLU A 12 3.01 2.36 -12.84
N GLN A 13 3.97 1.95 -11.99
CA GLN A 13 4.05 0.57 -11.48
C GLN A 13 2.82 0.19 -10.65
N ALA A 14 2.37 1.10 -9.77
CA ALA A 14 1.20 0.91 -8.93
C ALA A 14 -0.12 0.90 -9.72
N GLU A 15 -0.28 1.81 -10.70
CA GLU A 15 -1.43 1.85 -11.60
C GLU A 15 -1.54 0.57 -12.45
N LYS A 16 -0.42 0.08 -13.00
CA LYS A 16 -0.35 -1.18 -13.75
C LYS A 16 -0.77 -2.37 -12.88
N LEU A 17 -0.28 -2.45 -11.65
CA LEU A 17 -0.62 -3.52 -10.71
C LEU A 17 -2.10 -3.47 -10.31
N ALA A 18 -2.60 -2.31 -9.89
CA ALA A 18 -4.02 -2.15 -9.51
C ALA A 18 -4.97 -2.49 -10.68
N LYS A 19 -4.56 -2.21 -11.92
CA LYS A 19 -5.31 -2.56 -13.14
C LYS A 19 -5.26 -4.07 -13.47
N GLU A 20 -4.19 -4.77 -13.13
CA GLU A 20 -4.08 -6.22 -13.32
C GLU A 20 -4.70 -7.04 -12.17
N VAL A 21 -4.65 -6.53 -10.93
CA VAL A 21 -5.04 -7.26 -9.71
C VAL A 21 -6.44 -6.89 -9.19
N GLY A 22 -7.04 -5.81 -9.70
CA GLY A 22 -8.41 -5.37 -9.39
C GLY A 22 -8.56 -4.48 -8.14
N VAL A 23 -7.45 -4.01 -7.54
CA VAL A 23 -7.46 -3.08 -6.40
C VAL A 23 -7.94 -1.69 -6.82
N THR A 24 -8.73 -1.04 -5.95
CA THR A 24 -9.30 0.31 -6.16
C THR A 24 -9.12 1.29 -4.98
N GLU A 25 -8.67 0.83 -3.81
CA GLU A 25 -8.43 1.69 -2.64
C GLU A 25 -6.99 2.24 -2.67
N ILE A 26 -6.82 3.33 -3.42
CA ILE A 26 -5.52 3.93 -3.74
C ILE A 26 -5.33 5.26 -2.98
N TYR A 27 -4.17 5.40 -2.36
CA TYR A 27 -3.70 6.57 -1.61
C TYR A 27 -2.37 7.08 -2.20
N GLU A 28 -2.08 8.37 -2.02
CA GLU A 28 -0.82 8.99 -2.44
C GLU A 28 -0.31 10.00 -1.39
N SER A 29 1.01 10.03 -1.14
CA SER A 29 1.64 10.95 -0.18
C SER A 29 3.13 11.18 -0.48
N ASP A 30 3.62 12.39 -0.23
CA ASP A 30 5.05 12.73 -0.23
C ASP A 30 5.80 12.11 0.97
N ASN A 31 5.05 11.65 1.99
CA ASN A 31 5.51 10.88 3.14
C ASN A 31 4.92 9.45 3.12
N LEU A 32 5.15 8.72 2.02
CA LEU A 32 4.66 7.34 1.80
C LEU A 32 4.94 6.41 2.99
N GLU A 33 6.14 6.51 3.55
CA GLU A 33 6.64 5.69 4.65
C GLU A 33 5.96 5.99 6.00
N GLU A 34 5.66 7.25 6.28
CA GLU A 34 4.95 7.67 7.49
C GLU A 34 3.43 7.48 7.36
N LEU A 35 2.88 7.65 6.15
CA LEU A 35 1.45 7.45 5.87
C LEU A 35 1.06 5.98 6.05
N TYR A 36 1.93 5.06 5.64
CA TYR A 36 1.84 3.62 5.93
C TYR A 36 1.63 3.35 7.43
N ARG A 37 2.45 3.95 8.30
CA ARG A 37 2.35 3.81 9.77
C ARG A 37 1.07 4.42 10.31
N GLU A 38 0.72 5.61 9.85
CA GLU A 38 -0.49 6.34 10.26
C GLU A 38 -1.79 5.58 9.92
N ILE A 39 -1.82 4.85 8.80
CA ILE A 39 -2.93 3.95 8.44
C ILE A 39 -2.95 2.71 9.35
N LYS A 40 -1.83 1.98 9.49
CA LYS A 40 -1.80 0.71 10.23
C LYS A 40 -2.02 0.86 11.73
N GLU A 41 -1.59 1.98 12.32
CA GLU A 41 -1.95 2.36 13.68
C GLU A 41 -3.47 2.34 13.90
N ARG A 42 -4.24 2.91 12.96
CA ARG A 42 -5.71 2.95 13.03
C ARG A 42 -6.35 1.60 12.69
N ILE A 43 -5.76 0.79 11.81
CA ILE A 43 -6.22 -0.59 11.53
C ILE A 43 -6.24 -1.44 12.82
N GLU A 44 -5.23 -1.31 13.67
CA GLU A 44 -5.19 -1.98 14.98
C GLU A 44 -6.23 -1.46 15.98
N ARG A 45 -6.67 -0.19 15.85
CA ARG A 45 -7.79 0.39 16.61
C ARG A 45 -9.15 -0.11 16.12
N GLU A 46 -9.34 -0.17 14.80
CA GLU A 46 -10.64 -0.46 14.18
C GLU A 46 -10.92 -1.96 13.97
N ASN A 47 -9.86 -2.78 13.87
CA ASN A 47 -9.94 -4.23 13.71
C ASN A 47 -9.04 -4.92 14.77
N PRO A 48 -9.57 -5.36 15.92
CA PRO A 48 -8.79 -6.08 16.94
C PRO A 48 -8.34 -7.48 16.49
N ASN A 49 -8.95 -8.02 15.43
CA ASN A 49 -8.62 -9.30 14.79
C ASN A 49 -7.67 -9.14 13.57
N ALA A 50 -7.06 -7.96 13.36
CA ALA A 50 -6.19 -7.64 12.23
C ALA A 50 -4.89 -8.45 12.17
N THR A 51 -4.36 -8.59 10.94
CA THR A 51 -3.04 -9.13 10.61
C THR A 51 -2.37 -8.18 9.62
N ILE A 52 -1.12 -7.80 9.87
CA ILE A 52 -0.37 -6.82 9.07
C ILE A 52 0.51 -7.53 8.04
N LEU A 53 0.24 -7.26 6.76
CA LEU A 53 1.07 -7.66 5.62
C LEU A 53 1.43 -6.42 4.77
N THR A 54 2.67 -6.37 4.28
CA THR A 54 3.21 -5.26 3.48
C THR A 54 4.05 -5.79 2.31
N VAL A 55 3.88 -5.22 1.11
CA VAL A 55 4.54 -5.61 -0.15
C VAL A 55 5.03 -4.43 -0.97
N THR A 56 6.08 -4.67 -1.76
CA THR A 56 6.72 -3.71 -2.68
C THR A 56 6.91 -4.27 -4.10
N ASP A 57 6.46 -5.51 -4.38
CA ASP A 57 6.64 -6.20 -5.66
C ASP A 57 5.30 -6.77 -6.17
N PRO A 58 4.89 -6.47 -7.43
CA PRO A 58 3.64 -6.97 -8.00
C PRO A 58 3.57 -8.48 -8.06
N ASN A 59 4.66 -9.19 -8.24
CA ASN A 59 4.66 -10.66 -8.26
C ASN A 59 4.23 -11.23 -6.90
N GLU A 60 4.60 -10.58 -5.80
CA GLU A 60 4.24 -11.00 -4.44
C GLU A 60 2.79 -10.63 -4.11
N LEU A 61 2.36 -9.39 -4.39
CA LEU A 61 0.94 -9.00 -4.18
C LEU A 61 0.00 -9.82 -5.07
N LYS A 62 0.38 -10.07 -6.33
CA LYS A 62 -0.36 -10.92 -7.28
C LYS A 62 -0.50 -12.34 -6.78
N LYS A 63 0.58 -12.99 -6.33
CA LYS A 63 0.52 -14.31 -5.68
C LYS A 63 -0.38 -14.35 -4.43
N ILE A 64 -0.37 -13.30 -3.60
CA ILE A 64 -1.25 -13.20 -2.41
C ILE A 64 -2.73 -13.03 -2.83
N GLN A 65 -3.00 -12.17 -3.80
CA GLN A 65 -4.35 -11.93 -4.33
C GLN A 65 -4.88 -13.09 -5.18
N ASP A 66 -4.00 -13.83 -5.86
CA ASP A 66 -4.35 -15.04 -6.60
C ASP A 66 -4.85 -16.15 -5.64
N GLU A 67 -4.33 -16.17 -4.41
CA GLU A 67 -4.72 -17.10 -3.33
C GLU A 67 -6.00 -16.70 -2.59
N GLY A 68 -6.45 -15.45 -2.74
CA GLY A 68 -7.77 -14.94 -2.34
C GLY A 68 -8.10 -14.95 -0.84
N LYS A 69 -7.08 -14.90 0.02
CA LYS A 69 -7.17 -15.12 1.49
C LYS A 69 -6.80 -13.87 2.30
N VAL A 70 -7.46 -12.76 1.98
CA VAL A 70 -7.26 -11.41 2.56
C VAL A 70 -8.62 -10.72 2.81
N ASP A 71 -8.72 -9.87 3.84
CA ASP A 71 -9.96 -9.14 4.19
C ASP A 71 -10.02 -7.73 3.61
N ARG A 72 -8.89 -6.99 3.59
CA ARG A 72 -8.74 -5.67 2.94
C ARG A 72 -7.42 -5.53 2.18
N ILE A 73 -7.41 -4.78 1.09
CA ILE A 73 -6.21 -4.48 0.29
C ILE A 73 -6.15 -2.98 -0.02
N ILE A 74 -5.01 -2.36 0.27
CA ILE A 74 -4.77 -0.91 0.16
C ILE A 74 -3.48 -0.66 -0.63
N LEU A 75 -3.53 0.28 -1.59
CA LEU A 75 -2.40 0.70 -2.42
C LEU A 75 -1.94 2.10 -1.97
N LEU A 76 -0.66 2.30 -1.67
CA LEU A 76 -0.06 3.59 -1.34
C LEU A 76 1.06 3.92 -2.34
N ILE A 77 1.11 5.17 -2.79
CA ILE A 77 2.00 5.66 -3.85
C ILE A 77 2.75 6.91 -3.38
N LYS A 78 4.02 7.10 -3.78
CA LYS A 78 4.78 8.32 -3.46
C LYS A 78 4.34 9.49 -4.34
N GLY A 79 4.18 10.66 -3.72
CA GLY A 79 3.81 11.91 -4.41
C GLY A 79 4.94 12.42 -5.32
N SER A 80 4.60 12.71 -6.58
CA SER A 80 5.57 13.00 -7.66
C SER A 80 6.41 14.27 -7.45
N LEU A 81 5.90 15.23 -6.66
CA LEU A 81 6.57 16.51 -6.40
C LEU A 81 7.80 16.39 -5.46
N GLU A 82 7.91 15.31 -4.67
CA GLU A 82 9.01 15.14 -3.71
C GLU A 82 10.29 14.64 -4.40
N HIS A 83 11.36 15.45 -4.33
CA HIS A 83 12.72 15.08 -4.73
C HIS A 83 13.74 15.95 -3.97
N HIS A 84 14.87 15.37 -3.56
CA HIS A 84 15.97 16.10 -2.93
C HIS A 84 16.77 16.93 -3.96
N HIS A 85 17.24 18.12 -3.56
CA HIS A 85 18.13 18.98 -4.36
C HIS A 85 18.98 19.87 -3.45
N HIS A 86 20.21 20.17 -3.86
CA HIS A 86 21.15 21.04 -3.15
C HIS A 86 22.13 21.75 -4.11
N HIS A 87 22.88 22.72 -3.58
CA HIS A 87 23.90 23.50 -4.29
C HIS A 87 25.30 23.36 -3.63
N HIS A 88 26.33 23.90 -4.28
CA HIS A 88 27.72 23.92 -3.82
C HIS A 88 28.43 25.24 -4.21
N GLY A 1 -8.18 -11.70 10.40
CA GLY A 1 -8.61 -10.92 9.22
C GLY A 1 -7.46 -10.06 8.72
N THR A 2 -6.99 -10.27 7.48
CA THR A 2 -5.74 -9.65 7.00
C THR A 2 -5.96 -8.37 6.21
N ILE A 3 -5.16 -7.35 6.51
CA ILE A 3 -5.15 -6.06 5.83
C ILE A 3 -3.82 -5.90 5.10
N LEU A 4 -3.89 -5.85 3.77
CA LEU A 4 -2.74 -5.90 2.87
C LEU A 4 -2.37 -4.49 2.39
N ILE A 5 -1.13 -4.10 2.65
CA ILE A 5 -0.52 -2.84 2.20
C ILE A 5 0.43 -3.11 1.03
N PHE A 6 0.32 -2.30 -0.02
CA PHE A 6 1.29 -2.26 -1.11
C PHE A 6 1.97 -0.88 -1.14
N LEU A 7 3.30 -0.85 -1.11
CA LEU A 7 4.11 0.36 -1.11
C LEU A 7 4.85 0.53 -2.44
N ASP A 8 4.74 1.70 -3.08
CA ASP A 8 5.44 2.00 -4.34
C ASP A 8 6.00 3.44 -4.39
N LYS A 9 7.23 3.58 -4.88
CA LYS A 9 7.89 4.86 -5.21
C LYS A 9 7.42 5.47 -6.55
N ASN A 10 6.72 4.68 -7.37
CA ASN A 10 6.25 5.03 -8.71
C ASN A 10 4.72 4.83 -8.84
N LYS A 11 4.04 5.75 -9.55
CA LYS A 11 2.57 5.73 -9.72
C LYS A 11 2.10 4.74 -10.80
N GLU A 12 2.81 4.67 -11.92
CA GLU A 12 2.42 3.86 -13.08
C GLU A 12 2.44 2.36 -12.78
N GLN A 13 3.44 1.89 -12.03
CA GLN A 13 3.55 0.48 -11.60
C GLN A 13 2.43 0.08 -10.62
N ALA A 14 2.05 0.97 -9.70
CA ALA A 14 0.93 0.78 -8.78
C ALA A 14 -0.42 0.78 -9.52
N GLU A 15 -0.64 1.72 -10.44
CA GLU A 15 -1.81 1.77 -11.33
C GLU A 15 -1.93 0.50 -12.19
N LYS A 16 -0.82 0.00 -12.73
CA LYS A 16 -0.77 -1.21 -13.56
C LYS A 16 -1.14 -2.47 -12.75
N LEU A 17 -0.60 -2.62 -11.53
CA LEU A 17 -0.96 -3.70 -10.61
C LEU A 17 -2.44 -3.63 -10.22
N ALA A 18 -2.97 -2.44 -9.89
CA ALA A 18 -4.39 -2.27 -9.60
C ALA A 18 -5.29 -2.68 -10.80
N LYS A 19 -4.82 -2.46 -12.03
CA LYS A 19 -5.50 -2.89 -13.27
C LYS A 19 -5.41 -4.40 -13.53
N GLU A 20 -4.32 -5.06 -13.13
CA GLU A 20 -4.18 -6.52 -13.19
C GLU A 20 -5.02 -7.25 -12.11
N VAL A 21 -5.06 -6.67 -10.91
CA VAL A 21 -5.57 -7.32 -9.69
C VAL A 21 -7.00 -6.91 -9.27
N GLY A 22 -7.57 -5.89 -9.93
CA GLY A 22 -8.95 -5.43 -9.73
C GLY A 22 -9.18 -4.55 -8.49
N VAL A 23 -8.12 -4.12 -7.80
CA VAL A 23 -8.18 -3.24 -6.61
C VAL A 23 -8.41 -1.78 -7.00
N THR A 24 -9.13 -1.03 -6.16
CA THR A 24 -9.50 0.39 -6.37
C THR A 24 -9.13 1.32 -5.20
N GLU A 25 -8.78 0.78 -4.03
CA GLU A 25 -8.28 1.57 -2.88
C GLU A 25 -6.81 1.97 -3.07
N ILE A 26 -6.60 3.22 -3.49
CA ILE A 26 -5.30 3.82 -3.78
C ILE A 26 -5.17 5.17 -3.05
N TYR A 27 -4.04 5.38 -2.38
CA TYR A 27 -3.68 6.58 -1.62
C TYR A 27 -2.28 7.08 -2.02
N GLU A 28 -2.02 8.38 -1.85
CA GLU A 28 -0.77 9.02 -2.27
C GLU A 28 -0.33 10.10 -1.28
N SER A 29 0.98 10.21 -1.01
CA SER A 29 1.58 11.24 -0.15
C SER A 29 3.07 11.47 -0.47
N ASP A 30 3.58 12.66 -0.20
CA ASP A 30 5.00 13.00 -0.36
C ASP A 30 5.91 12.19 0.59
N ASN A 31 5.44 11.96 1.83
CA ASN A 31 6.04 11.05 2.81
C ASN A 31 5.25 9.73 2.84
N LEU A 32 5.79 8.72 2.15
CA LEU A 32 5.15 7.41 1.98
C LEU A 32 5.12 6.60 3.29
N GLU A 33 6.20 6.62 4.06
CA GLU A 33 6.29 5.84 5.30
C GLU A 33 5.40 6.38 6.42
N GLU A 34 5.23 7.70 6.55
CA GLU A 34 4.28 8.27 7.52
C GLU A 34 2.84 7.91 7.16
N LEU A 35 2.49 7.83 5.87
CA LEU A 35 1.18 7.39 5.40
C LEU A 35 0.92 5.93 5.77
N TYR A 36 1.90 5.05 5.58
CA TYR A 36 1.84 3.64 6.00
C TYR A 36 1.56 3.50 7.51
N ARG A 37 2.27 4.25 8.35
CA ARG A 37 2.06 4.26 9.81
C ARG A 37 0.67 4.78 10.17
N GLU A 38 0.26 5.92 9.60
CA GLU A 38 -1.02 6.57 9.87
C GLU A 38 -2.23 5.68 9.53
N ILE A 39 -2.13 4.85 8.48
CA ILE A 39 -3.17 3.87 8.13
C ILE A 39 -3.19 2.71 9.15
N LYS A 40 -2.06 2.01 9.37
CA LYS A 40 -2.03 0.79 10.18
C LYS A 40 -2.25 1.02 11.68
N GLU A 41 -1.83 2.18 12.19
CA GLU A 41 -2.19 2.60 13.55
C GLU A 41 -3.70 2.63 13.79
N ARG A 42 -4.49 3.04 12.79
CA ARG A 42 -5.96 3.05 12.86
C ARG A 42 -6.53 1.63 12.73
N ILE A 43 -5.97 0.80 11.85
CA ILE A 43 -6.38 -0.60 11.63
C ILE A 43 -6.26 -1.44 12.91
N GLU A 44 -5.16 -1.32 13.65
CA GLU A 44 -4.91 -2.12 14.86
C GLU A 44 -5.91 -1.82 16.01
N ARG A 45 -6.37 -0.57 16.13
CA ARG A 45 -7.40 -0.16 17.10
C ARG A 45 -8.83 -0.42 16.63
N GLU A 46 -9.12 -0.18 15.35
CA GLU A 46 -10.45 -0.44 14.76
C GLU A 46 -10.76 -1.94 14.56
N ASN A 47 -9.74 -2.77 14.33
CA ASN A 47 -9.86 -4.21 14.11
C ASN A 47 -8.88 -4.96 15.04
N PRO A 48 -9.29 -5.41 16.24
CA PRO A 48 -8.42 -6.17 17.14
C PRO A 48 -8.07 -7.58 16.61
N ASN A 49 -8.84 -8.07 15.63
CA ASN A 49 -8.61 -9.32 14.90
C ASN A 49 -7.75 -9.13 13.62
N ALA A 50 -7.14 -7.95 13.43
CA ALA A 50 -6.31 -7.64 12.26
C ALA A 50 -5.03 -8.49 12.15
N THR A 51 -4.57 -8.67 10.91
CA THR A 51 -3.26 -9.24 10.56
C THR A 51 -2.58 -8.29 9.57
N ILE A 52 -1.32 -7.95 9.81
CA ILE A 52 -0.57 -6.96 9.01
C ILE A 52 0.28 -7.68 7.95
N LEU A 53 0.02 -7.37 6.68
CA LEU A 53 0.82 -7.79 5.53
C LEU A 53 1.25 -6.55 4.71
N THR A 54 2.50 -6.52 4.25
CA THR A 54 3.10 -5.40 3.50
C THR A 54 4.01 -5.90 2.37
N VAL A 55 3.88 -5.34 1.16
CA VAL A 55 4.65 -5.72 -0.05
C VAL A 55 5.14 -4.51 -0.85
N THR A 56 6.19 -4.73 -1.65
CA THR A 56 6.84 -3.74 -2.54
C THR A 56 6.99 -4.20 -4.00
N ASP A 57 6.52 -5.40 -4.35
CA ASP A 57 6.70 -6.02 -5.68
C ASP A 57 5.35 -6.57 -6.22
N PRO A 58 4.86 -6.15 -7.40
CA PRO A 58 3.63 -6.70 -7.99
C PRO A 58 3.70 -8.21 -8.17
N ASN A 59 4.85 -8.78 -8.51
CA ASN A 59 5.01 -10.23 -8.69
C ASN A 59 4.86 -11.00 -7.36
N GLU A 60 4.93 -10.33 -6.21
CA GLU A 60 4.61 -10.91 -4.90
C GLU A 60 3.14 -10.65 -4.54
N LEU A 61 2.61 -9.43 -4.67
CA LEU A 61 1.20 -9.15 -4.40
C LEU A 61 0.27 -9.97 -5.30
N LYS A 62 0.69 -10.20 -6.55
CA LYS A 62 0.08 -11.13 -7.51
C LYS A 62 -0.14 -12.52 -6.90
N LYS A 63 0.84 -13.08 -6.19
CA LYS A 63 0.68 -14.38 -5.47
C LYS A 63 -0.32 -14.29 -4.32
N ILE A 64 -0.29 -13.20 -3.55
CA ILE A 64 -1.15 -13.01 -2.36
C ILE A 64 -2.62 -12.91 -2.79
N GLN A 65 -2.90 -12.08 -3.80
CA GLN A 65 -4.23 -11.91 -4.39
C GLN A 65 -4.65 -13.08 -5.30
N ASP A 66 -3.71 -13.80 -5.91
CA ASP A 66 -4.03 -15.07 -6.59
C ASP A 66 -4.54 -16.12 -5.59
N GLU A 67 -4.05 -16.10 -4.35
CA GLU A 67 -4.50 -16.99 -3.26
C GLU A 67 -5.79 -16.49 -2.58
N GLY A 68 -6.09 -15.18 -2.63
CA GLY A 68 -7.37 -14.57 -2.24
C GLY A 68 -7.69 -14.56 -0.74
N LYS A 69 -6.66 -14.72 0.10
CA LYS A 69 -6.74 -14.95 1.57
C LYS A 69 -6.56 -13.66 2.39
N VAL A 70 -7.26 -12.60 1.98
CA VAL A 70 -7.14 -11.23 2.51
C VAL A 70 -8.54 -10.59 2.66
N ASP A 71 -8.73 -9.77 3.70
CA ASP A 71 -10.00 -9.06 3.96
C ASP A 71 -10.12 -7.74 3.17
N ARG A 72 -9.05 -6.92 3.14
CA ARG A 72 -8.97 -5.67 2.36
C ARG A 72 -7.54 -5.34 1.90
N ILE A 73 -7.43 -4.65 0.77
CA ILE A 73 -6.17 -4.33 0.07
C ILE A 73 -6.09 -2.82 -0.15
N ILE A 74 -4.96 -2.21 0.19
CA ILE A 74 -4.72 -0.76 0.08
C ILE A 74 -3.36 -0.51 -0.60
N LEU A 75 -3.34 0.31 -1.65
CA LEU A 75 -2.11 0.72 -2.35
C LEU A 75 -1.72 2.13 -1.90
N LEU A 76 -0.44 2.33 -1.57
CA LEU A 76 0.17 3.59 -1.18
C LEU A 76 1.27 3.96 -2.18
N ILE A 77 1.25 5.20 -2.67
CA ILE A 77 2.13 5.72 -3.73
C ILE A 77 2.89 6.95 -3.22
N LYS A 78 4.19 7.04 -3.50
CA LYS A 78 5.00 8.23 -3.15
C LYS A 78 4.78 9.37 -4.15
N GLY A 79 4.64 10.59 -3.64
CA GLY A 79 4.67 11.81 -4.45
C GLY A 79 6.07 12.09 -4.99
N SER A 80 6.22 12.09 -6.31
CA SER A 80 7.51 12.16 -7.02
C SER A 80 8.22 13.52 -6.95
N LEU A 81 7.49 14.58 -6.57
CA LEU A 81 8.00 15.95 -6.45
C LEU A 81 8.88 16.16 -5.20
N GLU A 82 8.83 15.25 -4.22
CA GLU A 82 9.61 15.34 -2.97
C GLU A 82 10.92 14.56 -3.08
N HIS A 83 12.05 15.27 -2.88
CA HIS A 83 13.39 14.73 -2.72
C HIS A 83 14.21 15.65 -1.80
N HIS A 84 15.23 15.13 -1.11
CA HIS A 84 16.14 15.93 -0.27
C HIS A 84 16.97 16.92 -1.11
N HIS A 85 17.32 18.07 -0.53
CA HIS A 85 18.07 19.14 -1.22
C HIS A 85 19.60 18.94 -1.13
N HIS A 86 20.28 19.14 -2.26
CA HIS A 86 21.73 19.21 -2.36
C HIS A 86 22.13 20.06 -3.59
N HIS A 87 22.89 21.14 -3.38
CA HIS A 87 23.28 22.10 -4.41
C HIS A 87 24.58 22.84 -4.04
N HIS A 88 25.43 23.11 -5.05
CA HIS A 88 26.79 23.69 -4.94
C HIS A 88 27.62 23.11 -3.76
N GLY A 1 -9.21 -12.09 8.83
CA GLY A 1 -8.99 -10.71 9.32
C GLY A 1 -7.63 -10.17 8.94
N THR A 2 -7.36 -9.97 7.64
CA THR A 2 -6.05 -9.56 7.11
C THR A 2 -6.16 -8.34 6.21
N ILE A 3 -5.25 -7.38 6.43
CA ILE A 3 -5.19 -6.11 5.69
C ILE A 3 -3.83 -6.02 4.99
N LEU A 4 -3.86 -6.07 3.65
CA LEU A 4 -2.70 -6.17 2.76
C LEU A 4 -2.33 -4.80 2.20
N ILE A 5 -1.05 -4.46 2.24
CA ILE A 5 -0.49 -3.17 1.81
C ILE A 5 0.50 -3.38 0.67
N PHE A 6 0.43 -2.54 -0.35
CA PHE A 6 1.46 -2.43 -1.39
C PHE A 6 2.09 -1.04 -1.33
N LEU A 7 3.42 -0.95 -1.32
CA LEU A 7 4.18 0.31 -1.31
C LEU A 7 4.95 0.50 -2.63
N ASP A 8 4.90 1.70 -3.21
CA ASP A 8 5.69 2.07 -4.39
C ASP A 8 6.17 3.53 -4.35
N LYS A 9 7.39 3.77 -4.82
CA LYS A 9 8.00 5.10 -5.00
C LYS A 9 7.56 5.83 -6.28
N ASN A 10 6.89 5.13 -7.21
CA ASN A 10 6.32 5.71 -8.44
C ASN A 10 4.87 5.22 -8.69
N LYS A 11 4.06 6.06 -9.35
CA LYS A 11 2.63 5.77 -9.59
C LYS A 11 2.38 4.81 -10.76
N GLU A 12 3.18 4.89 -11.82
CA GLU A 12 2.94 4.19 -13.10
C GLU A 12 2.86 2.67 -12.96
N GLN A 13 3.73 2.06 -12.13
CA GLN A 13 3.74 0.62 -11.85
C GLN A 13 2.64 0.21 -10.87
N ALA A 14 2.44 0.98 -9.80
CA ALA A 14 1.41 0.70 -8.78
C ALA A 14 -0.01 0.83 -9.34
N GLU A 15 -0.27 1.81 -10.19
CA GLU A 15 -1.57 1.99 -10.86
C GLU A 15 -1.80 0.93 -11.94
N LYS A 16 -0.73 0.41 -12.56
CA LYS A 16 -0.77 -0.76 -13.43
C LYS A 16 -1.25 -2.00 -12.66
N LEU A 17 -0.65 -2.24 -11.49
CA LEU A 17 -0.96 -3.37 -10.63
C LEU A 17 -2.38 -3.28 -10.08
N ALA A 18 -2.80 -2.11 -9.57
CA ALA A 18 -4.17 -1.92 -9.10
C ALA A 18 -5.21 -2.23 -10.20
N LYS A 19 -4.91 -1.84 -11.45
CA LYS A 19 -5.77 -2.11 -12.62
C LYS A 19 -5.78 -3.59 -13.02
N GLU A 20 -4.65 -4.29 -12.93
CA GLU A 20 -4.54 -5.71 -13.27
C GLU A 20 -5.08 -6.65 -12.17
N VAL A 21 -4.98 -6.24 -10.90
CA VAL A 21 -5.39 -7.00 -9.71
C VAL A 21 -6.82 -6.68 -9.25
N GLY A 22 -7.46 -5.69 -9.87
CA GLY A 22 -8.85 -5.27 -9.62
C GLY A 22 -9.07 -4.41 -8.36
N VAL A 23 -8.00 -3.88 -7.76
CA VAL A 23 -8.07 -3.05 -6.53
C VAL A 23 -8.32 -1.57 -6.85
N THR A 24 -9.15 -0.93 -6.01
CA THR A 24 -9.58 0.48 -6.11
C THR A 24 -9.20 1.33 -4.87
N GLU A 25 -8.80 0.69 -3.77
CA GLU A 25 -8.24 1.34 -2.58
C GLU A 25 -6.80 1.80 -2.83
N ILE A 26 -6.66 3.07 -3.19
CA ILE A 26 -5.40 3.71 -3.60
C ILE A 26 -5.20 5.01 -2.80
N TYR A 27 -4.02 5.21 -2.25
CA TYR A 27 -3.64 6.39 -1.45
C TYR A 27 -2.31 6.98 -1.94
N GLU A 28 -2.16 8.30 -1.86
CA GLU A 28 -0.95 9.03 -2.28
C GLU A 28 -0.48 10.01 -1.20
N SER A 29 0.83 10.06 -0.94
CA SER A 29 1.47 11.05 -0.07
C SER A 29 2.96 11.20 -0.39
N ASP A 30 3.51 12.40 -0.23
CA ASP A 30 4.96 12.63 -0.29
C ASP A 30 5.69 11.94 0.88
N ASN A 31 5.01 11.79 2.03
CA ASN A 31 5.50 11.11 3.23
C ASN A 31 5.00 9.64 3.27
N LEU A 32 5.32 8.86 2.24
CA LEU A 32 4.77 7.50 2.02
C LEU A 32 4.86 6.59 3.26
N GLU A 33 6.02 6.55 3.92
CA GLU A 33 6.23 5.73 5.11
C GLU A 33 5.45 6.22 6.34
N GLU A 34 5.32 7.53 6.53
CA GLU A 34 4.57 8.10 7.65
C GLU A 34 3.05 7.91 7.44
N LEU A 35 2.61 7.97 6.19
CA LEU A 35 1.23 7.67 5.79
C LEU A 35 0.90 6.18 6.02
N TYR A 36 1.81 5.27 5.65
CA TYR A 36 1.69 3.84 5.98
C TYR A 36 1.50 3.61 7.50
N ARG A 37 2.33 4.23 8.34
CA ARG A 37 2.22 4.15 9.81
C ARG A 37 0.86 4.66 10.29
N GLU A 38 0.47 5.84 9.84
CA GLU A 38 -0.79 6.50 10.22
C GLU A 38 -2.03 5.68 9.84
N ILE A 39 -2.01 4.99 8.69
CA ILE A 39 -3.08 4.07 8.27
C ILE A 39 -3.09 2.80 9.14
N LYS A 40 -1.96 2.10 9.29
CA LYS A 40 -1.90 0.83 10.03
C LYS A 40 -2.13 0.98 11.53
N GLU A 41 -1.73 2.11 12.12
CA GLU A 41 -2.12 2.47 13.49
C GLU A 41 -3.64 2.53 13.66
N ARG A 42 -4.36 3.08 12.67
CA ARG A 42 -5.84 3.13 12.69
C ARG A 42 -6.45 1.75 12.49
N ILE A 43 -5.89 0.92 11.59
CA ILE A 43 -6.32 -0.48 11.39
C ILE A 43 -6.22 -1.29 12.68
N GLU A 44 -5.16 -1.09 13.46
CA GLU A 44 -4.92 -1.82 14.72
C GLU A 44 -5.95 -1.50 15.82
N ARG A 45 -6.46 -0.26 15.90
CA ARG A 45 -7.57 0.10 16.81
C ARG A 45 -8.95 -0.24 16.25
N GLU A 46 -9.19 0.02 14.97
CA GLU A 46 -10.50 -0.18 14.33
C GLU A 46 -10.83 -1.66 14.06
N ASN A 47 -9.81 -2.52 13.90
CA ASN A 47 -9.93 -3.97 13.79
C ASN A 47 -8.95 -4.64 14.79
N PRO A 48 -9.40 -4.99 16.02
CA PRO A 48 -8.51 -5.54 17.05
C PRO A 48 -7.98 -6.95 16.74
N ASN A 49 -8.56 -7.64 15.76
CA ASN A 49 -8.14 -8.96 15.26
C ASN A 49 -7.39 -8.90 13.90
N ALA A 50 -6.91 -7.71 13.50
CA ALA A 50 -6.22 -7.48 12.22
C ALA A 50 -4.89 -8.25 12.09
N THR A 51 -4.48 -8.48 10.84
CA THR A 51 -3.18 -9.05 10.46
C THR A 51 -2.53 -8.12 9.44
N ILE A 52 -1.25 -7.77 9.65
CA ILE A 52 -0.50 -6.82 8.81
C ILE A 52 0.39 -7.58 7.83
N LEU A 53 0.15 -7.37 6.54
CA LEU A 53 0.97 -7.86 5.43
C LEU A 53 1.36 -6.69 4.50
N THR A 54 2.63 -6.60 4.09
CA THR A 54 3.14 -5.52 3.22
C THR A 54 4.03 -6.07 2.10
N VAL A 55 3.89 -5.53 0.88
CA VAL A 55 4.64 -5.93 -0.33
C VAL A 55 5.18 -4.73 -1.12
N THR A 56 6.21 -4.97 -1.93
CA THR A 56 6.85 -3.99 -2.84
C THR A 56 7.04 -4.51 -4.28
N ASP A 57 6.55 -5.73 -4.58
CA ASP A 57 6.71 -6.41 -5.87
C ASP A 57 5.38 -7.05 -6.35
N PRO A 58 4.94 -6.80 -7.61
CA PRO A 58 3.64 -7.26 -8.11
C PRO A 58 3.57 -8.77 -8.30
N ASN A 59 4.67 -9.47 -8.55
CA ASN A 59 4.66 -10.93 -8.61
C ASN A 59 4.36 -11.53 -7.22
N GLU A 60 4.83 -10.89 -6.15
CA GLU A 60 4.55 -11.29 -4.77
C GLU A 60 3.13 -10.88 -4.33
N LEU A 61 2.68 -9.66 -4.66
CA LEU A 61 1.29 -9.23 -4.39
C LEU A 61 0.29 -10.09 -5.17
N LYS A 62 0.56 -10.39 -6.44
CA LYS A 62 -0.25 -11.27 -7.30
C LYS A 62 -0.27 -12.70 -6.74
N LYS A 63 0.85 -13.25 -6.29
CA LYS A 63 0.94 -14.55 -5.58
C LYS A 63 0.06 -14.60 -4.33
N ILE A 64 0.02 -13.54 -3.52
CA ILE A 64 -0.84 -13.44 -2.32
C ILE A 64 -2.32 -13.34 -2.73
N GLN A 65 -2.64 -12.48 -3.71
CA GLN A 65 -4.00 -12.28 -4.22
C GLN A 65 -4.55 -13.47 -5.00
N ASP A 66 -3.69 -14.30 -5.61
CA ASP A 66 -4.08 -15.53 -6.29
C ASP A 66 -4.70 -16.55 -5.30
N GLU A 67 -4.26 -16.55 -4.04
CA GLU A 67 -4.81 -17.37 -2.95
C GLU A 67 -6.04 -16.74 -2.27
N GLY A 68 -6.16 -15.41 -2.30
CA GLY A 68 -7.34 -14.66 -1.84
C GLY A 68 -7.59 -14.68 -0.33
N LYS A 69 -6.55 -14.98 0.45
CA LYS A 69 -6.53 -15.11 1.93
C LYS A 69 -6.56 -13.76 2.69
N VAL A 70 -7.26 -12.76 2.13
CA VAL A 70 -7.22 -11.35 2.55
C VAL A 70 -8.61 -10.70 2.54
N ASP A 71 -8.87 -9.78 3.47
CA ASP A 71 -10.16 -9.09 3.61
C ASP A 71 -10.21 -7.72 2.89
N ARG A 72 -9.10 -6.95 2.90
CA ARG A 72 -8.92 -5.73 2.09
C ARG A 72 -7.46 -5.51 1.66
N ILE A 73 -7.29 -4.85 0.52
CA ILE A 73 -6.00 -4.57 -0.13
C ILE A 73 -5.89 -3.08 -0.41
N ILE A 74 -4.76 -2.45 -0.04
CA ILE A 74 -4.53 -1.00 -0.18
C ILE A 74 -3.20 -0.73 -0.89
N LEU A 75 -3.23 0.13 -1.92
CA LEU A 75 -2.07 0.51 -2.74
C LEU A 75 -1.64 1.93 -2.33
N LEU A 76 -0.47 2.04 -1.71
CA LEU A 76 0.13 3.30 -1.27
C LEU A 76 1.23 3.73 -2.26
N ILE A 77 1.17 4.99 -2.70
CA ILE A 77 2.02 5.54 -3.77
C ILE A 77 2.71 6.82 -3.27
N LYS A 78 4.02 6.96 -3.51
CA LYS A 78 4.75 8.18 -3.13
C LYS A 78 4.43 9.33 -4.10
N GLY A 79 4.24 10.53 -3.55
CA GLY A 79 4.11 11.77 -4.32
C GLY A 79 5.43 12.15 -5.02
N SER A 80 5.33 12.49 -6.30
CA SER A 80 6.48 12.72 -7.20
C SER A 80 7.17 14.08 -7.03
N LEU A 81 6.52 15.05 -6.38
CA LEU A 81 7.02 16.44 -6.25
C LEU A 81 8.13 16.58 -5.19
N GLU A 82 8.10 15.75 -4.14
CA GLU A 82 9.12 15.77 -3.08
C GLU A 82 10.37 14.97 -3.47
N HIS A 83 11.52 15.64 -3.51
CA HIS A 83 12.85 15.06 -3.73
C HIS A 83 13.93 15.88 -3.00
N HIS A 84 13.67 16.25 -1.73
CA HIS A 84 14.48 17.19 -0.95
C HIS A 84 15.87 16.62 -0.60
N HIS A 85 16.91 17.30 -1.07
CA HIS A 85 18.32 16.99 -0.80
C HIS A 85 19.13 18.30 -0.64
N HIS A 86 19.89 18.44 0.43
CA HIS A 86 20.81 19.57 0.62
C HIS A 86 22.04 19.43 -0.30
N HIS A 87 22.41 20.52 -0.98
CA HIS A 87 23.47 20.55 -2.00
C HIS A 87 24.17 21.92 -2.06
N HIS A 88 25.43 21.92 -2.51
CA HIS A 88 26.31 23.09 -2.64
C HIS A 88 27.27 22.96 -3.84
#